data_9LQE
#
_entry.id   9LQE
#
_cell.length_a   124.588
_cell.length_b   124.588
_cell.length_c   138.564
_cell.angle_alpha   90.00
_cell.angle_beta   90.00
_cell.angle_gamma   90.00
#
_symmetry.space_group_name_H-M   'P 41'
#
loop_
_entity.id
_entity.type
_entity.pdbx_description
1 polymer 'SAM lyase'
2 non-polymer S-ADENOSYL-L-HOMOCYSTEINE
3 water water
#
_entity_poly.entity_id   1
_entity_poly.type   'polypeptide(L)'
_entity_poly.pdbx_seq_one_letter_code
;SMGKTLRFEIVSGVNKGYFHTNSQSESLDLVGGIWQKIAKEEFEKSNIYVSAVIKPSKTVYNQEWGCPENGEETVVLTGV
ANEEFVDDIEKWKDTVIKLAKELKNQMKQSTLTCEFIETELHYFK
;
_entity_poly.pdbx_strand_id   A,B,C,D,E,F,G,H,I,J,K,L
#
# COMPACT_ATOMS: atom_id res chain seq x y z
N SER A 1 -36.99 -18.91 -10.64
CA SER A 1 -36.58 -19.69 -9.47
C SER A 1 -36.53 -18.81 -8.22
N MET A 2 -37.41 -19.10 -7.25
CA MET A 2 -37.44 -18.40 -5.95
C MET A 2 -37.17 -19.33 -4.77
N GLY A 3 -37.65 -20.56 -4.81
CA GLY A 3 -37.29 -21.53 -3.79
C GLY A 3 -35.79 -21.74 -3.71
N LYS A 4 -35.33 -22.15 -2.53
CA LYS A 4 -33.92 -22.33 -2.25
C LYS A 4 -33.55 -23.81 -2.26
N THR A 5 -32.26 -24.07 -2.43
CA THR A 5 -31.72 -25.43 -2.26
C THR A 5 -30.41 -25.25 -1.49
N LEU A 6 -29.55 -26.28 -1.53
CA LEU A 6 -28.27 -26.26 -0.84
C LEU A 6 -27.15 -26.58 -1.81
N ARG A 7 -25.96 -26.10 -1.49
CA ARG A 7 -24.73 -26.60 -2.08
C ARG A 7 -23.82 -27.09 -0.96
N PHE A 8 -22.92 -28.01 -1.28
CA PHE A 8 -21.94 -28.47 -0.30
C PHE A 8 -20.56 -28.04 -0.77
N GLU A 9 -19.63 -27.95 0.19
CA GLU A 9 -18.22 -27.72 -0.14
C GLU A 9 -17.33 -28.49 0.82
N ILE A 10 -16.43 -29.31 0.26
CA ILE A 10 -15.51 -30.15 1.02
C ILE A 10 -14.10 -29.73 0.67
N VAL A 11 -13.23 -29.64 1.69
CA VAL A 11 -11.80 -29.36 1.47
C VAL A 11 -11.00 -30.60 1.91
N SER A 12 -10.21 -31.15 0.98
CA SER A 12 -9.45 -32.37 1.27
C SER A 12 -7.99 -32.20 0.90
N GLY A 13 -7.10 -32.72 1.74
CA GLY A 13 -5.73 -32.89 1.34
C GLY A 13 -5.62 -34.00 0.29
N VAL A 14 -4.44 -34.13 -0.31
CA VAL A 14 -4.24 -35.03 -1.44
C VAL A 14 -3.18 -36.10 -1.18
N ASN A 15 -2.45 -36.03 -0.05
CA ASN A 15 -1.55 -37.09 0.40
C ASN A 15 -0.65 -37.61 -0.71
N LYS A 16 0.15 -36.71 -1.27
CA LYS A 16 0.91 -37.10 -2.47
C LYS A 16 1.95 -38.18 -2.16
N GLY A 17 2.44 -38.25 -0.92
CA GLY A 17 3.40 -39.26 -0.55
C GLY A 17 2.80 -40.66 -0.47
N TYR A 18 1.52 -40.75 -0.15
CA TYR A 18 0.87 -42.06 -0.13
C TYR A 18 0.45 -42.51 -1.52
N PHE A 19 -0.07 -41.58 -2.32
CA PHE A 19 -0.59 -41.93 -3.65
C PHE A 19 0.47 -41.83 -4.74
N HIS A 20 1.67 -41.35 -4.43
CA HIS A 20 2.78 -41.27 -5.39
C HIS A 20 2.42 -40.39 -6.60
N THR A 21 1.82 -39.23 -6.30
CA THR A 21 1.50 -38.24 -7.30
C THR A 21 2.50 -37.10 -7.22
N ASN A 22 2.66 -36.37 -8.32
CA ASN A 22 3.68 -35.34 -8.36
C ASN A 22 3.22 -34.10 -9.11
N SER A 23 1.92 -33.82 -9.11
CA SER A 23 1.43 -32.65 -9.82
C SER A 23 -0.01 -32.40 -9.44
N GLN A 24 -0.43 -31.14 -9.61
CA GLN A 24 -1.82 -30.75 -9.40
C GLN A 24 -2.76 -31.57 -10.29
N SER A 25 -2.37 -31.77 -11.54
CA SER A 25 -3.23 -32.51 -12.46
C SER A 25 -3.43 -33.95 -12.00
N GLU A 26 -2.37 -34.58 -11.47
CA GLU A 26 -2.48 -35.95 -10.98
C GLU A 26 -3.38 -36.03 -9.75
N SER A 27 -3.29 -35.03 -8.86
CA SER A 27 -4.14 -35.01 -7.67
C SER A 27 -5.60 -34.81 -8.04
N LEU A 28 -5.87 -33.92 -8.99
CA LEU A 28 -7.25 -33.71 -9.43
C LEU A 28 -7.82 -34.98 -10.04
N ASP A 29 -7.04 -35.65 -10.90
CA ASP A 29 -7.50 -36.90 -11.50
C ASP A 29 -7.77 -37.95 -10.43
N LEU A 30 -6.89 -38.03 -9.44
CA LEU A 30 -7.06 -39.03 -8.39
C LEU A 30 -8.33 -38.79 -7.60
N VAL A 31 -8.52 -37.56 -7.12
CA VAL A 31 -9.73 -37.24 -6.37
C VAL A 31 -10.97 -37.42 -7.23
N GLY A 32 -10.89 -37.03 -8.50
CA GLY A 32 -12.03 -37.24 -9.39
C GLY A 32 -12.41 -38.71 -9.51
N GLY A 33 -11.41 -39.57 -9.68
CA GLY A 33 -11.67 -41.00 -9.77
C GLY A 33 -12.24 -41.58 -8.48
N ILE A 34 -11.68 -41.21 -7.33
CA ILE A 34 -12.18 -41.72 -6.05
C ILE A 34 -13.61 -41.27 -5.84
N TRP A 35 -13.87 -39.97 -6.06
CA TRP A 35 -15.24 -39.46 -5.88
C TRP A 35 -16.22 -40.17 -6.81
N GLN A 36 -15.86 -40.31 -8.09
CA GLN A 36 -16.70 -41.04 -9.04
C GLN A 36 -17.01 -42.45 -8.53
N LYS A 37 -16.00 -43.11 -7.97
CA LYS A 37 -16.18 -44.46 -7.43
C LYS A 37 -17.17 -44.47 -6.28
N ILE A 38 -16.94 -43.62 -5.26
CA ILE A 38 -17.79 -43.69 -4.08
C ILE A 38 -19.15 -43.08 -4.34
N ALA A 39 -19.24 -42.08 -5.22
CA ALA A 39 -20.56 -41.49 -5.50
C ALA A 39 -21.45 -42.49 -6.22
N LYS A 40 -20.87 -43.28 -7.15
CA LYS A 40 -21.66 -44.31 -7.84
C LYS A 40 -22.08 -45.41 -6.87
N GLU A 41 -21.20 -45.78 -5.93
CA GLU A 41 -21.58 -46.82 -4.96
C GLU A 41 -22.79 -46.40 -4.15
N GLU A 42 -22.84 -45.13 -3.74
CA GLU A 42 -23.97 -44.64 -2.97
C GLU A 42 -25.21 -44.45 -3.84
N PHE A 43 -25.04 -44.00 -5.08
CA PHE A 43 -26.16 -43.89 -6.02
C PHE A 43 -26.87 -45.23 -6.21
N GLU A 44 -26.10 -46.31 -6.29
CA GLU A 44 -26.71 -47.63 -6.46
C GLU A 44 -27.57 -48.02 -5.28
N LYS A 45 -27.22 -47.55 -4.09
CA LYS A 45 -28.00 -47.84 -2.88
C LYS A 45 -29.20 -46.93 -2.67
N SER A 46 -29.12 -45.65 -3.04
CA SER A 46 -30.12 -44.67 -2.62
C SER A 46 -30.77 -43.91 -3.77
N ASN A 47 -30.25 -43.98 -4.98
CA ASN A 47 -30.68 -43.14 -6.10
C ASN A 47 -30.32 -41.67 -5.90
N ILE A 48 -29.39 -41.36 -5.02
CA ILE A 48 -28.85 -40.01 -4.90
C ILE A 48 -27.43 -40.06 -5.41
N TYR A 49 -27.16 -39.33 -6.49
CA TYR A 49 -25.81 -39.19 -7.04
C TYR A 49 -25.33 -37.79 -6.69
N VAL A 50 -24.37 -37.69 -5.78
CA VAL A 50 -23.81 -36.39 -5.42
C VAL A 50 -22.70 -36.11 -6.44
N SER A 51 -23.03 -35.34 -7.49
CA SER A 51 -22.00 -34.90 -8.42
C SER A 51 -21.23 -33.73 -7.80
N ALA A 52 -19.97 -33.56 -8.21
CA ALA A 52 -19.09 -32.57 -7.58
C ALA A 52 -18.24 -31.85 -8.60
N VAL A 53 -18.05 -30.55 -8.38
CA VAL A 53 -17.13 -29.73 -9.17
C VAL A 53 -15.85 -29.55 -8.34
N ILE A 54 -14.71 -30.03 -8.84
CA ILE A 54 -13.49 -30.09 -8.04
C ILE A 54 -12.45 -29.12 -8.58
N LYS A 55 -11.82 -28.37 -7.69
CA LYS A 55 -10.90 -27.32 -8.05
C LYS A 55 -9.56 -27.56 -7.37
N PRO A 56 -8.45 -27.30 -8.05
CA PRO A 56 -7.14 -27.36 -7.38
C PRO A 56 -6.98 -26.17 -6.46
N SER A 57 -6.16 -26.36 -5.41
CA SER A 57 -6.01 -25.33 -4.39
C SER A 57 -4.79 -25.65 -3.54
N LYS A 58 -4.41 -24.70 -2.70
CA LYS A 58 -3.52 -24.95 -1.58
C LYS A 58 -4.15 -24.41 -0.32
N THR A 59 -3.91 -25.06 0.81
CA THR A 59 -4.49 -24.60 2.06
C THR A 59 -3.39 -24.13 3.00
N VAL A 60 -3.52 -22.88 3.47
CA VAL A 60 -2.49 -22.21 4.26
C VAL A 60 -2.90 -22.24 5.74
N TYR A 61 -2.10 -22.91 6.56
CA TYR A 61 -2.29 -22.92 8.00
C TYR A 61 -0.91 -22.96 8.66
N ASN A 62 -0.90 -23.13 9.98
CA ASN A 62 0.33 -22.94 10.77
C ASN A 62 1.33 -24.05 10.45
N GLN A 63 2.58 -23.66 10.11
CA GLN A 63 3.63 -24.65 9.92
C GLN A 63 3.79 -25.56 11.13
N GLU A 64 3.46 -25.06 12.32
CA GLU A 64 3.55 -25.88 13.53
C GLU A 64 2.65 -27.11 13.46
N TRP A 65 1.51 -26.98 12.77
CA TRP A 65 0.47 -28.02 12.73
C TRP A 65 0.61 -28.92 11.52
N GLY A 66 1.68 -28.78 10.74
CA GLY A 66 1.95 -29.68 9.63
C GLY A 66 1.92 -29.02 8.27
N CYS A 67 1.64 -27.71 8.17
CA CYS A 67 1.52 -27.09 6.85
C CYS A 67 2.90 -26.83 6.25
N PRO A 68 3.16 -27.29 5.02
CA PRO A 68 4.41 -26.90 4.34
C PRO A 68 4.48 -25.38 4.15
N GLU A 69 5.69 -24.88 3.97
CA GLU A 69 5.84 -23.48 3.59
C GLU A 69 5.06 -23.21 2.31
N ASN A 70 4.27 -22.15 2.33
CA ASN A 70 3.43 -21.65 1.24
C ASN A 70 2.14 -22.44 1.08
N GLY A 71 1.89 -23.48 1.89
CA GLY A 71 0.59 -24.12 1.89
C GLY A 71 0.61 -25.60 1.55
N GLU A 72 -0.39 -26.36 1.99
CA GLU A 72 -0.53 -27.77 1.61
C GLU A 72 -1.40 -27.91 0.36
N GLU A 73 -0.99 -28.77 -0.57
CA GLU A 73 -1.82 -29.00 -1.76
C GLU A 73 -3.15 -29.65 -1.39
N THR A 74 -4.25 -29.09 -1.89
CA THR A 74 -5.59 -29.57 -1.52
C THR A 74 -6.47 -29.54 -2.75
N VAL A 75 -7.67 -30.14 -2.60
CA VAL A 75 -8.70 -30.08 -3.62
C VAL A 75 -9.99 -29.62 -2.94
N VAL A 76 -10.74 -28.74 -3.59
CA VAL A 76 -12.04 -28.31 -3.11
C VAL A 76 -13.11 -28.98 -3.95
N LEU A 77 -14.06 -29.65 -3.31
CA LEU A 77 -15.18 -30.28 -4.00
C LEU A 77 -16.46 -29.54 -3.66
N THR A 78 -17.20 -29.09 -4.68
CA THR A 78 -18.43 -28.33 -4.46
C THR A 78 -19.52 -28.88 -5.37
N GLY A 79 -20.77 -28.82 -4.92
CA GLY A 79 -21.87 -29.28 -5.75
C GLY A 79 -23.22 -28.83 -5.24
N VAL A 80 -24.18 -28.65 -6.12
CA VAL A 80 -25.51 -28.18 -5.77
C VAL A 80 -26.44 -29.39 -5.71
N ALA A 81 -27.50 -29.28 -4.91
CA ALA A 81 -28.60 -30.24 -4.93
C ALA A 81 -29.61 -29.70 -5.92
N ASN A 82 -29.62 -30.26 -7.13
CA ASN A 82 -30.51 -29.79 -8.18
C ASN A 82 -31.89 -30.38 -7.95
N GLU A 83 -32.90 -29.52 -7.80
CA GLU A 83 -34.24 -30.01 -7.48
C GLU A 83 -34.82 -30.89 -8.58
N GLU A 84 -34.36 -30.75 -9.83
CA GLU A 84 -34.82 -31.69 -10.83
C GLU A 84 -34.39 -33.12 -10.52
N PHE A 85 -33.25 -33.30 -9.85
CA PHE A 85 -32.77 -34.64 -9.52
C PHE A 85 -33.02 -35.06 -8.08
N VAL A 86 -33.19 -34.11 -7.16
CA VAL A 86 -33.18 -34.39 -5.72
C VAL A 86 -34.59 -34.18 -5.18
N ASP A 87 -35.25 -35.28 -4.80
CA ASP A 87 -36.59 -35.23 -4.21
C ASP A 87 -36.55 -34.74 -2.77
N ASP A 88 -35.54 -35.16 -2.02
CA ASP A 88 -35.50 -35.02 -0.57
C ASP A 88 -34.18 -34.39 -0.16
N ILE A 89 -34.21 -33.11 0.24
CA ILE A 89 -32.97 -32.38 0.50
C ILE A 89 -32.28 -32.90 1.75
N GLU A 90 -33.04 -33.39 2.74
CA GLU A 90 -32.41 -33.91 3.95
C GLU A 90 -31.71 -35.24 3.67
N LYS A 91 -32.28 -36.06 2.80
CA LYS A 91 -31.60 -37.28 2.39
C LYS A 91 -30.36 -36.98 1.57
N TRP A 92 -30.42 -35.93 0.73
CA TRP A 92 -29.22 -35.52 0.00
C TRP A 92 -28.12 -35.08 0.97
N LYS A 93 -28.49 -34.29 1.99
CA LYS A 93 -27.53 -33.83 2.99
C LYS A 93 -26.87 -35.01 3.70
N ASP A 94 -27.66 -35.99 4.12
CA ASP A 94 -27.12 -37.18 4.76
C ASP A 94 -26.14 -37.89 3.83
N THR A 95 -26.44 -37.89 2.53
CA THR A 95 -25.59 -38.60 1.58
C THR A 95 -24.27 -37.88 1.38
N VAL A 96 -24.31 -36.55 1.30
CA VAL A 96 -23.08 -35.75 1.22
C VAL A 96 -22.21 -36.02 2.44
N ILE A 97 -22.82 -36.03 3.64
CA ILE A 97 -22.07 -36.29 4.86
C ILE A 97 -21.44 -37.67 4.83
N LYS A 98 -22.21 -38.68 4.40
CA LYS A 98 -21.66 -40.02 4.29
C LYS A 98 -20.47 -40.08 3.34
N LEU A 99 -20.58 -39.41 2.18
CA LEU A 99 -19.51 -39.42 1.20
C LEU A 99 -18.29 -38.64 1.68
N ALA A 100 -18.51 -37.54 2.40
CA ALA A 100 -17.40 -36.77 2.95
C ALA A 100 -16.57 -37.60 3.93
N LYS A 101 -17.23 -38.37 4.79
CA LYS A 101 -16.50 -39.26 5.69
C LYS A 101 -15.76 -40.34 4.92
N GLU A 102 -16.38 -40.87 3.87
CA GLU A 102 -15.72 -41.89 3.06
C GLU A 102 -14.54 -41.30 2.27
N LEU A 103 -14.71 -40.10 1.71
CA LEU A 103 -13.57 -39.43 1.07
C LEU A 103 -12.41 -39.22 2.06
N LYS A 104 -12.73 -38.77 3.27
CA LYS A 104 -11.72 -38.60 4.29
C LYS A 104 -10.94 -39.89 4.51
N ASN A 105 -11.65 -41.01 4.58
CA ASN A 105 -11.01 -42.32 4.76
C ASN A 105 -10.16 -42.69 3.52
N GLN A 106 -10.75 -42.59 2.33
CA GLN A 106 -10.05 -42.98 1.10
C GLN A 106 -8.78 -42.16 0.89
N MET A 107 -8.82 -40.87 1.22
CA MET A 107 -7.69 -39.97 1.03
C MET A 107 -6.72 -39.99 2.21
N LYS A 108 -7.00 -40.78 3.24
CA LYS A 108 -6.17 -40.93 4.44
C LYS A 108 -5.94 -39.58 5.14
N GLN A 109 -7.01 -38.80 5.28
CA GLN A 109 -6.96 -37.47 5.87
C GLN A 109 -7.30 -37.56 7.34
N SER A 110 -6.57 -36.80 8.14
CA SER A 110 -6.78 -36.80 9.59
C SER A 110 -8.03 -36.01 9.95
N THR A 111 -8.25 -34.87 9.31
CA THR A 111 -9.45 -34.06 9.51
C THR A 111 -9.99 -33.62 8.16
N LEU A 112 -11.26 -33.23 8.14
CA LEU A 112 -11.89 -32.82 6.89
C LEU A 112 -13.11 -31.94 7.19
N THR A 113 -13.28 -30.86 6.41
CA THR A 113 -14.45 -29.98 6.54
C THR A 113 -15.45 -30.24 5.43
N CYS A 114 -16.74 -30.14 5.78
CA CYS A 114 -17.84 -30.25 4.83
C CYS A 114 -18.89 -29.21 5.21
N GLU A 115 -19.15 -28.26 4.31
CA GLU A 115 -20.05 -27.16 4.61
C GLU A 115 -21.29 -27.23 3.73
N PHE A 116 -22.42 -26.75 4.24
CA PHE A 116 -23.63 -26.56 3.45
C PHE A 116 -23.98 -25.09 3.44
N ILE A 117 -24.32 -24.58 2.26
CA ILE A 117 -24.61 -23.18 2.03
C ILE A 117 -25.93 -23.10 1.28
N GLU A 118 -26.83 -22.21 1.71
CA GLU A 118 -28.08 -22.00 0.99
C GLU A 118 -27.83 -21.31 -0.34
N THR A 119 -28.54 -21.75 -1.38
CA THR A 119 -28.31 -21.23 -2.72
C THR A 119 -29.62 -21.26 -3.49
N GLU A 120 -29.73 -20.38 -4.47
CA GLU A 120 -30.90 -20.35 -5.36
C GLU A 120 -30.43 -20.75 -6.74
N LEU A 121 -30.86 -21.93 -7.20
CA LEU A 121 -30.38 -22.54 -8.42
C LEU A 121 -31.27 -22.20 -9.61
N HIS A 122 -30.68 -21.62 -10.64
CA HIS A 122 -31.32 -21.44 -11.94
C HIS A 122 -30.67 -22.44 -12.88
N TYR A 123 -31.48 -23.33 -13.45
CA TYR A 123 -30.96 -24.44 -14.24
C TYR A 123 -31.40 -24.30 -15.69
N PHE A 124 -30.43 -24.11 -16.60
CA PHE A 124 -30.70 -23.86 -18.01
C PHE A 124 -30.46 -25.12 -18.82
N LYS A 125 -31.46 -25.50 -19.59
CA LYS A 125 -31.41 -26.75 -20.32
C LYS A 125 -32.15 -26.59 -21.65
N SER B 1 -24.17 0.96 4.15
CA SER B 1 -24.97 -0.24 4.32
C SER B 1 -24.13 -1.34 4.95
N MET B 2 -24.78 -2.43 5.34
CA MET B 2 -24.07 -3.59 5.85
C MET B 2 -23.43 -4.40 4.73
N GLY B 3 -23.56 -3.97 3.48
CA GLY B 3 -22.99 -4.70 2.36
C GLY B 3 -23.72 -5.96 1.96
N LYS B 4 -24.98 -6.14 2.38
CA LYS B 4 -25.75 -7.34 2.03
C LYS B 4 -26.06 -7.36 0.54
N THR B 5 -25.63 -8.41 -0.15
CA THR B 5 -25.78 -8.41 -1.60
C THR B 5 -25.82 -9.86 -2.06
N LEU B 6 -25.56 -10.09 -3.34
CA LEU B 6 -25.57 -11.41 -3.93
C LEU B 6 -24.26 -11.69 -4.65
N ARG B 7 -23.92 -12.98 -4.74
CA ARG B 7 -22.94 -13.45 -5.69
C ARG B 7 -23.57 -14.52 -6.58
N PHE B 8 -22.97 -14.73 -7.74
CA PHE B 8 -23.44 -15.77 -8.64
C PHE B 8 -22.32 -16.77 -8.82
N GLU B 9 -22.69 -17.99 -9.18
CA GLU B 9 -21.69 -18.98 -9.57
C GLU B 9 -22.26 -19.84 -10.69
N ILE B 10 -21.49 -19.95 -11.78
CA ILE B 10 -21.85 -20.71 -12.97
C ILE B 10 -20.83 -21.81 -13.17
N VAL B 11 -21.28 -22.99 -13.62
CA VAL B 11 -20.38 -24.09 -13.95
C VAL B 11 -20.61 -24.42 -15.42
N SER B 12 -19.55 -24.32 -16.22
CA SER B 12 -19.62 -24.55 -17.65
C SER B 12 -18.61 -25.59 -18.10
N GLY B 13 -19.02 -26.48 -19.00
CA GLY B 13 -18.08 -27.31 -19.73
C GLY B 13 -17.39 -26.50 -20.80
N VAL B 14 -16.44 -27.13 -21.49
CA VAL B 14 -15.56 -26.42 -22.44
C VAL B 14 -15.58 -26.99 -23.85
N ASN B 15 -16.44 -27.95 -24.14
CA ASN B 15 -16.59 -28.60 -25.46
C ASN B 15 -15.40 -28.92 -26.36
N LYS B 16 -14.48 -29.73 -25.82
CA LYS B 16 -13.21 -29.98 -26.53
C LYS B 16 -13.47 -30.50 -27.94
N GLY B 17 -14.51 -31.30 -28.10
CA GLY B 17 -14.92 -31.77 -29.42
C GLY B 17 -15.32 -30.66 -30.37
N TYR B 18 -15.43 -29.44 -29.88
CA TYR B 18 -15.79 -28.27 -30.70
C TYR B 18 -14.67 -27.25 -30.78
N PHE B 19 -14.06 -26.89 -29.65
CA PHE B 19 -13.01 -25.89 -29.63
C PHE B 19 -11.60 -26.48 -29.76
N HIS B 20 -11.42 -27.75 -29.45
CA HIS B 20 -10.12 -28.41 -29.58
C HIS B 20 -9.01 -27.69 -28.80
N THR B 21 -9.34 -27.18 -27.62
CA THR B 21 -8.30 -26.64 -26.76
C THR B 21 -7.47 -27.79 -26.22
N ASN B 22 -6.17 -27.55 -26.05
CA ASN B 22 -5.29 -28.65 -25.69
C ASN B 22 -4.62 -28.46 -24.34
N SER B 23 -5.18 -27.64 -23.45
CA SER B 23 -4.69 -27.55 -22.08
C SER B 23 -5.73 -26.87 -21.19
N GLN B 24 -5.55 -27.03 -19.88
CA GLN B 24 -6.39 -26.33 -18.92
C GLN B 24 -6.30 -24.82 -19.12
N SER B 25 -5.09 -24.28 -19.33
CA SER B 25 -4.97 -22.84 -19.47
C SER B 25 -5.63 -22.33 -20.75
N GLU B 26 -5.60 -23.09 -21.84
CA GLU B 26 -6.30 -22.66 -23.05
C GLU B 26 -7.81 -22.63 -22.86
N SER B 27 -8.36 -23.61 -22.14
CA SER B 27 -9.79 -23.61 -21.83
C SER B 27 -10.16 -22.39 -20.99
N LEU B 28 -9.33 -22.06 -20.00
CA LEU B 28 -9.57 -20.89 -19.17
C LEU B 28 -9.61 -19.63 -20.02
N ASP B 29 -8.61 -19.45 -20.89
CA ASP B 29 -8.58 -18.28 -21.76
C ASP B 29 -9.76 -18.25 -22.73
N LEU B 30 -10.14 -19.43 -23.24
CA LEU B 30 -11.29 -19.51 -24.13
C LEU B 30 -12.56 -19.01 -23.45
N VAL B 31 -12.83 -19.50 -22.24
CA VAL B 31 -14.02 -19.07 -21.51
C VAL B 31 -13.89 -17.61 -21.09
N GLY B 32 -12.71 -17.22 -20.61
CA GLY B 32 -12.51 -15.83 -20.20
C GLY B 32 -12.73 -14.83 -21.32
N GLY B 33 -12.19 -15.13 -22.51
CA GLY B 33 -12.40 -14.24 -23.64
C GLY B 33 -13.85 -14.15 -24.07
N ILE B 34 -14.56 -15.28 -24.06
CA ILE B 34 -15.99 -15.27 -24.40
C ILE B 34 -16.77 -14.47 -23.38
N TRP B 35 -16.48 -14.68 -22.08
CA TRP B 35 -17.16 -13.90 -21.05
C TRP B 35 -16.89 -12.42 -21.20
N GLN B 36 -15.63 -12.06 -21.45
CA GLN B 36 -15.27 -10.65 -21.63
C GLN B 36 -16.09 -10.03 -22.75
N LYS B 37 -16.31 -10.78 -23.83
CA LYS B 37 -17.06 -10.27 -24.98
C LYS B 37 -18.54 -10.06 -24.64
N ILE B 38 -19.20 -11.09 -24.11
CA ILE B 38 -20.62 -10.98 -23.87
C ILE B 38 -20.90 -10.04 -22.71
N ALA B 39 -20.01 -9.97 -21.72
CA ALA B 39 -20.24 -9.03 -20.63
C ALA B 39 -20.18 -7.59 -21.13
N LYS B 40 -19.25 -7.30 -22.04
CA LYS B 40 -19.15 -5.94 -22.57
C LYS B 40 -20.37 -5.60 -23.43
N GLU B 41 -20.84 -6.56 -24.24
CA GLU B 41 -22.04 -6.33 -25.05
C GLU B 41 -23.23 -5.95 -24.19
N GLU B 42 -23.43 -6.67 -23.09
CA GLU B 42 -24.56 -6.37 -22.22
C GLU B 42 -24.35 -5.06 -21.48
N PHE B 43 -23.11 -4.75 -21.13
CA PHE B 43 -22.80 -3.50 -20.45
C PHE B 43 -23.13 -2.29 -21.34
N GLU B 44 -22.88 -2.42 -22.64
CA GLU B 44 -23.20 -1.32 -23.56
C GLU B 44 -24.69 -1.08 -23.66
N LYS B 45 -25.51 -2.09 -23.37
CA LYS B 45 -26.96 -1.93 -23.40
C LYS B 45 -27.56 -1.50 -22.07
N SER B 46 -26.97 -1.93 -20.94
CA SER B 46 -27.61 -1.79 -19.65
C SER B 46 -26.80 -1.01 -18.63
N ASN B 47 -25.54 -0.69 -18.92
CA ASN B 47 -24.58 -0.15 -17.96
C ASN B 47 -24.37 -1.07 -16.76
N ILE B 48 -24.65 -2.36 -16.90
CA ILE B 48 -24.29 -3.35 -15.90
C ILE B 48 -23.20 -4.22 -16.51
N TYR B 49 -22.02 -4.23 -15.89
CA TYR B 49 -20.92 -5.10 -16.31
C TYR B 49 -20.77 -6.17 -15.25
N VAL B 50 -21.09 -7.41 -15.62
CA VAL B 50 -20.97 -8.53 -14.69
C VAL B 50 -19.55 -9.05 -14.85
N SER B 51 -18.63 -8.58 -14.00
CA SER B 51 -17.29 -9.17 -13.97
C SER B 51 -17.35 -10.53 -13.27
N ALA B 52 -16.37 -11.39 -13.62
CA ALA B 52 -16.39 -12.78 -13.16
C ALA B 52 -14.99 -13.26 -12.84
N VAL B 53 -14.88 -13.95 -11.71
CA VAL B 53 -13.65 -14.63 -11.31
C VAL B 53 -13.77 -16.08 -11.75
N ILE B 54 -12.86 -16.53 -12.62
CA ILE B 54 -13.00 -17.86 -13.26
C ILE B 54 -11.91 -18.80 -12.76
N LYS B 55 -12.30 -20.05 -12.48
CA LYS B 55 -11.39 -21.04 -11.92
C LYS B 55 -11.42 -22.31 -12.77
N PRO B 56 -10.27 -22.95 -12.95
CA PRO B 56 -10.25 -24.26 -13.60
C PRO B 56 -10.82 -25.33 -12.67
N SER B 57 -11.39 -26.38 -13.27
CA SER B 57 -12.05 -27.39 -12.46
C SER B 57 -12.27 -28.65 -13.28
N LYS B 58 -12.65 -29.72 -12.58
CA LYS B 58 -13.18 -30.92 -13.22
C LYS B 58 -14.50 -31.24 -12.57
N THR B 59 -15.48 -31.61 -13.36
CA THR B 59 -16.80 -31.94 -12.82
C THR B 59 -17.02 -33.45 -12.91
N VAL B 60 -17.42 -34.06 -11.80
CA VAL B 60 -17.43 -35.51 -11.68
C VAL B 60 -18.87 -35.98 -11.55
N TYR B 61 -19.30 -36.81 -12.49
CA TYR B 61 -20.63 -37.40 -12.43
C TYR B 61 -20.56 -38.80 -13.05
N ASN B 62 -21.72 -39.46 -13.16
CA ASN B 62 -21.74 -40.87 -13.53
C ASN B 62 -21.23 -41.08 -14.96
N GLN B 63 -20.28 -42.01 -15.12
CA GLN B 63 -19.80 -42.36 -16.46
C GLN B 63 -20.95 -42.82 -17.34
N GLU B 64 -21.99 -43.43 -16.75
CA GLU B 64 -23.17 -43.82 -17.52
C GLU B 64 -23.82 -42.65 -18.23
N TRP B 65 -23.67 -41.43 -17.69
CA TRP B 65 -24.28 -40.24 -18.26
C TRP B 65 -23.29 -39.43 -19.09
N GLY B 66 -22.19 -40.04 -19.51
CA GLY B 66 -21.24 -39.40 -20.41
C GLY B 66 -20.01 -38.79 -19.75
N CYS B 67 -19.87 -38.89 -18.43
CA CYS B 67 -18.71 -38.27 -17.79
C CYS B 67 -17.47 -39.10 -18.08
N PRO B 68 -16.39 -38.48 -18.57
CA PRO B 68 -15.11 -39.21 -18.70
C PRO B 68 -14.66 -39.75 -17.35
N GLU B 69 -13.92 -40.85 -17.39
CA GLU B 69 -13.25 -41.31 -16.17
C GLU B 69 -12.46 -40.16 -15.55
N ASN B 70 -12.65 -39.96 -14.25
CA ASN B 70 -11.94 -38.98 -13.42
C ASN B 70 -12.48 -37.56 -13.64
N GLY B 71 -13.50 -37.36 -14.48
CA GLY B 71 -14.21 -36.10 -14.55
C GLY B 71 -14.08 -35.36 -15.87
N GLU B 72 -14.97 -34.40 -16.12
CA GLU B 72 -14.99 -33.58 -17.31
C GLU B 72 -14.37 -32.22 -17.01
N GLU B 73 -13.54 -31.70 -17.94
CA GLU B 73 -12.93 -30.38 -17.75
C GLU B 73 -13.99 -29.29 -17.78
N THR B 74 -14.00 -28.45 -16.76
CA THR B 74 -15.01 -27.40 -16.65
C THR B 74 -14.36 -26.11 -16.15
N VAL B 75 -15.13 -25.03 -16.18
CA VAL B 75 -14.73 -23.74 -15.64
C VAL B 75 -15.84 -23.25 -14.73
N VAL B 76 -15.46 -22.70 -13.57
CA VAL B 76 -16.39 -22.13 -12.61
C VAL B 76 -16.24 -20.62 -12.66
N LEU B 77 -17.34 -19.89 -12.91
CA LEU B 77 -17.34 -18.43 -12.94
C LEU B 77 -18.14 -17.89 -11.75
N THR B 78 -17.54 -16.96 -11.00
CA THR B 78 -18.17 -16.43 -9.80
C THR B 78 -17.98 -14.92 -9.77
N GLY B 79 -18.96 -14.20 -9.22
CA GLY B 79 -18.84 -12.75 -9.16
C GLY B 79 -19.84 -12.16 -8.18
N VAL B 80 -19.46 -11.04 -7.60
CA VAL B 80 -20.32 -10.38 -6.61
C VAL B 80 -21.01 -9.19 -7.29
N ALA B 81 -22.15 -8.81 -6.73
CA ALA B 81 -22.84 -7.58 -7.11
C ALA B 81 -22.38 -6.50 -6.13
N ASN B 82 -21.44 -5.67 -6.59
CA ASN B 82 -20.83 -4.63 -5.76
C ASN B 82 -21.68 -3.37 -5.81
N GLU B 83 -22.25 -2.98 -4.67
N GLU B 83 -22.26 -2.98 -4.67
CA GLU B 83 -23.11 -1.80 -4.61
CA GLU B 83 -23.11 -1.79 -4.60
C GLU B 83 -22.39 -0.53 -5.04
C GLU B 83 -22.39 -0.54 -5.06
N GLU B 84 -21.05 -0.55 -5.11
CA GLU B 84 -20.33 0.59 -5.64
C GLU B 84 -20.60 0.80 -7.12
N PHE B 85 -20.93 -0.28 -7.83
CA PHE B 85 -21.21 -0.24 -9.27
C PHE B 85 -22.66 -0.56 -9.60
N VAL B 86 -23.38 -1.22 -8.71
CA VAL B 86 -24.69 -1.78 -9.01
C VAL B 86 -25.73 -1.05 -8.18
N ASP B 87 -26.63 -0.33 -8.87
CA ASP B 87 -27.74 0.36 -8.21
C ASP B 87 -28.89 -0.58 -7.84
N ASP B 88 -29.14 -1.59 -8.68
CA ASP B 88 -30.39 -2.35 -8.67
C ASP B 88 -30.05 -3.84 -8.71
N ILE B 89 -30.15 -4.51 -7.56
CA ILE B 89 -29.75 -5.91 -7.46
C ILE B 89 -30.58 -6.79 -8.38
N GLU B 90 -31.86 -6.45 -8.59
CA GLU B 90 -32.70 -7.30 -9.42
C GLU B 90 -32.31 -7.20 -10.89
N LYS B 91 -32.00 -6.00 -11.37
CA LYS B 91 -31.52 -5.90 -12.75
C LYS B 91 -30.18 -6.61 -12.92
N TRP B 92 -29.33 -6.59 -11.89
CA TRP B 92 -28.04 -7.29 -12.01
C TRP B 92 -28.28 -8.78 -12.10
N LYS B 93 -29.20 -9.28 -11.27
CA LYS B 93 -29.59 -10.68 -11.31
C LYS B 93 -30.11 -11.06 -12.68
N ASP B 94 -31.02 -10.25 -13.23
CA ASP B 94 -31.51 -10.52 -14.57
C ASP B 94 -30.40 -10.47 -15.60
N THR B 95 -29.39 -9.61 -15.39
CA THR B 95 -28.28 -9.55 -16.33
C THR B 95 -27.44 -10.83 -16.26
N VAL B 96 -27.14 -11.31 -15.04
CA VAL B 96 -26.41 -12.57 -14.87
C VAL B 96 -27.14 -13.70 -15.59
N ILE B 97 -28.46 -13.76 -15.40
CA ILE B 97 -29.23 -14.84 -16.01
C ILE B 97 -29.14 -14.77 -17.53
N LYS B 98 -29.24 -13.56 -18.09
CA LYS B 98 -29.08 -13.39 -19.53
C LYS B 98 -27.71 -13.86 -19.99
N LEU B 99 -26.65 -13.52 -19.22
CA LEU B 99 -25.31 -13.90 -19.63
C LEU B 99 -25.08 -15.40 -19.49
N ALA B 100 -25.63 -16.02 -18.44
CA ALA B 100 -25.50 -17.47 -18.27
C ALA B 100 -26.10 -18.22 -19.47
N LYS B 101 -27.29 -17.82 -19.90
CA LYS B 101 -27.88 -18.45 -21.08
C LYS B 101 -27.01 -18.21 -22.30
N GLU B 102 -26.46 -16.99 -22.43
CA GLU B 102 -25.64 -16.70 -23.59
C GLU B 102 -24.34 -17.51 -23.54
N LEU B 103 -23.75 -17.68 -22.35
CA LEU B 103 -22.54 -18.49 -22.24
C LEU B 103 -22.82 -19.95 -22.61
N LYS B 104 -23.94 -20.48 -22.13
CA LYS B 104 -24.30 -21.87 -22.43
C LYS B 104 -24.36 -22.09 -23.93
N ASN B 105 -24.96 -21.14 -24.65
CA ASN B 105 -25.05 -21.20 -26.10
C ASN B 105 -23.68 -21.07 -26.77
N GLN B 106 -22.89 -20.08 -26.36
CA GLN B 106 -21.60 -19.87 -27.00
C GLN B 106 -20.64 -21.01 -26.71
N MET B 107 -20.76 -21.65 -25.54
CA MET B 107 -19.92 -22.81 -25.23
C MET B 107 -20.49 -24.12 -25.76
N LYS B 108 -21.66 -24.09 -26.39
CA LYS B 108 -22.31 -25.28 -26.96
C LYS B 108 -22.53 -26.38 -25.91
N GLN B 109 -23.10 -25.98 -24.78
CA GLN B 109 -23.41 -26.85 -23.66
C GLN B 109 -24.90 -27.20 -23.68
N SER B 110 -25.24 -28.43 -23.26
CA SER B 110 -26.66 -28.76 -23.22
C SER B 110 -27.33 -28.34 -21.92
N THR B 111 -26.59 -28.27 -20.81
CA THR B 111 -27.13 -27.82 -19.54
C THR B 111 -26.10 -26.93 -18.86
N LEU B 112 -26.56 -26.06 -17.96
CA LEU B 112 -25.68 -25.14 -17.27
C LEU B 112 -26.35 -24.69 -15.98
N THR B 113 -25.61 -24.75 -14.85
CA THR B 113 -26.14 -24.27 -13.57
C THR B 113 -25.71 -22.83 -13.33
N CYS B 114 -26.61 -22.06 -12.72
CA CYS B 114 -26.36 -20.67 -12.34
C CYS B 114 -26.99 -20.44 -10.97
N GLU B 115 -26.17 -20.22 -9.96
CA GLU B 115 -26.61 -20.12 -8.58
C GLU B 115 -26.43 -18.69 -8.08
N PHE B 116 -27.35 -18.26 -7.23
CA PHE B 116 -27.21 -17.00 -6.49
C PHE B 116 -27.14 -17.31 -5.01
N ILE B 117 -26.20 -16.67 -4.33
CA ILE B 117 -25.90 -16.92 -2.92
C ILE B 117 -25.86 -15.57 -2.22
N GLU B 118 -26.51 -15.48 -1.06
CA GLU B 118 -26.47 -14.22 -0.31
C GLU B 118 -25.10 -14.02 0.33
N THR B 119 -24.62 -12.78 0.29
CA THR B 119 -23.25 -12.52 0.74
C THR B 119 -23.19 -11.11 1.35
N GLU B 120 -22.23 -10.91 2.25
CA GLU B 120 -21.96 -9.61 2.85
C GLU B 120 -20.60 -9.14 2.32
N LEU B 121 -20.63 -8.12 1.46
CA LEU B 121 -19.42 -7.67 0.79
C LEU B 121 -18.79 -6.51 1.56
N HIS B 122 -17.50 -6.66 1.87
CA HIS B 122 -16.67 -5.59 2.39
C HIS B 122 -15.69 -5.25 1.27
N TYR B 123 -15.74 -4.01 0.80
CA TYR B 123 -14.98 -3.57 -0.36
C TYR B 123 -13.92 -2.58 0.07
N PHE B 124 -12.66 -2.92 -0.17
CA PHE B 124 -11.53 -2.12 0.28
C PHE B 124 -10.92 -1.42 -0.92
N LYS B 125 -10.81 -0.09 -0.84
CA LYS B 125 -10.26 0.67 -1.96
C LYS B 125 -9.49 1.87 -1.44
N GLY C 3 -26.89 -22.57 9.53
CA GLY C 3 -26.55 -21.17 9.63
C GLY C 3 -25.56 -21.00 10.77
N LYS C 4 -24.90 -22.10 11.09
CA LYS C 4 -24.14 -22.20 12.32
C LYS C 4 -22.96 -21.23 12.35
N THR C 5 -22.28 -20.99 11.21
CA THR C 5 -21.05 -20.16 11.30
C THR C 5 -20.86 -19.34 10.02
N LEU C 6 -19.65 -18.82 9.80
CA LEU C 6 -19.32 -17.99 8.65
C LEU C 6 -18.12 -18.56 7.90
N ARG C 7 -18.06 -18.24 6.60
CA ARG C 7 -16.85 -18.37 5.82
C ARG C 7 -16.58 -17.02 5.14
N PHE C 8 -15.31 -16.77 4.83
CA PHE C 8 -14.93 -15.58 4.07
C PHE C 8 -14.46 -15.99 2.69
N GLU C 9 -14.53 -15.06 1.76
CA GLU C 9 -13.85 -15.22 0.48
C GLU C 9 -13.24 -13.88 0.04
N ILE C 10 -11.96 -13.92 -0.32
CA ILE C 10 -11.19 -12.75 -0.71
C ILE C 10 -10.70 -12.97 -2.14
N VAL C 11 -10.79 -11.96 -2.99
CA VAL C 11 -10.23 -12.03 -4.34
C VAL C 11 -9.09 -11.03 -4.44
N SER C 12 -7.88 -11.53 -4.74
CA SER C 12 -6.70 -10.68 -4.78
C SER C 12 -6.00 -10.78 -6.14
N GLY C 13 -5.52 -9.64 -6.65
CA GLY C 13 -4.56 -9.71 -7.73
C GLY C 13 -3.22 -10.25 -7.24
N VAL C 14 -2.31 -10.52 -8.18
CA VAL C 14 -1.01 -11.10 -7.85
C VAL C 14 0.16 -10.19 -8.20
N ASN C 15 -0.08 -9.07 -8.88
CA ASN C 15 0.92 -8.04 -9.17
C ASN C 15 2.16 -8.62 -9.84
N LYS C 16 1.95 -9.07 -11.08
CA LYS C 16 3.05 -9.54 -11.93
C LYS C 16 4.13 -8.49 -12.10
N GLY C 17 3.74 -7.21 -12.22
CA GLY C 17 4.72 -6.17 -12.44
C GLY C 17 5.62 -5.88 -11.26
N TYR C 18 5.24 -6.35 -10.08
CA TYR C 18 5.98 -6.12 -8.85
C TYR C 18 6.72 -7.36 -8.36
N PHE C 19 6.09 -8.54 -8.42
CA PHE C 19 6.68 -9.78 -7.89
C PHE C 19 7.35 -10.66 -8.94
N HIS C 20 7.02 -10.50 -10.22
CA HIS C 20 7.70 -11.20 -11.33
C HIS C 20 7.53 -12.71 -11.29
N THR C 21 6.36 -13.20 -10.91
CA THR C 21 6.10 -14.63 -10.99
C THR C 21 5.82 -15.02 -12.44
N ASN C 22 6.17 -16.26 -12.79
CA ASN C 22 6.12 -16.73 -14.17
C ASN C 22 5.02 -17.74 -14.45
N SER C 23 4.24 -18.13 -13.45
CA SER C 23 3.20 -19.13 -13.64
C SER C 23 2.16 -18.97 -12.55
N GLN C 24 1.00 -19.62 -12.76
CA GLN C 24 -0.04 -19.59 -11.75
C GLN C 24 0.39 -20.35 -10.50
N SER C 25 1.22 -21.38 -10.66
CA SER C 25 1.77 -22.07 -9.50
C SER C 25 2.66 -21.15 -8.66
N GLU C 26 3.47 -20.29 -9.30
CA GLU C 26 4.33 -19.40 -8.53
C GLU C 26 3.52 -18.31 -7.84
N SER C 27 2.49 -17.78 -8.51
CA SER C 27 1.63 -16.77 -7.89
C SER C 27 0.91 -17.32 -6.67
N LEU C 28 0.42 -18.55 -6.79
CA LEU C 28 -0.25 -19.21 -5.68
C LEU C 28 0.69 -19.32 -4.48
N ASP C 29 1.93 -19.75 -4.72
CA ASP C 29 2.90 -19.89 -3.62
C ASP C 29 3.25 -18.54 -3.01
N LEU C 30 3.35 -17.52 -3.86
CA LEU C 30 3.66 -16.17 -3.37
C LEU C 30 2.58 -15.68 -2.44
N VAL C 31 1.32 -15.78 -2.87
CA VAL C 31 0.23 -15.32 -2.03
C VAL C 31 0.13 -16.20 -0.78
N GLY C 32 0.30 -17.51 -0.94
CA GLY C 32 0.22 -18.40 0.21
C GLY C 32 1.26 -18.07 1.26
N GLY C 33 2.52 -17.85 0.83
CA GLY C 33 3.56 -17.52 1.80
C GLY C 33 3.28 -16.21 2.52
N ILE C 34 2.74 -15.23 1.81
CA ILE C 34 2.41 -13.95 2.44
C ILE C 34 1.31 -14.14 3.48
N TRP C 35 0.25 -14.87 3.11
CA TRP C 35 -0.84 -15.13 4.06
C TRP C 35 -0.35 -15.93 5.26
N GLN C 36 0.48 -16.94 5.01
CA GLN C 36 1.00 -17.74 6.13
C GLN C 36 1.70 -16.86 7.16
N LYS C 37 2.51 -15.90 6.71
CA LYS C 37 3.22 -15.02 7.63
C LYS C 37 2.26 -14.12 8.41
N ILE C 38 1.32 -13.46 7.72
CA ILE C 38 0.45 -12.55 8.46
C ILE C 38 -0.51 -13.31 9.35
N ALA C 39 -0.99 -14.48 8.93
CA ALA C 39 -1.86 -15.26 9.82
C ALA C 39 -1.11 -15.68 11.08
N LYS C 40 0.13 -16.16 10.92
CA LYS C 40 0.93 -16.56 12.07
C LYS C 40 1.15 -15.39 13.04
N GLU C 41 1.46 -14.22 12.51
CA GLU C 41 1.73 -13.07 13.36
C GLU C 41 0.47 -12.64 14.09
N GLU C 42 -0.68 -12.74 13.43
CA GLU C 42 -1.93 -12.39 14.10
C GLU C 42 -2.30 -13.42 15.15
N PHE C 43 -2.04 -14.70 14.87
CA PHE C 43 -2.34 -15.76 15.84
C PHE C 43 -1.56 -15.54 17.15
N GLU C 44 -0.30 -15.15 17.07
CA GLU C 44 0.46 -14.86 18.27
C GLU C 44 -0.19 -13.76 19.11
N LYS C 45 -0.85 -12.80 18.46
CA LYS C 45 -1.46 -11.68 19.18
C LYS C 45 -2.82 -12.03 19.77
N SER C 46 -3.66 -12.75 19.03
CA SER C 46 -5.06 -12.94 19.42
C SER C 46 -5.49 -14.38 19.67
N ASN C 47 -4.64 -15.36 19.38
CA ASN C 47 -4.99 -16.79 19.40
C ASN C 47 -6.07 -17.15 18.38
N ILE C 48 -6.29 -16.30 17.38
CA ILE C 48 -7.12 -16.65 16.24
C ILE C 48 -6.20 -16.86 15.03
N TYR C 49 -6.22 -18.07 14.48
CA TYR C 49 -5.47 -18.38 13.25
C TYR C 49 -6.48 -18.48 12.12
N VAL C 50 -6.39 -17.55 11.18
CA VAL C 50 -7.29 -17.54 10.02
C VAL C 50 -6.60 -18.33 8.93
N SER C 51 -6.92 -19.62 8.85
CA SER C 51 -6.42 -20.42 7.76
C SER C 51 -7.26 -20.14 6.50
N ALA C 52 -6.63 -20.33 5.35
CA ALA C 52 -7.24 -19.99 4.07
C ALA C 52 -6.93 -21.05 3.02
N VAL C 53 -7.97 -21.41 2.28
CA VAL C 53 -7.85 -22.27 1.11
C VAL C 53 -7.74 -21.37 -0.12
N ILE C 54 -6.63 -21.48 -0.85
CA ILE C 54 -6.35 -20.54 -1.94
C ILE C 54 -6.43 -21.24 -3.30
N LYS C 55 -7.10 -20.59 -4.25
CA LYS C 55 -7.33 -21.19 -5.55
C LYS C 55 -6.81 -20.29 -6.66
N PRO C 56 -6.19 -20.86 -7.70
CA PRO C 56 -5.81 -20.07 -8.86
C PRO C 56 -7.03 -19.66 -9.66
N SER C 57 -6.91 -18.52 -10.34
CA SER C 57 -8.07 -17.97 -11.03
C SER C 57 -7.63 -16.89 -11.99
N LYS C 58 -8.56 -16.45 -12.83
CA LYS C 58 -8.42 -15.22 -13.60
C LYS C 58 -9.69 -14.41 -13.43
N THR C 59 -9.54 -13.09 -13.34
CA THR C 59 -10.71 -12.24 -13.14
C THR C 59 -10.94 -11.43 -14.41
N VAL C 60 -12.17 -11.49 -14.92
CA VAL C 60 -12.49 -10.95 -16.23
C VAL C 60 -13.31 -9.68 -16.04
N TYR C 61 -12.81 -8.57 -16.56
CA TYR C 61 -13.55 -7.32 -16.53
C TYR C 61 -13.17 -6.51 -17.76
N ASN C 62 -13.64 -5.27 -17.82
CA ASN C 62 -13.55 -4.49 -19.05
C ASN C 62 -12.10 -4.09 -19.33
N GLN C 63 -11.67 -4.27 -20.57
CA GLN C 63 -10.33 -3.81 -20.96
C GLN C 63 -10.20 -2.30 -20.76
N GLU C 64 -11.31 -1.55 -20.82
CA GLU C 64 -11.25 -0.12 -20.56
C GLU C 64 -10.77 0.19 -19.16
N TRP C 65 -10.93 -0.75 -18.22
CA TRP C 65 -10.58 -0.55 -16.83
C TRP C 65 -9.31 -1.30 -16.44
N GLY C 66 -8.49 -1.64 -17.42
CA GLY C 66 -7.17 -2.20 -17.16
C GLY C 66 -7.05 -3.70 -17.36
N CYS C 67 -8.15 -4.40 -17.63
CA CYS C 67 -8.10 -5.86 -17.64
C CYS C 67 -7.36 -6.35 -18.87
N PRO C 68 -6.38 -7.24 -18.72
CA PRO C 68 -5.77 -7.88 -19.90
C PRO C 68 -6.80 -8.70 -20.66
N GLU C 69 -6.51 -8.95 -21.94
CA GLU C 69 -7.34 -9.87 -22.71
C GLU C 69 -7.42 -11.21 -22.01
N ASN C 70 -8.64 -11.71 -21.85
CA ASN C 70 -9.00 -13.01 -21.26
C ASN C 70 -8.91 -13.02 -19.73
N GLY C 71 -8.53 -11.91 -19.09
CA GLY C 71 -8.60 -11.83 -17.65
C GLY C 71 -7.28 -11.53 -16.97
N GLU C 72 -7.37 -10.98 -15.76
CA GLU C 72 -6.21 -10.75 -14.92
C GLU C 72 -5.99 -11.97 -14.03
N GLU C 73 -4.72 -12.38 -13.90
CA GLU C 73 -4.42 -13.49 -13.00
C GLU C 73 -4.71 -13.10 -11.53
N THR C 74 -5.51 -13.93 -10.83
CA THR C 74 -5.89 -13.64 -9.45
C THR C 74 -5.80 -14.90 -8.60
N VAL C 75 -5.94 -14.72 -7.28
CA VAL C 75 -6.04 -15.81 -6.32
C VAL C 75 -7.27 -15.58 -5.46
N VAL C 76 -8.03 -16.65 -5.22
CA VAL C 76 -9.19 -16.62 -4.35
C VAL C 76 -8.81 -17.27 -3.03
N LEU C 77 -9.05 -16.57 -1.93
CA LEU C 77 -8.76 -17.09 -0.59
C LEU C 77 -10.08 -17.29 0.14
N THR C 78 -10.30 -18.49 0.68
CA THR C 78 -11.56 -18.78 1.36
C THR C 78 -11.29 -19.58 2.62
N GLY C 79 -12.11 -19.37 3.64
CA GLY C 79 -11.86 -20.05 4.90
C GLY C 79 -13.07 -19.98 5.79
N VAL C 80 -13.24 -20.99 6.61
CA VAL C 80 -14.39 -21.12 7.51
C VAL C 80 -13.93 -20.78 8.92
N ALA C 81 -14.88 -20.33 9.74
CA ALA C 81 -14.69 -20.14 11.17
C ALA C 81 -15.18 -21.40 11.86
N ASN C 82 -14.26 -22.22 12.34
CA ASN C 82 -14.58 -23.53 12.89
C ASN C 82 -14.81 -23.37 14.39
N GLU C 83 -16.03 -23.65 14.85
CA GLU C 83 -16.38 -23.44 16.25
C GLU C 83 -15.51 -24.24 17.20
N GLU C 84 -14.87 -25.30 16.75
CA GLU C 84 -13.96 -26.00 17.65
C GLU C 84 -12.76 -25.14 18.01
N PHE C 85 -12.36 -24.22 17.15
CA PHE C 85 -11.19 -23.37 17.37
C PHE C 85 -11.57 -21.95 17.74
N VAL C 86 -12.73 -21.50 17.30
CA VAL C 86 -13.11 -20.09 17.32
C VAL C 86 -14.22 -19.93 18.36
N ASP C 87 -13.90 -19.26 19.48
CA ASP C 87 -14.91 -19.03 20.51
C ASP C 87 -15.77 -17.81 20.21
N ASP C 88 -15.26 -16.85 19.45
CA ASP C 88 -15.94 -15.58 19.24
C ASP C 88 -15.98 -15.29 17.74
N ILE C 89 -17.14 -15.53 17.12
CA ILE C 89 -17.27 -15.36 15.68
C ILE C 89 -17.10 -13.90 15.28
N GLU C 90 -17.53 -12.96 16.12
CA GLU C 90 -17.35 -11.55 15.75
C GLU C 90 -15.88 -11.17 15.76
N LYS C 91 -15.10 -11.67 16.73
CA LYS C 91 -13.67 -11.36 16.72
C LYS C 91 -12.97 -12.00 15.53
N TRP C 92 -13.40 -13.21 15.14
CA TRP C 92 -12.85 -13.85 13.95
C TRP C 92 -13.11 -12.99 12.72
N LYS C 93 -14.35 -12.50 12.58
CA LYS C 93 -14.68 -11.63 11.46
C LYS C 93 -13.79 -10.39 11.45
N ASP C 94 -13.59 -9.76 12.62
CA ASP C 94 -12.72 -8.59 12.69
C ASP C 94 -11.30 -8.94 12.29
N THR C 95 -10.84 -10.12 12.68
CA THR C 95 -9.52 -10.60 12.30
C THR C 95 -9.40 -10.80 10.80
N VAL C 96 -10.42 -11.41 10.18
CA VAL C 96 -10.36 -11.63 8.74
C VAL C 96 -10.24 -10.31 7.99
N ILE C 97 -11.07 -9.34 8.38
CA ILE C 97 -10.99 -8.01 7.76
C ILE C 97 -9.60 -7.41 7.93
N LYS C 98 -9.04 -7.53 9.15
CA LYS C 98 -7.70 -7.01 9.42
C LYS C 98 -6.67 -7.63 8.48
N LEU C 99 -6.72 -8.96 8.31
CA LEU C 99 -5.76 -9.64 7.44
C LEU C 99 -6.00 -9.31 5.96
N ALA C 100 -7.27 -9.20 5.56
CA ALA C 100 -7.56 -8.86 4.17
C ALA C 100 -6.98 -7.48 3.81
N LYS C 101 -7.08 -6.52 4.72
CA LYS C 101 -6.47 -5.22 4.48
C LYS C 101 -4.96 -5.33 4.43
N GLU C 102 -4.36 -6.12 5.33
CA GLU C 102 -2.92 -6.31 5.30
C GLU C 102 -2.49 -7.02 4.01
N LEU C 103 -3.27 -8.01 3.56
CA LEU C 103 -2.96 -8.66 2.29
C LEU C 103 -2.99 -7.67 1.14
N LYS C 104 -4.04 -6.84 1.08
CA LYS C 104 -4.13 -5.81 0.04
C LYS C 104 -2.87 -4.95 0.01
N ASN C 105 -2.37 -4.57 1.18
N ASN C 105 -2.37 -4.58 1.19
CA ASN C 105 -1.17 -3.73 1.25
CA ASN C 105 -1.18 -3.75 1.28
C ASN C 105 0.07 -4.49 0.78
C ASN C 105 0.07 -4.49 0.79
N GLN C 106 0.29 -5.70 1.32
CA GLN C 106 1.48 -6.46 0.93
C GLN C 106 1.47 -6.82 -0.55
N MET C 107 0.30 -7.06 -1.14
CA MET C 107 0.23 -7.39 -2.56
C MET C 107 0.20 -6.16 -3.46
N LYS C 108 0.23 -4.96 -2.87
CA LYS C 108 0.20 -3.69 -3.60
C LYS C 108 -1.00 -3.62 -4.55
N GLN C 109 -2.17 -3.91 -4.01
CA GLN C 109 -3.43 -3.89 -4.75
C GLN C 109 -4.16 -2.58 -4.48
N SER C 110 -4.85 -2.07 -5.50
CA SER C 110 -5.64 -0.86 -5.34
C SER C 110 -6.99 -1.14 -4.69
N THR C 111 -7.62 -2.27 -5.05
CA THR C 111 -8.93 -2.60 -4.52
C THR C 111 -8.97 -4.09 -4.23
N LEU C 112 -9.81 -4.48 -3.27
CA LEU C 112 -9.93 -5.89 -2.93
C LEU C 112 -11.31 -6.13 -2.34
N THR C 113 -11.94 -7.26 -2.73
CA THR C 113 -13.19 -7.71 -2.14
C THR C 113 -12.96 -8.72 -1.03
N CYS C 114 -13.74 -8.60 0.04
CA CYS C 114 -13.78 -9.56 1.14
C CYS C 114 -15.25 -9.81 1.48
N GLU C 115 -15.75 -11.02 1.22
CA GLU C 115 -17.14 -11.39 1.45
C GLU C 115 -17.28 -12.33 2.64
N PHE C 116 -18.40 -12.24 3.36
CA PHE C 116 -18.76 -13.23 4.36
C PHE C 116 -20.06 -13.91 3.99
N ILE C 117 -20.09 -15.23 4.13
CA ILE C 117 -21.21 -16.06 3.71
C ILE C 117 -21.59 -16.98 4.84
N GLU C 118 -22.89 -17.10 5.12
CA GLU C 118 -23.33 -18.00 6.18
C GLU C 118 -23.20 -19.44 5.70
N THR C 119 -22.79 -20.31 6.61
CA THR C 119 -22.49 -21.68 6.23
C THR C 119 -22.73 -22.61 7.41
N GLU C 120 -23.07 -23.86 7.13
CA GLU C 120 -23.25 -24.86 8.18
C GLU C 120 -22.09 -25.83 8.07
N LEU C 121 -21.22 -25.83 9.08
CA LEU C 121 -19.96 -26.59 9.04
C LEU C 121 -20.10 -27.92 9.75
N HIS C 122 -19.76 -28.99 9.05
CA HIS C 122 -19.59 -30.32 9.64
C HIS C 122 -18.10 -30.65 9.59
N TYR C 123 -17.52 -30.95 10.75
CA TYR C 123 -16.08 -31.14 10.90
C TYR C 123 -15.82 -32.58 11.33
N PHE C 124 -15.02 -33.32 10.57
CA PHE C 124 -14.77 -34.73 10.83
C PHE C 124 -13.33 -34.94 11.24
N LYS C 125 -13.13 -35.65 12.36
CA LYS C 125 -11.78 -35.80 12.93
C LYS C 125 -11.54 -37.19 13.53
N GLY D 3 17.43 27.50 -5.83
CA GLY D 3 16.90 28.73 -6.40
C GLY D 3 15.76 28.52 -7.39
N LYS D 4 14.80 29.43 -7.36
CA LYS D 4 13.62 29.34 -8.20
C LYS D 4 13.81 30.13 -9.49
N THR D 5 12.85 29.94 -10.40
CA THR D 5 12.71 30.80 -11.55
C THR D 5 11.22 31.01 -11.76
N LEU D 6 10.83 31.39 -12.98
CA LEU D 6 9.44 31.60 -13.34
C LEU D 6 9.09 30.82 -14.60
N ARG D 7 7.81 30.50 -14.73
CA ARG D 7 7.20 30.10 -15.99
C ARG D 7 6.02 31.03 -16.26
N PHE D 8 5.68 31.17 -17.53
CA PHE D 8 4.49 31.91 -17.92
C PHE D 8 3.47 30.93 -18.49
N GLU D 9 2.21 31.36 -18.49
CA GLU D 9 1.14 30.62 -19.16
C GLU D 9 0.16 31.62 -19.78
N ILE D 10 -0.05 31.48 -21.09
CA ILE D 10 -0.93 32.35 -21.87
C ILE D 10 -2.05 31.51 -22.48
N VAL D 11 -3.29 32.00 -22.39
CA VAL D 11 -4.43 31.36 -23.03
C VAL D 11 -4.95 32.28 -24.14
N SER D 12 -5.05 31.74 -25.37
CA SER D 12 -5.49 32.52 -26.52
C SER D 12 -6.50 31.75 -27.36
N GLY D 13 -7.50 32.46 -27.87
CA GLY D 13 -8.36 31.90 -28.90
C GLY D 13 -7.59 31.73 -30.21
N VAL D 14 -8.21 31.03 -31.15
CA VAL D 14 -7.56 30.73 -32.42
C VAL D 14 -8.27 31.34 -33.63
N ASN D 15 -9.46 31.92 -33.47
CA ASN D 15 -10.13 32.69 -34.50
C ASN D 15 -10.20 31.96 -35.84
N LYS D 16 -10.86 30.79 -35.82
CA LYS D 16 -10.79 29.92 -36.99
C LYS D 16 -11.44 30.54 -38.22
N GLY D 17 -12.52 31.32 -38.05
CA GLY D 17 -13.15 31.96 -39.21
C GLY D 17 -12.26 33.00 -39.85
N TYR D 18 -11.54 33.76 -39.02
CA TYR D 18 -10.61 34.75 -39.54
C TYR D 18 -9.42 34.09 -40.24
N PHE D 19 -8.86 33.04 -39.67
CA PHE D 19 -7.67 32.42 -40.23
C PHE D 19 -7.99 31.31 -41.23
N HIS D 20 -9.27 30.97 -41.40
CA HIS D 20 -9.71 29.96 -42.37
C HIS D 20 -9.05 28.61 -42.08
N THR D 21 -9.07 28.22 -40.82
CA THR D 21 -8.57 26.91 -40.42
C THR D 21 -9.73 26.00 -40.07
N ASN D 22 -9.49 24.68 -40.15
CA ASN D 22 -10.57 23.71 -39.97
C ASN D 22 -10.16 22.50 -39.14
N SER D 23 -9.10 22.59 -38.34
CA SER D 23 -8.71 21.49 -37.46
C SER D 23 -7.87 22.06 -36.34
N GLN D 24 -7.86 21.36 -35.20
CA GLN D 24 -7.01 21.82 -34.10
C GLN D 24 -5.54 21.71 -34.49
N SER D 25 -5.21 20.79 -35.40
CA SER D 25 -3.83 20.70 -35.86
C SER D 25 -3.43 21.95 -36.63
N GLU D 26 -4.31 22.45 -37.52
CA GLU D 26 -4.02 23.68 -38.25
C GLU D 26 -3.92 24.88 -37.31
N SER D 27 -4.79 24.93 -36.30
CA SER D 27 -4.74 26.02 -35.32
C SER D 27 -3.42 26.00 -34.55
N LEU D 28 -2.99 24.82 -34.10
CA LEU D 28 -1.72 24.69 -33.39
C LEU D 28 -0.58 25.19 -34.26
N ASP D 29 -0.55 24.77 -35.52
CA ASP D 29 0.51 25.19 -36.43
C ASP D 29 0.44 26.69 -36.67
N LEU D 30 -0.76 27.23 -36.79
CA LEU D 30 -0.93 28.66 -37.00
C LEU D 30 -0.35 29.45 -35.83
N VAL D 31 -0.77 29.12 -34.60
CA VAL D 31 -0.24 29.82 -33.43
C VAL D 31 1.26 29.59 -33.29
N GLY D 32 1.71 28.37 -33.57
CA GLY D 32 3.14 28.10 -33.54
C GLY D 32 3.94 29.03 -34.44
N GLY D 33 3.50 29.16 -35.70
CA GLY D 33 4.21 30.02 -36.64
C GLY D 33 4.20 31.48 -36.24
N ILE D 34 3.06 31.97 -35.74
CA ILE D 34 2.98 33.35 -35.30
C ILE D 34 3.90 33.58 -34.09
N TRP D 35 3.83 32.70 -33.10
CA TRP D 35 4.74 32.83 -31.96
C TRP D 35 6.20 32.78 -32.40
N GLN D 36 6.53 31.84 -33.30
CA GLN D 36 7.91 31.69 -33.74
C GLN D 36 8.42 32.99 -34.36
N LYS D 37 7.58 33.66 -35.14
CA LYS D 37 7.98 34.91 -35.78
C LYS D 37 8.12 36.05 -34.77
N ILE D 38 7.13 36.22 -33.88
CA ILE D 38 7.24 37.35 -32.96
C ILE D 38 8.33 37.12 -31.92
N ALA D 39 8.56 35.86 -31.52
CA ALA D 39 9.66 35.59 -30.58
C ALA D 39 10.99 35.96 -31.20
N LYS D 40 11.18 35.66 -32.48
CA LYS D 40 12.45 35.93 -33.15
C LYS D 40 12.66 37.43 -33.30
N GLU D 41 11.61 38.17 -33.69
CA GLU D 41 11.72 39.62 -33.83
C GLU D 41 12.18 40.26 -32.53
N GLU D 42 11.68 39.77 -31.40
CA GLU D 42 12.05 40.35 -30.12
C GLU D 42 13.45 39.93 -29.68
N PHE D 43 13.81 38.67 -29.92
CA PHE D 43 15.16 38.19 -29.59
C PHE D 43 16.23 39.03 -30.27
N GLU D 44 15.99 39.42 -31.52
CA GLU D 44 16.94 40.23 -32.27
C GLU D 44 17.14 41.62 -31.68
N LYS D 45 16.20 42.08 -30.85
CA LYS D 45 16.34 43.39 -30.20
C LYS D 45 16.94 43.31 -28.81
N SER D 46 16.75 42.18 -28.10
CA SER D 46 17.04 42.13 -26.67
C SER D 46 17.87 40.93 -26.23
N ASN D 47 18.18 39.98 -27.12
CA ASN D 47 18.87 38.73 -26.79
C ASN D 47 18.04 37.84 -25.88
N ILE D 48 16.73 38.07 -25.82
CA ILE D 48 15.82 37.26 -25.02
C ILE D 48 14.91 36.54 -25.99
N TYR D 49 15.05 35.21 -26.05
CA TYR D 49 14.16 34.37 -26.84
C TYR D 49 13.19 33.67 -25.88
N VAL D 50 11.92 34.00 -25.98
CA VAL D 50 10.89 33.33 -25.18
C VAL D 50 10.39 32.13 -25.99
N SER D 51 10.92 30.95 -25.70
CA SER D 51 10.38 29.76 -26.31
C SER D 51 9.09 29.36 -25.58
N ALA D 52 8.21 28.65 -26.28
CA ALA D 52 6.90 28.31 -25.71
C ALA D 52 6.50 26.89 -26.07
N VAL D 53 5.96 26.18 -25.08
CA VAL D 53 5.31 24.88 -25.25
C VAL D 53 3.82 25.14 -25.41
N ILE D 54 3.24 24.70 -26.52
CA ILE D 54 1.89 25.08 -26.91
C ILE D 54 0.98 23.85 -26.92
N LYS D 55 -0.15 23.93 -26.22
CA LYS D 55 -1.04 22.78 -26.07
C LYS D 55 -2.43 23.10 -26.63
N PRO D 56 -3.05 22.15 -27.32
CA PRO D 56 -4.42 22.38 -27.78
C PRO D 56 -5.38 22.33 -26.61
N SER D 57 -6.48 23.06 -26.72
CA SER D 57 -7.42 23.11 -25.61
C SER D 57 -8.77 23.62 -26.09
N LYS D 58 -9.74 23.59 -25.17
CA LYS D 58 -11.00 24.32 -25.31
C LYS D 58 -11.26 25.07 -24.02
N THR D 59 -11.77 26.29 -24.12
CA THR D 59 -12.02 27.11 -22.94
C THR D 59 -13.53 27.24 -22.77
N VAL D 60 -14.02 26.86 -21.60
CA VAL D 60 -15.44 26.78 -21.32
C VAL D 60 -15.83 28.01 -20.51
N TYR D 61 -16.76 28.79 -21.04
CA TYR D 61 -17.28 29.93 -20.29
C TYR D 61 -18.73 30.14 -20.72
N ASN D 62 -19.35 31.18 -20.18
CA ASN D 62 -20.76 31.40 -20.39
C ASN D 62 -21.06 31.58 -21.88
N GLN D 63 -22.01 30.78 -22.39
CA GLN D 63 -22.49 30.97 -23.76
C GLN D 63 -23.02 32.39 -23.97
N GLU D 64 -23.51 33.03 -22.91
CA GLU D 64 -23.99 34.41 -23.03
C GLU D 64 -22.88 35.36 -23.46
N TRP D 65 -21.63 35.03 -23.12
CA TRP D 65 -20.51 35.92 -23.35
C TRP D 65 -19.75 35.59 -24.64
N GLY D 66 -20.25 34.66 -25.44
CA GLY D 66 -19.62 34.30 -26.71
C GLY D 66 -19.19 32.85 -26.82
N CYS D 67 -19.27 32.06 -25.77
CA CYS D 67 -18.69 30.73 -25.84
C CYS D 67 -19.60 29.77 -26.61
N PRO D 68 -19.09 29.06 -27.62
CA PRO D 68 -19.86 27.98 -28.25
C PRO D 68 -20.23 26.92 -27.22
N GLU D 69 -21.29 26.16 -27.53
CA GLU D 69 -21.59 24.97 -26.74
C GLU D 69 -20.35 24.09 -26.65
N ASN D 70 -20.04 23.64 -25.44
CA ASN D 70 -18.94 22.74 -25.10
C ASN D 70 -17.58 23.43 -25.11
N GLY D 71 -17.50 24.71 -25.45
CA GLY D 71 -16.26 25.44 -25.30
C GLY D 71 -15.70 26.05 -26.59
N GLU D 72 -14.87 27.08 -26.43
CA GLU D 72 -14.19 27.73 -27.55
C GLU D 72 -12.81 27.12 -27.77
N GLU D 73 -12.49 26.79 -29.02
CA GLU D 73 -11.16 26.24 -29.31
C GLU D 73 -10.09 27.26 -28.99
N THR D 74 -9.09 26.84 -28.21
CA THR D 74 -8.05 27.75 -27.72
C THR D 74 -6.72 27.05 -27.75
N VAL D 75 -5.67 27.78 -27.40
CA VAL D 75 -4.33 27.25 -27.29
C VAL D 75 -3.71 27.78 -26.00
N VAL D 76 -2.95 26.93 -25.30
CA VAL D 76 -2.25 27.31 -24.09
C VAL D 76 -0.76 27.33 -24.39
N LEU D 77 -0.12 28.48 -24.20
CA LEU D 77 1.32 28.60 -24.39
C LEU D 77 1.99 28.72 -23.02
N THR D 78 2.96 27.86 -22.76
CA THR D 78 3.68 27.90 -21.49
C THR D 78 5.17 27.84 -21.76
N GLY D 79 5.96 28.43 -20.86
CA GLY D 79 7.40 28.37 -21.02
C GLY D 79 8.14 28.80 -19.77
N VAL D 80 9.33 28.26 -19.56
CA VAL D 80 10.12 28.52 -18.37
C VAL D 80 11.24 29.50 -18.71
N ALA D 81 11.64 30.28 -17.70
CA ALA D 81 12.82 31.14 -17.80
C ALA D 81 14.03 30.32 -17.35
N ASN D 82 14.76 29.76 -18.32
CA ASN D 82 15.87 28.87 -18.01
C ASN D 82 17.10 29.70 -17.68
N GLU D 83 17.67 29.48 -16.49
CA GLU D 83 18.78 30.30 -15.99
C GLU D 83 20.00 30.20 -16.89
N GLU D 84 20.17 29.09 -17.62
CA GLU D 84 21.30 29.01 -18.54
C GLU D 84 21.18 30.00 -19.68
N PHE D 85 19.96 30.43 -20.01
CA PHE D 85 19.71 31.34 -21.11
C PHE D 85 19.31 32.75 -20.67
N VAL D 86 18.81 32.93 -19.45
CA VAL D 86 18.20 34.18 -19.01
C VAL D 86 19.03 34.76 -17.88
N ASP D 87 19.60 35.94 -18.10
CA ASP D 87 20.39 36.60 -17.07
C ASP D 87 19.52 37.41 -16.12
N ASP D 88 18.43 37.98 -16.62
CA ASP D 88 17.66 38.98 -15.90
C ASP D 88 16.18 38.57 -15.94
N ILE D 89 15.71 37.98 -14.84
CA ILE D 89 14.34 37.48 -14.79
C ILE D 89 13.33 38.61 -15.02
N GLU D 90 13.62 39.83 -14.55
CA GLU D 90 12.66 40.92 -14.73
C GLU D 90 12.57 41.32 -16.20
N LYS D 91 13.70 41.31 -16.92
CA LYS D 91 13.66 41.63 -18.34
C LYS D 91 12.97 40.54 -19.14
N TRP D 92 13.15 39.29 -18.75
CA TRP D 92 12.39 38.20 -19.36
C TRP D 92 10.89 38.39 -19.14
N LYS D 93 10.50 38.73 -17.91
CA LYS D 93 9.09 38.98 -17.60
C LYS D 93 8.50 40.09 -18.46
N ASP D 94 9.22 41.20 -18.62
CA ASP D 94 8.76 42.28 -19.51
C ASP D 94 8.63 41.78 -20.94
N THR D 95 9.58 40.95 -21.37
CA THR D 95 9.53 40.42 -22.74
C THR D 95 8.30 39.53 -22.94
N VAL D 96 8.00 38.67 -21.97
CA VAL D 96 6.80 37.83 -22.06
C VAL D 96 5.56 38.70 -22.19
N ILE D 97 5.47 39.75 -21.35
CA ILE D 97 4.31 40.63 -21.41
C ILE D 97 4.20 41.30 -22.78
N LYS D 98 5.32 41.76 -23.33
CA LYS D 98 5.30 42.37 -24.67
C LYS D 98 4.79 41.37 -25.71
N LEU D 99 5.28 40.12 -25.64
CA LEU D 99 4.87 39.10 -26.60
C LEU D 99 3.40 38.71 -26.43
N ALA D 100 2.93 38.63 -25.19
CA ALA D 100 1.52 38.32 -24.96
C ALA D 100 0.62 39.37 -25.61
N LYS D 101 0.95 40.65 -25.41
CA LYS D 101 0.20 41.72 -26.06
C LYS D 101 0.25 41.60 -27.57
N GLU D 102 1.44 41.29 -28.11
CA GLU D 102 1.58 41.14 -29.54
C GLU D 102 0.79 39.94 -30.07
N LEU D 103 0.84 38.81 -29.36
CA LEU D 103 0.02 37.67 -29.76
C LEU D 103 -1.46 38.03 -29.74
N LYS D 104 -1.90 38.75 -28.71
CA LYS D 104 -3.31 39.14 -28.62
C LYS D 104 -3.74 39.94 -29.85
N ASN D 105 -2.90 40.85 -30.31
CA ASN D 105 -3.20 41.62 -31.53
C ASN D 105 -3.18 40.74 -32.77
N GLN D 106 -2.14 39.90 -32.91
CA GLN D 106 -2.02 39.09 -34.12
C GLN D 106 -3.15 38.07 -34.23
N MET D 107 -3.53 37.46 -33.10
CA MET D 107 -4.65 36.52 -33.12
C MET D 107 -6.01 37.21 -33.11
N LYS D 108 -6.05 38.54 -33.06
CA LYS D 108 -7.31 39.32 -33.05
C LYS D 108 -8.20 38.88 -31.89
N GLN D 109 -7.61 38.81 -30.71
CA GLN D 109 -8.31 38.41 -29.50
C GLN D 109 -8.75 39.64 -28.73
N SER D 110 -10.01 39.62 -28.28
CA SER D 110 -10.53 40.76 -27.53
C SER D 110 -9.92 40.83 -26.13
N THR D 111 -9.73 39.68 -25.48
CA THR D 111 -9.08 39.64 -24.17
C THR D 111 -8.10 38.47 -24.13
N LEU D 112 -7.14 38.54 -23.22
CA LEU D 112 -6.11 37.51 -23.12
C LEU D 112 -5.47 37.54 -21.74
N THR D 113 -5.26 36.35 -21.15
CA THR D 113 -4.60 36.21 -19.86
C THR D 113 -3.14 35.79 -20.02
N CYS D 114 -2.31 36.25 -19.11
CA CYS D 114 -0.90 35.87 -19.05
C CYS D 114 -0.51 35.77 -17.58
N GLU D 115 -0.11 34.57 -17.15
CA GLU D 115 0.22 34.31 -15.75
C GLU D 115 1.69 34.00 -15.60
N PHE D 116 2.22 34.34 -14.43
CA PHE D 116 3.55 33.92 -14.01
C PHE D 116 3.42 33.10 -12.75
N ILE D 117 4.20 32.01 -12.70
CA ILE D 117 4.13 31.03 -11.62
C ILE D 117 5.56 30.71 -11.20
N GLU D 118 5.77 30.63 -9.88
CA GLU D 118 7.09 30.29 -9.38
C GLU D 118 7.36 28.81 -9.61
N THR D 119 8.59 28.51 -10.05
CA THR D 119 8.94 27.15 -10.41
C THR D 119 10.41 26.90 -10.11
N GLU D 120 10.74 25.65 -9.75
CA GLU D 120 12.12 25.24 -9.53
C GLU D 120 12.51 24.35 -10.70
N LEU D 121 13.48 24.80 -11.52
CA LEU D 121 13.78 24.16 -12.79
C LEU D 121 15.02 23.28 -12.65
N HIS D 122 14.89 22.02 -13.04
CA HIS D 122 16.00 21.10 -13.16
C HIS D 122 16.21 20.84 -14.65
N TYR D 123 17.40 21.17 -15.14
CA TYR D 123 17.70 21.12 -16.56
C TYR D 123 18.73 20.02 -16.82
N PHE D 124 18.35 19.02 -17.61
CA PHE D 124 19.21 17.87 -17.84
C PHE D 124 19.79 17.96 -19.24
N LYS D 125 21.10 17.84 -19.33
CA LYS D 125 21.77 17.95 -20.61
C LYS D 125 22.98 17.03 -20.66
N SER E 1 -8.39 20.92 2.99
CA SER E 1 -6.98 20.57 2.82
C SER E 1 -6.04 21.76 3.03
N MET E 2 -5.45 21.84 4.23
CA MET E 2 -4.32 22.71 4.43
C MET E 2 -3.09 21.94 3.96
N GLY E 3 -1.89 22.44 4.27
CA GLY E 3 -0.74 21.70 3.79
C GLY E 3 -0.52 21.84 2.29
N LYS E 4 0.76 21.79 1.91
CA LYS E 4 1.21 21.97 0.55
C LYS E 4 2.01 20.75 0.14
N THR E 5 2.06 20.50 -1.18
CA THR E 5 2.86 19.41 -1.70
C THR E 5 3.54 19.94 -2.97
N LEU E 6 4.06 19.04 -3.80
CA LEU E 6 4.68 19.45 -5.06
C LEU E 6 4.00 18.80 -6.24
N ARG E 7 4.04 19.49 -7.38
CA ARG E 7 3.79 18.86 -8.67
C ARG E 7 5.03 19.03 -9.54
N PHE E 8 5.20 18.12 -10.48
CA PHE E 8 6.31 18.19 -11.43
C PHE E 8 5.74 18.44 -12.82
N GLU E 9 6.60 18.97 -13.69
CA GLU E 9 6.26 19.04 -15.11
C GLU E 9 7.52 18.85 -15.93
N ILE E 10 7.43 17.96 -16.91
CA ILE E 10 8.52 17.57 -17.80
C ILE E 10 8.07 17.84 -19.22
N VAL E 11 8.97 18.39 -20.05
CA VAL E 11 8.70 18.58 -21.47
C VAL E 11 9.69 17.72 -22.24
N SER E 12 9.18 16.80 -23.06
CA SER E 12 10.01 15.87 -23.81
C SER E 12 9.68 15.90 -25.30
N GLY E 13 10.70 15.88 -26.14
CA GLY E 13 10.52 15.64 -27.54
C GLY E 13 10.17 14.18 -27.77
N VAL E 14 9.86 13.83 -29.02
CA VAL E 14 9.36 12.50 -29.35
C VAL E 14 10.21 11.77 -30.39
N ASN E 15 11.25 12.40 -30.94
CA ASN E 15 12.23 11.78 -31.83
C ASN E 15 11.77 11.01 -33.07
N LYS E 16 10.92 11.67 -33.88
CA LYS E 16 10.36 11.00 -35.06
C LYS E 16 11.46 10.30 -35.84
N GLY E 17 12.64 10.92 -35.91
CA GLY E 17 13.75 10.32 -36.63
C GLY E 17 14.21 8.98 -36.09
N TYR E 18 13.67 8.53 -34.97
CA TYR E 18 14.04 7.27 -34.31
C TYR E 18 12.86 6.34 -34.09
N PHE E 19 11.70 6.85 -33.68
CA PHE E 19 10.52 6.01 -33.46
C PHE E 19 9.56 6.03 -34.64
N HIS E 20 9.64 7.05 -35.49
CA HIS E 20 8.85 7.13 -36.71
C HIS E 20 7.34 7.11 -36.43
N THR E 21 6.91 7.85 -35.41
CA THR E 21 5.48 8.04 -35.23
C THR E 21 4.94 9.02 -36.27
N ASN E 22 3.68 8.81 -36.65
CA ASN E 22 3.04 9.53 -37.75
C ASN E 22 1.90 10.45 -37.32
N SER E 23 1.65 10.58 -36.02
CA SER E 23 0.56 11.44 -35.58
C SER E 23 0.77 11.78 -34.12
N GLN E 24 0.07 12.84 -33.67
N GLN E 24 0.08 12.84 -33.68
CA GLN E 24 0.15 13.26 -32.28
CA GLN E 24 0.17 13.24 -32.27
C GLN E 24 -0.48 12.25 -31.34
C GLN E 24 -0.41 12.17 -31.36
N SER E 25 -1.40 11.41 -31.84
CA SER E 25 -1.91 10.31 -31.03
C SER E 25 -0.86 9.21 -30.86
N GLU E 26 -0.12 8.91 -31.93
CA GLU E 26 0.92 7.89 -31.85
C GLU E 26 2.04 8.32 -30.91
N SER E 27 2.46 9.58 -31.00
CA SER E 27 3.50 10.10 -30.09
C SER E 27 3.07 10.00 -28.65
N LEU E 28 1.78 10.26 -28.38
CA LEU E 28 1.31 10.23 -27.00
C LEU E 28 1.31 8.81 -26.45
N ASP E 29 0.85 7.84 -27.24
CA ASP E 29 0.88 6.46 -26.77
C ASP E 29 2.31 5.97 -26.59
N LEU E 30 3.21 6.41 -27.47
CA LEU E 30 4.62 6.05 -27.34
C LEU E 30 5.20 6.55 -26.02
N VAL E 31 5.05 7.84 -25.73
CA VAL E 31 5.60 8.35 -24.49
C VAL E 31 4.89 7.74 -23.29
N GLY E 32 3.56 7.60 -23.39
CA GLY E 32 2.80 7.01 -22.30
C GLY E 32 3.25 5.61 -21.95
N GLY E 33 3.49 4.77 -22.96
CA GLY E 33 3.93 3.41 -22.68
C GLY E 33 5.32 3.36 -22.09
N ILE E 34 6.21 4.26 -22.54
CA ILE E 34 7.56 4.30 -22.00
C ILE E 34 7.54 4.76 -20.55
N TRP E 35 6.79 5.82 -20.24
CA TRP E 35 6.61 6.25 -18.85
C TRP E 35 6.03 5.12 -18.01
N GLN E 36 4.98 4.48 -18.52
CA GLN E 36 4.31 3.43 -17.76
C GLN E 36 5.30 2.35 -17.35
N LYS E 37 6.21 2.00 -18.27
CA LYS E 37 7.20 0.96 -17.97
C LYS E 37 8.23 1.45 -16.96
N ILE E 38 8.82 2.64 -17.17
CA ILE E 38 9.86 3.07 -16.24
C ILE E 38 9.27 3.39 -14.87
N ALA E 39 8.02 3.88 -14.81
CA ALA E 39 7.40 4.12 -13.51
C ALA E 39 7.13 2.80 -12.78
N LYS E 40 6.74 1.75 -13.51
CA LYS E 40 6.50 0.46 -12.88
C LYS E 40 7.79 -0.11 -12.29
N GLU E 41 8.86 -0.09 -13.08
CA GLU E 41 10.14 -0.61 -12.64
C GLU E 41 10.67 0.17 -11.44
N GLU E 42 10.41 1.47 -11.37
CA GLU E 42 10.87 2.27 -10.25
C GLU E 42 10.02 2.03 -9.00
N PHE E 43 8.71 1.84 -9.15
CA PHE E 43 7.87 1.48 -8.01
C PHE E 43 8.36 0.21 -7.34
N GLU E 44 8.82 -0.76 -8.13
CA GLU E 44 9.31 -2.01 -7.55
C GLU E 44 10.54 -1.79 -6.67
N LYS E 45 11.35 -0.78 -6.97
CA LYS E 45 12.55 -0.53 -6.17
C LYS E 45 12.28 0.33 -4.96
N SER E 46 11.38 1.31 -5.06
CA SER E 46 11.22 2.32 -4.02
C SER E 46 9.82 2.40 -3.40
N ASN E 47 8.83 1.67 -3.92
CA ASN E 47 7.44 1.78 -3.51
C ASN E 47 6.89 3.20 -3.72
N ILE E 48 7.51 3.95 -4.63
CA ILE E 48 6.98 5.22 -5.11
C ILE E 48 6.59 5.04 -6.56
N TYR E 49 5.29 5.21 -6.85
CA TYR E 49 4.78 5.17 -8.21
C TYR E 49 4.52 6.62 -8.62
N VAL E 50 5.33 7.13 -9.56
CA VAL E 50 5.12 8.48 -10.08
C VAL E 50 4.19 8.37 -11.29
N SER E 51 2.90 8.61 -11.07
CA SER E 51 1.98 8.71 -12.19
C SER E 51 2.09 10.08 -12.85
N ALA E 52 1.70 10.14 -14.12
CA ALA E 52 1.91 11.31 -14.95
C ALA E 52 0.71 11.53 -15.86
N VAL E 53 0.25 12.77 -15.91
CA VAL E 53 -0.78 13.19 -16.86
C VAL E 53 -0.06 13.76 -18.08
N ILE E 54 -0.28 13.18 -19.25
CA ILE E 54 0.51 13.55 -20.43
C ILE E 54 -0.39 14.28 -21.42
N LYS E 55 0.16 15.34 -22.04
CA LYS E 55 -0.60 16.15 -22.97
C LYS E 55 0.20 16.36 -24.25
N PRO E 56 -0.47 16.36 -25.40
CA PRO E 56 0.22 16.65 -26.66
C PRO E 56 0.55 18.12 -26.75
N SER E 57 1.62 18.45 -27.46
CA SER E 57 2.08 19.83 -27.49
C SER E 57 2.95 20.04 -28.70
N LYS E 58 3.28 21.30 -28.95
CA LYS E 58 4.34 21.66 -29.88
C LYS E 58 5.21 22.69 -29.18
N THR E 59 6.52 22.52 -29.25
CA THR E 59 7.43 23.44 -28.59
C THR E 59 8.08 24.33 -29.65
N VAL E 60 7.92 25.64 -29.49
CA VAL E 60 8.30 26.62 -30.51
C VAL E 60 9.58 27.30 -30.05
N TYR E 61 10.62 27.24 -30.91
CA TYR E 61 11.86 27.93 -30.65
C TYR E 61 12.51 28.29 -31.98
N ASN E 62 13.71 28.85 -31.91
CA ASN E 62 14.37 29.42 -33.09
C ASN E 62 14.68 28.33 -34.10
N GLN E 63 14.19 28.52 -35.34
CA GLN E 63 14.53 27.62 -36.44
C GLN E 63 16.04 27.52 -36.65
N GLU E 64 16.77 28.60 -36.34
CA GLU E 64 18.22 28.53 -36.44
C GLU E 64 18.82 27.53 -35.44
N TRP E 65 18.14 27.27 -34.34
CA TRP E 65 18.61 26.27 -33.38
C TRP E 65 18.01 24.90 -33.64
N GLY E 66 17.41 24.68 -34.80
CA GLY E 66 16.93 23.37 -35.19
C GLY E 66 15.43 23.16 -35.10
N CYS E 67 14.68 24.15 -34.64
CA CYS E 67 13.23 23.95 -34.50
C CYS E 67 12.57 23.84 -35.87
N PRO E 68 11.71 22.84 -36.11
CA PRO E 68 10.91 22.84 -37.34
C PRO E 68 10.05 24.09 -37.41
N GLU E 69 9.67 24.47 -38.64
CA GLU E 69 8.75 25.58 -38.81
C GLU E 69 7.43 25.25 -38.12
N ASN E 70 6.96 26.15 -37.25
CA ASN E 70 5.73 26.09 -36.45
C ASN E 70 5.90 25.28 -35.17
N GLY E 71 7.07 24.69 -34.92
CA GLY E 71 7.34 24.05 -33.65
C GLY E 71 7.61 22.55 -33.76
N GLU E 72 8.30 22.02 -32.74
CA GLU E 72 8.65 20.60 -32.67
C GLU E 72 7.60 19.88 -31.83
N GLU E 73 7.14 18.73 -32.32
CA GLU E 73 6.16 17.93 -31.61
C GLU E 73 6.75 17.41 -30.30
N THR E 74 6.04 17.65 -29.19
CA THR E 74 6.51 17.34 -27.85
C THR E 74 5.35 16.78 -27.02
N VAL E 75 5.69 16.22 -25.86
CA VAL E 75 4.71 15.81 -24.87
C VAL E 75 5.05 16.47 -23.54
N VAL E 76 4.03 16.98 -22.86
CA VAL E 76 4.18 17.51 -21.50
C VAL E 76 3.69 16.45 -20.51
N LEU E 77 4.50 16.14 -19.50
CA LEU E 77 4.12 15.18 -18.47
C LEU E 77 4.06 15.92 -17.13
N THR E 78 2.94 15.78 -16.41
CA THR E 78 2.78 16.48 -15.15
C THR E 78 2.16 15.55 -14.12
N GLY E 79 2.51 15.75 -12.84
CA GLY E 79 1.91 14.89 -11.82
C GLY E 79 2.15 15.43 -10.43
N VAL E 80 1.27 15.06 -9.52
CA VAL E 80 1.28 15.60 -8.16
C VAL E 80 1.81 14.53 -7.22
N ALA E 81 2.43 14.97 -6.13
CA ALA E 81 2.82 14.09 -5.03
C ALA E 81 1.64 14.02 -4.08
N ASN E 82 0.87 12.95 -4.17
CA ASN E 82 -0.35 12.80 -3.38
C ASN E 82 0.02 12.22 -2.02
N GLU E 83 -0.19 13.00 -0.96
CA GLU E 83 0.15 12.56 0.40
C GLU E 83 -0.58 11.28 0.79
N GLU E 84 -1.73 11.00 0.18
CA GLU E 84 -2.40 9.72 0.40
C GLU E 84 -1.49 8.54 0.07
N PHE E 85 -0.57 8.72 -0.89
CA PHE E 85 0.30 7.65 -1.37
C PHE E 85 1.76 7.84 -0.99
N VAL E 86 2.21 9.07 -0.82
CA VAL E 86 3.62 9.43 -0.72
C VAL E 86 3.90 9.85 0.71
N ASP E 87 4.70 9.06 1.42
CA ASP E 87 5.05 9.37 2.79
C ASP E 87 6.14 10.43 2.86
N ASP E 88 7.05 10.46 1.88
CA ASP E 88 8.26 11.28 1.94
C ASP E 88 8.36 12.15 0.68
N ILE E 89 8.10 13.46 0.83
CA ILE E 89 8.07 14.33 -0.35
C ILE E 89 9.45 14.46 -0.97
N GLU E 90 10.50 14.47 -0.15
CA GLU E 90 11.85 14.60 -0.70
C GLU E 90 12.24 13.36 -1.48
N LYS E 91 11.89 12.18 -0.96
CA LYS E 91 12.15 10.95 -1.68
C LYS E 91 11.36 10.91 -2.99
N TRP E 92 10.12 11.40 -2.98
CA TRP E 92 9.35 11.49 -4.21
C TRP E 92 10.06 12.39 -5.22
N LYS E 93 10.58 13.53 -4.76
CA LYS E 93 11.23 14.47 -5.66
C LYS E 93 12.46 13.85 -6.31
N ASP E 94 13.28 13.15 -5.53
CA ASP E 94 14.43 12.45 -6.10
C ASP E 94 13.98 11.40 -7.12
N THR E 95 12.84 10.75 -6.88
CA THR E 95 12.37 9.72 -7.81
C THR E 95 11.93 10.35 -9.13
N VAL E 96 11.24 11.49 -9.07
CA VAL E 96 10.88 12.20 -10.29
C VAL E 96 12.13 12.57 -11.06
N ILE E 97 13.14 13.09 -10.35
CA ILE E 97 14.39 13.46 -11.01
C ILE E 97 15.02 12.25 -11.69
N LYS E 98 15.05 11.11 -10.99
CA LYS E 98 15.55 9.86 -11.57
C LYS E 98 14.82 9.50 -12.85
N LEU E 99 13.48 9.58 -12.82
CA LEU E 99 12.68 9.15 -13.97
C LEU E 99 12.79 10.13 -15.12
N ALA E 100 12.94 11.42 -14.80
CA ALA E 100 13.16 12.42 -15.86
C ALA E 100 14.42 12.10 -16.67
N LYS E 101 15.53 11.82 -15.98
CA LYS E 101 16.77 11.45 -16.68
C LYS E 101 16.59 10.15 -17.46
N GLU E 102 15.80 9.22 -16.92
CA GLU E 102 15.60 7.97 -17.63
C GLU E 102 14.73 8.18 -18.85
N LEU E 103 13.71 9.03 -18.75
CA LEU E 103 12.89 9.35 -19.92
C LEU E 103 13.71 10.07 -20.97
N LYS E 104 14.51 11.06 -20.55
CA LYS E 104 15.40 11.75 -21.49
C LYS E 104 16.23 10.74 -22.29
N ASN E 105 16.77 9.74 -21.60
CA ASN E 105 17.61 8.75 -22.25
C ASN E 105 16.79 7.84 -23.16
N GLN E 106 15.64 7.37 -22.68
CA GLN E 106 14.84 6.45 -23.48
C GLN E 106 14.24 7.13 -24.71
N MET E 107 13.88 8.41 -24.62
CA MET E 107 13.39 9.16 -25.77
C MET E 107 14.52 9.70 -26.66
N LYS E 108 15.78 9.45 -26.30
CA LYS E 108 16.91 9.87 -27.11
C LYS E 108 16.89 11.38 -27.35
N GLN E 109 16.75 12.12 -26.25
CA GLN E 109 16.74 13.58 -26.25
C GLN E 109 18.08 14.09 -25.73
N SER E 110 18.54 15.20 -26.28
CA SER E 110 19.78 15.77 -25.78
C SER E 110 19.57 16.72 -24.60
N THR E 111 18.37 17.30 -24.45
CA THR E 111 18.07 18.17 -23.31
C THR E 111 16.64 17.94 -22.87
N LEU E 112 16.36 18.22 -21.60
CA LEU E 112 15.02 18.02 -21.06
C LEU E 112 14.84 18.84 -19.79
N THR E 113 13.71 19.55 -19.69
CA THR E 113 13.38 20.32 -18.50
C THR E 113 12.48 19.52 -17.57
N CYS E 114 12.70 19.67 -16.27
CA CYS E 114 11.85 19.08 -15.23
C CYS E 114 11.68 20.12 -14.11
N GLU E 115 10.47 20.62 -13.94
CA GLU E 115 10.16 21.67 -12.99
C GLU E 115 9.37 21.13 -11.82
N PHE E 116 9.55 21.73 -10.65
CA PHE E 116 8.74 21.45 -9.47
C PHE E 116 8.02 22.72 -9.07
N ILE E 117 6.73 22.61 -8.77
CA ILE E 117 5.88 23.74 -8.44
C ILE E 117 5.12 23.41 -7.16
N GLU E 118 5.03 24.37 -6.25
CA GLU E 118 4.29 24.16 -5.01
C GLU E 118 2.79 24.20 -5.29
N THR E 119 2.06 23.27 -4.69
CA THR E 119 0.64 23.18 -4.99
C THR E 119 -0.12 22.74 -3.74
N GLU E 120 -1.38 23.19 -3.65
CA GLU E 120 -2.27 22.74 -2.57
C GLU E 120 -3.23 21.71 -3.16
N LEU E 121 -3.07 20.45 -2.78
CA LEU E 121 -3.84 19.35 -3.35
C LEU E 121 -5.07 19.04 -2.50
N HIS E 122 -6.25 19.10 -3.13
CA HIS E 122 -7.48 18.57 -2.55
C HIS E 122 -7.81 17.27 -3.29
N TYR E 123 -7.90 16.17 -2.55
CA TYR E 123 -8.08 14.84 -3.13
C TYR E 123 -9.42 14.30 -2.71
N PHE E 124 -10.30 14.08 -3.68
CA PHE E 124 -11.67 13.63 -3.42
C PHE E 124 -11.78 12.18 -3.78
N LYS E 125 -12.25 11.36 -2.84
CA LYS E 125 -12.32 9.92 -3.08
C LYS E 125 -13.58 9.29 -2.49
N LYS F 4 -1.52 38.98 -7.63
CA LYS F 4 -1.38 37.75 -6.83
C LYS F 4 -2.73 37.09 -6.61
N THR F 5 -2.95 35.93 -7.21
CA THR F 5 -4.25 35.26 -7.15
C THR F 5 -4.00 33.75 -7.18
N LEU F 6 -5.05 32.98 -7.45
CA LEU F 6 -4.96 31.52 -7.47
C LEU F 6 -5.40 30.99 -8.83
N ARG F 7 -4.88 29.82 -9.20
CA ARG F 7 -5.45 29.05 -10.29
C ARG F 7 -5.76 27.67 -9.75
N PHE F 8 -6.74 26.99 -10.37
CA PHE F 8 -6.99 25.59 -10.04
C PHE F 8 -6.59 24.70 -11.20
N GLU F 9 -6.37 23.41 -10.88
CA GLU F 9 -6.22 22.38 -11.91
C GLU F 9 -6.87 21.10 -11.43
N ILE F 10 -7.81 20.58 -12.23
CA ILE F 10 -8.52 19.33 -11.98
C ILE F 10 -8.13 18.33 -13.07
N VAL F 11 -7.90 17.08 -12.67
CA VAL F 11 -7.71 15.97 -13.60
C VAL F 11 -8.90 15.03 -13.44
N SER F 12 -9.65 14.83 -14.52
CA SER F 12 -10.82 13.96 -14.50
C SER F 12 -10.72 12.87 -15.57
N GLY F 13 -11.12 11.65 -15.21
CA GLY F 13 -11.36 10.64 -16.21
C GLY F 13 -12.57 11.00 -17.05
N VAL F 14 -12.79 10.25 -18.13
CA VAL F 14 -13.93 10.51 -19.02
C VAL F 14 -14.92 9.36 -19.09
N ASN F 15 -14.63 8.23 -18.43
CA ASN F 15 -15.53 7.09 -18.33
C ASN F 15 -16.13 6.75 -19.70
N LYS F 16 -15.24 6.33 -20.59
CA LYS F 16 -15.61 6.01 -21.98
C LYS F 16 -16.70 4.94 -22.03
N GLY F 17 -16.61 3.91 -21.18
CA GLY F 17 -17.60 2.86 -21.21
C GLY F 17 -18.99 3.33 -20.83
N TYR F 18 -19.07 4.26 -19.89
CA TYR F 18 -20.37 4.76 -19.45
C TYR F 18 -21.00 5.71 -20.47
N PHE F 19 -20.23 6.67 -20.98
CA PHE F 19 -20.78 7.70 -21.86
C PHE F 19 -20.77 7.32 -23.34
N HIS F 20 -20.11 6.21 -23.70
CA HIS F 20 -20.13 5.71 -25.08
C HIS F 20 -19.50 6.69 -26.06
N THR F 21 -18.37 7.27 -25.69
CA THR F 21 -17.62 8.15 -26.58
C THR F 21 -16.52 7.34 -27.26
N ASN F 22 -16.14 7.77 -28.47
CA ASN F 22 -15.20 7.00 -29.28
C ASN F 22 -14.03 7.82 -29.80
N SER F 23 -13.80 9.00 -29.25
CA SER F 23 -12.64 9.79 -29.65
C SER F 23 -12.32 10.79 -28.56
N GLN F 24 -11.08 11.28 -28.59
CA GLN F 24 -10.66 12.32 -27.67
C GLN F 24 -11.52 13.58 -27.84
N SER F 25 -11.90 13.91 -29.08
CA SER F 25 -12.75 15.08 -29.32
C SER F 25 -14.10 14.93 -28.64
N GLU F 26 -14.71 13.74 -28.73
CA GLU F 26 -16.03 13.56 -28.13
C GLU F 26 -15.97 13.67 -26.61
N SER F 27 -14.93 13.10 -25.99
CA SER F 27 -14.87 13.15 -24.54
C SER F 27 -14.54 14.55 -24.05
N LEU F 28 -13.73 15.30 -24.80
CA LEU F 28 -13.45 16.68 -24.44
C LEU F 28 -14.73 17.51 -24.49
N ASP F 29 -15.50 17.36 -25.58
CA ASP F 29 -16.77 18.07 -25.67
C ASP F 29 -17.76 17.60 -24.61
N LEU F 30 -17.73 16.31 -24.26
CA LEU F 30 -18.60 15.80 -23.20
C LEU F 30 -18.29 16.49 -21.88
N VAL F 31 -17.01 16.55 -21.52
CA VAL F 31 -16.63 17.18 -20.26
C VAL F 31 -16.91 18.67 -20.33
N GLY F 32 -16.58 19.31 -21.45
CA GLY F 32 -16.85 20.73 -21.61
C GLY F 32 -18.31 21.06 -21.42
N GLY F 33 -19.20 20.31 -22.06
CA GLY F 33 -20.63 20.54 -21.90
C GLY F 33 -21.11 20.36 -20.47
N ILE F 34 -20.56 19.37 -19.77
CA ILE F 34 -20.97 19.14 -18.38
C ILE F 34 -20.45 20.27 -17.49
N TRP F 35 -19.21 20.70 -17.70
CA TRP F 35 -18.70 21.84 -16.92
C TRP F 35 -19.49 23.10 -17.21
N GLN F 36 -19.75 23.38 -18.50
CA GLN F 36 -20.51 24.57 -18.87
C GLN F 36 -21.86 24.64 -18.16
N LYS F 37 -22.55 23.49 -18.04
CA LYS F 37 -23.84 23.48 -17.37
C LYS F 37 -23.70 23.80 -15.89
N ILE F 38 -22.81 23.09 -15.20
CA ILE F 38 -22.76 23.30 -13.75
C ILE F 38 -22.19 24.67 -13.42
N ALA F 39 -21.28 25.20 -14.25
CA ALA F 39 -20.77 26.54 -14.00
C ALA F 39 -21.87 27.59 -14.13
N LYS F 40 -22.68 27.48 -15.18
CA LYS F 40 -23.81 28.37 -15.39
C LYS F 40 -24.77 28.32 -14.22
N GLU F 41 -25.16 27.11 -13.80
CA GLU F 41 -26.11 26.97 -12.70
C GLU F 41 -25.56 27.53 -11.40
N GLU F 42 -24.24 27.40 -11.17
CA GLU F 42 -23.65 28.01 -9.97
C GLU F 42 -23.53 29.52 -10.11
N PHE F 43 -23.23 30.01 -11.33
CA PHE F 43 -23.19 31.46 -11.55
C PHE F 43 -24.51 32.11 -11.16
N GLU F 44 -25.64 31.44 -11.43
CA GLU F 44 -26.93 32.03 -11.11
C GLU F 44 -27.16 32.13 -9.61
N LYS F 45 -26.51 31.28 -8.82
CA LYS F 45 -26.70 31.28 -7.37
C LYS F 45 -25.78 32.26 -6.66
N SER F 46 -24.53 32.38 -7.13
CA SER F 46 -23.51 33.08 -6.38
C SER F 46 -22.84 34.22 -7.13
N ASN F 47 -23.13 34.41 -8.41
CA ASN F 47 -22.45 35.39 -9.27
C ASN F 47 -20.96 35.10 -9.42
N ILE F 48 -20.53 33.85 -9.18
CA ILE F 48 -19.17 33.42 -9.48
C ILE F 48 -19.27 32.45 -10.65
N TYR F 49 -18.65 32.80 -11.78
CA TYR F 49 -18.56 31.92 -12.93
C TYR F 49 -17.14 31.36 -12.97
N VAL F 50 -17.02 30.05 -12.75
CA VAL F 50 -15.72 29.40 -12.81
C VAL F 50 -15.51 28.93 -14.25
N SER F 51 -14.80 29.72 -15.04
CA SER F 51 -14.50 29.24 -16.38
C SER F 51 -13.29 28.30 -16.32
N ALA F 52 -13.18 27.42 -17.32
CA ALA F 52 -12.13 26.40 -17.29
C ALA F 52 -11.54 26.20 -18.67
N VAL F 53 -10.21 26.20 -18.74
CA VAL F 53 -9.48 25.80 -19.93
C VAL F 53 -9.29 24.29 -19.83
N ILE F 54 -9.74 23.55 -20.84
CA ILE F 54 -9.75 22.09 -20.76
C ILE F 54 -8.83 21.53 -21.83
N LYS F 55 -7.99 20.58 -21.44
CA LYS F 55 -6.96 20.02 -22.30
C LYS F 55 -7.15 18.52 -22.41
N PRO F 56 -7.10 17.95 -23.61
CA PRO F 56 -7.09 16.49 -23.74
C PRO F 56 -5.76 15.94 -23.21
N SER F 57 -5.83 14.75 -22.63
CA SER F 57 -4.64 14.18 -22.01
C SER F 57 -4.82 12.67 -21.87
N LYS F 58 -3.74 12.01 -21.45
CA LYS F 58 -3.82 10.64 -20.95
C LYS F 58 -3.10 10.60 -19.61
N THR F 59 -3.66 9.89 -18.66
CA THR F 59 -3.03 9.79 -17.36
C THR F 59 -2.44 8.38 -17.22
N VAL F 60 -1.14 8.33 -16.97
CA VAL F 60 -0.37 7.08 -16.98
C VAL F 60 -0.17 6.62 -15.55
N TYR F 61 -0.75 5.48 -15.19
CA TYR F 61 -0.51 4.91 -13.88
C TYR F 61 -0.46 3.39 -14.02
N ASN F 62 -0.40 2.70 -12.89
CA ASN F 62 -0.09 1.28 -12.89
C ASN F 62 -1.22 0.47 -13.53
N GLN F 63 -0.90 -0.36 -14.54
CA GLN F 63 -1.92 -1.26 -15.08
C GLN F 63 -2.54 -2.12 -13.99
N GLU F 64 -1.76 -2.47 -12.95
CA GLU F 64 -2.30 -3.25 -11.83
C GLU F 64 -3.51 -2.59 -11.20
N TRP F 65 -3.56 -1.26 -11.20
CA TRP F 65 -4.59 -0.50 -10.49
C TRP F 65 -5.68 0.04 -11.43
N GLY F 66 -5.76 -0.47 -12.65
CA GLY F 66 -6.85 -0.11 -13.53
C GLY F 66 -6.49 0.70 -14.75
N CYS F 67 -5.21 1.03 -14.95
CA CYS F 67 -4.86 1.88 -16.09
C CYS F 67 -4.73 1.06 -17.37
N PRO F 68 -5.40 1.45 -18.45
CA PRO F 68 -5.13 0.82 -19.75
C PRO F 68 -3.66 0.96 -20.14
N GLU F 69 -3.23 0.07 -21.04
CA GLU F 69 -1.91 0.18 -21.64
C GLU F 69 -1.75 1.56 -22.30
N ASN F 70 -0.66 2.25 -21.97
CA ASN F 70 -0.27 3.56 -22.48
C ASN F 70 -1.05 4.71 -21.84
N GLY F 71 -1.98 4.45 -20.93
CA GLY F 71 -2.63 5.55 -20.24
C GLY F 71 -4.14 5.60 -20.37
N GLU F 72 -4.79 6.16 -19.35
CA GLU F 72 -6.23 6.37 -19.35
C GLU F 72 -6.56 7.72 -19.96
N GLU F 73 -7.56 7.74 -20.83
CA GLU F 73 -7.98 9.00 -21.43
C GLU F 73 -8.57 9.92 -20.37
N THR F 74 -8.06 11.16 -20.29
CA THR F 74 -8.46 12.10 -19.25
C THR F 74 -8.59 13.51 -19.81
N VAL F 75 -9.13 14.40 -19.00
CA VAL F 75 -9.21 15.82 -19.32
C VAL F 75 -8.64 16.61 -18.15
N VAL F 76 -7.81 17.61 -18.45
CA VAL F 76 -7.30 18.52 -17.42
C VAL F 76 -8.07 19.84 -17.54
N LEU F 77 -8.66 20.27 -16.43
CA LEU F 77 -9.39 21.55 -16.35
C LEU F 77 -8.59 22.51 -15.48
N THR F 78 -8.31 23.71 -16.03
CA THR F 78 -7.55 24.72 -15.29
C THR F 78 -8.20 26.09 -15.50
N GLY F 79 -8.12 26.91 -14.47
CA GLY F 79 -8.68 28.26 -14.58
C GLY F 79 -8.12 29.16 -13.50
N VAL F 80 -8.12 30.46 -13.78
CA VAL F 80 -7.58 31.46 -12.87
C VAL F 80 -8.74 32.21 -12.22
N ALA F 81 -8.49 32.72 -11.02
CA ALA F 81 -9.41 33.65 -10.37
C ALA F 81 -8.98 35.05 -10.77
N ASN F 82 -9.74 35.67 -11.67
CA ASN F 82 -9.41 36.97 -12.22
C ASN F 82 -10.02 38.06 -11.34
N GLU F 83 -9.16 38.88 -10.73
CA GLU F 83 -9.61 39.91 -9.78
C GLU F 83 -10.59 40.90 -10.40
N GLU F 84 -10.60 41.02 -11.72
CA GLU F 84 -11.58 41.91 -12.34
C GLU F 84 -12.99 41.39 -12.19
N PHE F 85 -13.15 40.07 -12.05
CA PHE F 85 -14.45 39.45 -11.92
C PHE F 85 -14.73 38.91 -10.53
N VAL F 86 -13.69 38.60 -9.77
CA VAL F 86 -13.83 37.86 -8.52
C VAL F 86 -13.48 38.81 -7.38
N ASP F 87 -14.46 39.08 -6.52
CA ASP F 87 -14.22 39.95 -5.38
C ASP F 87 -13.60 39.21 -4.21
N ASP F 88 -14.02 37.97 -4.00
CA ASP F 88 -13.60 37.20 -2.84
C ASP F 88 -12.92 35.92 -3.32
N ILE F 89 -11.59 35.87 -3.19
CA ILE F 89 -10.81 34.71 -3.62
C ILE F 89 -11.20 33.47 -2.82
N GLU F 90 -11.55 33.65 -1.54
CA GLU F 90 -11.92 32.50 -0.73
C GLU F 90 -13.28 31.95 -1.16
N LYS F 91 -14.20 32.82 -1.55
CA LYS F 91 -15.48 32.33 -2.07
C LYS F 91 -15.28 31.58 -3.38
N TRP F 92 -14.44 32.13 -4.27
CA TRP F 92 -14.12 31.46 -5.53
C TRP F 92 -13.51 30.08 -5.30
N LYS F 93 -12.58 29.99 -4.34
CA LYS F 93 -11.95 28.71 -4.04
C LYS F 93 -12.97 27.69 -3.56
N ASP F 94 -13.85 28.08 -2.62
CA ASP F 94 -14.91 27.17 -2.20
C ASP F 94 -15.81 26.81 -3.36
N THR F 95 -16.01 27.73 -4.31
CA THR F 95 -16.86 27.43 -5.46
C THR F 95 -16.18 26.40 -6.38
N VAL F 96 -14.87 26.54 -6.60
CA VAL F 96 -14.13 25.57 -7.41
C VAL F 96 -14.23 24.18 -6.79
N ILE F 97 -14.02 24.08 -5.47
CA ILE F 97 -14.12 22.80 -4.77
C ILE F 97 -15.51 22.19 -4.96
N LYS F 98 -16.55 23.02 -4.81
CA LYS F 98 -17.92 22.52 -4.99
C LYS F 98 -18.14 21.99 -6.40
N LEU F 99 -17.65 22.72 -7.41
CA LEU F 99 -17.84 22.29 -8.79
C LEU F 99 -17.00 21.07 -9.12
N ALA F 100 -15.78 20.99 -8.58
CA ALA F 100 -14.97 19.79 -8.80
C ALA F 100 -15.67 18.55 -8.27
N LYS F 101 -16.27 18.64 -7.09
CA LYS F 101 -16.99 17.50 -6.53
C LYS F 101 -18.19 17.13 -7.38
N GLU F 102 -18.93 18.14 -7.87
CA GLU F 102 -20.06 17.87 -8.77
C GLU F 102 -19.58 17.23 -10.07
N LEU F 103 -18.43 17.65 -10.58
CA LEU F 103 -17.91 17.05 -11.81
C LEU F 103 -17.52 15.58 -11.58
N LYS F 104 -16.82 15.31 -10.47
CA LYS F 104 -16.51 13.93 -10.10
C LYS F 104 -17.77 13.07 -10.04
N ASN F 105 -18.85 13.62 -9.48
CA ASN F 105 -20.11 12.90 -9.38
C ASN F 105 -20.72 12.65 -10.76
N GLN F 106 -20.84 13.68 -11.58
CA GLN F 106 -21.46 13.52 -12.90
C GLN F 106 -20.58 12.71 -13.85
N MET F 107 -19.27 12.75 -13.69
CA MET F 107 -18.42 11.91 -14.54
C MET F 107 -18.29 10.49 -14.01
N LYS F 108 -18.93 10.16 -12.88
CA LYS F 108 -18.84 8.82 -12.28
C LYS F 108 -17.39 8.42 -12.00
N GLN F 109 -16.60 9.36 -11.49
CA GLN F 109 -15.21 9.10 -11.14
C GLN F 109 -15.10 8.68 -9.68
N SER F 110 -14.28 7.66 -9.43
CA SER F 110 -14.05 7.21 -8.06
C SER F 110 -13.17 8.20 -7.29
N THR F 111 -12.17 8.77 -7.96
CA THR F 111 -11.24 9.71 -7.32
C THR F 111 -11.02 10.91 -8.24
N LEU F 112 -10.68 12.06 -7.65
CA LEU F 112 -10.39 13.24 -8.46
C LEU F 112 -9.47 14.19 -7.70
N THR F 113 -8.48 14.74 -8.39
CA THR F 113 -7.55 15.71 -7.81
C THR F 113 -7.95 17.12 -8.20
N CYS F 114 -7.83 18.04 -7.25
CA CYS F 114 -8.12 19.44 -7.49
C CYS F 114 -7.05 20.24 -6.77
N GLU F 115 -6.15 20.87 -7.54
CA GLU F 115 -5.00 21.55 -6.98
C GLU F 115 -5.21 23.06 -7.09
N PHE F 116 -4.63 23.78 -6.13
CA PHE F 116 -4.59 25.24 -6.17
C PHE F 116 -3.15 25.70 -6.19
N ILE F 117 -2.82 26.61 -7.10
CA ILE F 117 -1.47 27.07 -7.33
C ILE F 117 -1.49 28.60 -7.30
N GLU F 118 -0.50 29.19 -6.64
CA GLU F 118 -0.40 30.65 -6.61
C GLU F 118 0.13 31.17 -7.94
N THR F 119 -0.47 32.27 -8.41
CA THR F 119 -0.16 32.78 -9.74
C THR F 119 -0.33 34.29 -9.78
N GLU F 120 0.42 34.93 -10.67
CA GLU F 120 0.37 36.37 -10.88
C GLU F 120 -0.27 36.61 -12.24
N LEU F 121 -1.51 37.13 -12.24
CA LEU F 121 -2.32 37.27 -13.44
C LEU F 121 -2.16 38.66 -14.05
N HIS F 122 -1.78 38.70 -15.33
CA HIS F 122 -1.83 39.91 -16.13
C HIS F 122 -2.95 39.74 -17.16
N TYR F 123 -3.89 40.66 -17.16
CA TYR F 123 -5.11 40.55 -17.95
C TYR F 123 -5.16 41.69 -18.96
N PHE F 124 -5.32 41.36 -20.24
CA PHE F 124 -5.21 42.33 -21.31
C PHE F 124 -6.54 42.50 -22.02
N LYS F 125 -6.97 43.75 -22.15
CA LYS F 125 -8.20 44.06 -22.85
C LYS F 125 -8.03 45.31 -23.71
N MET G 2 11.26 -7.68 -0.07
CA MET G 2 11.69 -7.72 -1.47
C MET G 2 13.11 -8.27 -1.58
N GLY G 3 13.72 -8.52 -0.43
CA GLY G 3 15.06 -9.03 -0.38
C GLY G 3 16.16 -8.00 -0.38
N LYS G 4 15.85 -6.73 -0.67
CA LYS G 4 16.88 -5.69 -0.71
C LYS G 4 17.47 -5.45 0.68
N THR G 5 18.76 -5.75 0.84
CA THR G 5 19.36 -5.71 2.18
C THR G 5 20.86 -5.48 2.02
N LEU G 6 21.61 -5.73 3.08
CA LEU G 6 23.05 -5.58 3.06
C LEU G 6 23.74 -6.89 3.43
N ARG G 7 24.97 -7.05 2.92
CA ARG G 7 25.93 -8.03 3.42
C ARG G 7 27.18 -7.30 3.88
N PHE G 8 27.91 -7.90 4.82
CA PHE G 8 29.20 -7.39 5.22
C PHE G 8 30.31 -8.33 4.74
N GLU G 9 31.52 -7.78 4.69
CA GLU G 9 32.71 -8.59 4.42
C GLU G 9 33.88 -8.00 5.21
N ILE G 10 34.52 -8.83 6.03
CA ILE G 10 35.62 -8.43 6.91
C ILE G 10 36.84 -9.26 6.54
N VAL G 11 38.00 -8.61 6.49
CA VAL G 11 39.27 -9.29 6.29
C VAL G 11 40.12 -9.12 7.54
N SER G 12 40.60 -10.23 8.08
CA SER G 12 41.35 -10.22 9.33
C SER G 12 42.55 -11.15 9.22
N GLY G 13 43.70 -10.68 9.73
CA GLY G 13 44.83 -11.58 9.92
C GLY G 13 44.58 -12.52 11.10
N VAL G 14 45.43 -13.53 11.20
CA VAL G 14 45.26 -14.59 12.19
C VAL G 14 46.32 -14.59 13.28
N ASN G 15 47.38 -13.80 13.14
CA ASN G 15 48.46 -13.66 14.17
C ASN G 15 48.93 -15.03 14.67
N LYS G 16 49.49 -15.85 13.79
CA LYS G 16 49.88 -17.21 14.18
C LYS G 16 51.02 -17.23 15.19
N GLY G 17 51.60 -16.08 15.52
CA GLY G 17 52.63 -16.03 16.54
C GLY G 17 52.07 -15.78 17.92
N TYR G 18 51.08 -14.90 18.02
CA TYR G 18 50.48 -14.58 19.31
C TYR G 18 49.67 -15.75 19.85
N PHE G 19 48.82 -16.35 19.00
CA PHE G 19 48.00 -17.46 19.47
C PHE G 19 48.72 -18.80 19.47
N HIS G 20 49.94 -18.85 18.91
CA HIS G 20 50.73 -20.08 18.88
C HIS G 20 49.99 -21.18 18.13
N THR G 21 49.45 -20.84 16.96
CA THR G 21 48.80 -21.80 16.08
C THR G 21 49.78 -22.31 15.04
N ASN G 22 49.45 -23.48 14.47
CA ASN G 22 50.39 -24.18 13.61
C ASN G 22 49.73 -24.73 12.34
N SER G 23 48.57 -24.19 11.95
CA SER G 23 47.91 -24.68 10.75
C SER G 23 46.90 -23.64 10.27
N GLN G 24 46.44 -23.81 9.03
CA GLN G 24 45.40 -22.96 8.48
C GLN G 24 44.04 -23.27 9.10
N SER G 25 43.75 -24.56 9.34
CA SER G 25 42.48 -24.94 9.94
C SER G 25 42.41 -24.50 11.39
N GLU G 26 43.51 -24.63 12.11
CA GLU G 26 43.54 -24.12 13.48
C GLU G 26 43.23 -22.63 13.50
N SER G 27 43.80 -21.88 12.55
CA SER G 27 43.52 -20.45 12.48
C SER G 27 42.08 -20.19 12.08
N LEU G 28 41.57 -20.94 11.11
CA LEU G 28 40.16 -20.80 10.76
C LEU G 28 39.27 -21.09 11.96
N ASP G 29 39.56 -22.18 12.68
CA ASP G 29 38.77 -22.53 13.86
C ASP G 29 38.97 -21.53 14.98
N LEU G 30 40.17 -20.98 15.13
CA LEU G 30 40.41 -19.93 16.12
C LEU G 30 39.50 -18.74 15.87
N VAL G 31 39.46 -18.24 14.64
CA VAL G 31 38.65 -17.08 14.30
C VAL G 31 37.17 -17.39 14.48
N GLY G 32 36.74 -18.55 13.98
CA GLY G 32 35.33 -18.93 14.12
C GLY G 32 34.90 -18.99 15.57
N GLY G 33 35.72 -19.59 16.43
CA GLY G 33 35.40 -19.62 17.85
C GLY G 33 35.33 -18.23 18.48
N ILE G 34 36.27 -17.35 18.11
CA ILE G 34 36.21 -15.99 18.62
C ILE G 34 34.97 -15.27 18.11
N TRP G 35 34.67 -15.40 16.81
CA TRP G 35 33.43 -14.81 16.30
C TRP G 35 32.21 -15.37 17.02
N GLN G 36 32.17 -16.68 17.23
CA GLN G 36 31.06 -17.31 17.93
C GLN G 36 30.88 -16.70 19.33
N LYS G 37 31.98 -16.49 20.04
CA LYS G 37 31.90 -15.89 21.37
C LYS G 37 31.33 -14.48 21.31
N ILE G 38 31.90 -13.61 20.48
CA ILE G 38 31.51 -12.20 20.57
C ILE G 38 30.14 -11.98 19.96
N ALA G 39 29.77 -12.75 18.93
CA ALA G 39 28.41 -12.67 18.38
C ALA G 39 27.37 -12.99 19.44
N LYS G 40 27.60 -14.04 20.24
CA LYS G 40 26.62 -14.42 21.24
C LYS G 40 26.53 -13.38 22.36
N GLU G 41 27.69 -12.92 22.87
CA GLU G 41 27.70 -11.85 23.85
C GLU G 41 26.82 -10.69 23.39
N GLU G 42 26.99 -10.27 22.14
CA GLU G 42 26.22 -9.15 21.61
C GLU G 42 24.76 -9.50 21.42
N PHE G 43 24.48 -10.73 20.96
CA PHE G 43 23.08 -11.17 20.84
C PHE G 43 22.37 -11.08 22.19
N GLU G 44 23.05 -11.49 23.27
CA GLU G 44 22.39 -11.47 24.57
C GLU G 44 22.07 -10.06 25.03
N LYS G 45 22.79 -9.07 24.52
CA LYS G 45 22.49 -7.68 24.85
C LYS G 45 21.40 -7.12 23.95
N SER G 46 21.54 -7.25 22.63
CA SER G 46 20.71 -6.51 21.68
C SER G 46 19.66 -7.35 20.95
N ASN G 47 19.65 -8.67 21.13
CA ASN G 47 18.81 -9.60 20.36
C ASN G 47 19.13 -9.57 18.86
N ILE G 48 20.32 -9.15 18.48
CA ILE G 48 20.80 -9.24 17.10
C ILE G 48 22.00 -10.18 17.08
N TYR G 49 21.88 -11.30 16.34
CA TYR G 49 22.96 -12.27 16.19
C TYR G 49 23.53 -12.15 14.79
N VAL G 50 24.79 -11.73 14.69
CA VAL G 50 25.45 -11.53 13.41
C VAL G 50 26.16 -12.84 13.09
N SER G 51 25.50 -13.72 12.36
CA SER G 51 26.17 -14.92 11.88
C SER G 51 27.13 -14.57 10.75
N ALA G 52 28.14 -15.41 10.56
CA ALA G 52 29.19 -15.15 9.57
C ALA G 52 29.64 -16.42 8.88
N VAL G 53 29.87 -16.31 7.58
CA VAL G 53 30.47 -17.35 6.76
C VAL G 53 31.93 -16.99 6.63
N ILE G 54 32.83 -17.88 7.05
CA ILE G 54 34.23 -17.53 7.08
C ILE G 54 35.02 -18.43 6.15
N LYS G 55 35.99 -17.83 5.44
CA LYS G 55 36.69 -18.47 4.35
C LYS G 55 38.19 -18.31 4.54
N PRO G 56 38.97 -19.35 4.26
CA PRO G 56 40.43 -19.24 4.35
C PRO G 56 40.97 -18.42 3.19
N SER G 57 42.09 -17.74 3.43
CA SER G 57 42.64 -16.83 2.44
C SER G 57 44.09 -16.49 2.78
N LYS G 58 44.79 -15.95 1.78
CA LYS G 58 46.04 -15.22 1.98
C LYS G 58 45.87 -13.81 1.43
N THR G 59 46.47 -12.82 2.10
CA THR G 59 46.42 -11.44 1.62
C THR G 59 47.82 -11.02 1.16
N VAL G 60 47.90 -10.55 -0.09
CA VAL G 60 49.16 -10.25 -0.75
C VAL G 60 49.36 -8.74 -0.74
N TYR G 61 50.47 -8.28 -0.18
CA TYR G 61 50.86 -6.87 -0.29
C TYR G 61 52.38 -6.76 -0.28
N ASN G 62 52.85 -5.52 -0.29
CA ASN G 62 54.27 -5.26 -0.52
C ASN G 62 55.11 -5.81 0.64
N GLN G 63 56.05 -6.71 0.31
CA GLN G 63 56.97 -7.24 1.31
C GLN G 63 57.61 -6.15 2.14
N GLU G 64 57.86 -4.98 1.51
CA GLU G 64 58.44 -3.86 2.23
C GLU G 64 57.56 -3.35 3.35
N TRP G 65 56.28 -3.74 3.39
CA TRP G 65 55.38 -3.34 4.44
C TRP G 65 55.17 -4.43 5.46
N GLY G 66 55.94 -5.51 5.39
CA GLY G 66 55.85 -6.60 6.34
C GLY G 66 55.14 -7.84 5.84
N CYS G 67 54.70 -7.87 4.56
CA CYS G 67 53.99 -9.05 4.09
C CYS G 67 54.98 -10.16 3.76
N PRO G 68 54.69 -11.40 4.17
CA PRO G 68 55.53 -12.51 3.75
C PRO G 68 55.43 -12.72 2.25
N GLU G 69 56.41 -13.43 1.71
CA GLU G 69 56.36 -13.80 0.30
C GLU G 69 55.16 -14.72 0.06
N ASN G 70 54.38 -14.41 -0.96
CA ASN G 70 53.19 -15.13 -1.40
C ASN G 70 51.96 -14.79 -0.56
N GLY G 71 52.09 -13.92 0.43
CA GLY G 71 50.92 -13.41 1.13
C GLY G 71 50.86 -13.80 2.58
N GLU G 72 50.13 -13.00 3.37
CA GLU G 72 49.90 -13.29 4.77
C GLU G 72 48.61 -14.08 4.94
N GLU G 73 48.63 -15.09 5.82
CA GLU G 73 47.44 -15.89 6.06
C GLU G 73 46.36 -15.05 6.73
N THR G 74 45.14 -15.09 6.16
CA THR G 74 44.05 -14.24 6.62
C THR G 74 42.74 -15.05 6.60
N VAL G 75 41.70 -14.45 7.16
CA VAL G 75 40.36 -15.04 7.13
C VAL G 75 39.38 -13.97 6.68
N VAL G 76 38.50 -14.33 5.74
CA VAL G 76 37.42 -13.49 5.25
C VAL G 76 36.12 -13.94 5.91
N LEU G 77 35.43 -13.00 6.56
CA LEU G 77 34.13 -13.24 7.18
C LEU G 77 33.08 -12.43 6.44
N THR G 78 31.98 -13.08 6.06
CA THR G 78 30.91 -12.45 5.31
C THR G 78 29.58 -12.86 5.91
N GLY G 79 28.60 -11.97 5.81
CA GLY G 79 27.30 -12.33 6.33
C GLY G 79 26.21 -11.40 5.83
N VAL G 80 24.98 -11.90 5.74
CA VAL G 80 23.87 -11.12 5.23
C VAL G 80 22.98 -10.70 6.39
N ALA G 81 22.34 -9.54 6.23
CA ALA G 81 21.27 -9.12 7.14
C ALA G 81 19.96 -9.73 6.62
N ASN G 82 19.41 -10.68 7.37
CA ASN G 82 18.25 -11.44 6.92
C ASN G 82 17.01 -10.85 7.58
N GLU G 83 16.12 -10.31 6.75
CA GLU G 83 14.90 -9.67 7.22
C GLU G 83 14.03 -10.61 8.06
N GLU G 84 14.16 -11.92 7.88
CA GLU G 84 13.50 -12.87 8.78
C GLU G 84 13.93 -12.65 10.21
N PHE G 85 15.17 -12.19 10.43
CA PHE G 85 15.74 -12.02 11.76
C PHE G 85 16.00 -10.57 12.13
N VAL G 86 16.15 -9.67 11.16
CA VAL G 86 16.57 -8.29 11.41
C VAL G 86 15.41 -7.38 11.04
N ASP G 87 14.93 -6.59 12.02
CA ASP G 87 13.88 -5.60 11.78
C ASP G 87 14.44 -4.22 11.43
N ASP G 88 15.68 -3.92 11.80
CA ASP G 88 16.26 -2.58 11.67
C ASP G 88 17.65 -2.71 11.06
N ILE G 89 17.76 -2.44 9.75
CA ILE G 89 19.03 -2.64 9.05
C ILE G 89 20.12 -1.75 9.65
N GLU G 90 19.78 -0.57 10.14
CA GLU G 90 20.81 0.33 10.67
C GLU G 90 21.35 -0.18 12.00
N LYS G 91 20.48 -0.69 12.88
CA LYS G 91 20.98 -1.31 14.10
C LYS G 91 21.92 -2.47 13.78
N TRP G 92 21.54 -3.29 12.79
CA TRP G 92 22.39 -4.39 12.37
C TRP G 92 23.75 -3.90 11.88
N LYS G 93 23.75 -2.86 11.04
CA LYS G 93 25.02 -2.26 10.59
C LYS G 93 25.90 -1.88 11.78
N ASP G 94 25.32 -1.22 12.78
CA ASP G 94 26.12 -0.80 13.93
C ASP G 94 26.64 -2.00 14.70
N THR G 95 25.84 -3.06 14.82
CA THR G 95 26.29 -4.27 15.47
C THR G 95 27.47 -4.89 14.74
N VAL G 96 27.39 -4.96 13.41
CA VAL G 96 28.50 -5.49 12.62
C VAL G 96 29.76 -4.67 12.86
N ILE G 97 29.64 -3.34 12.90
CA ILE G 97 30.82 -2.50 13.10
C ILE G 97 31.40 -2.72 14.50
N LYS G 98 30.54 -2.76 15.52
CA LYS G 98 30.99 -3.09 16.87
C LYS G 98 31.74 -4.41 16.90
N LEU G 99 31.18 -5.43 16.22
CA LEU G 99 31.80 -6.75 16.23
C LEU G 99 33.10 -6.77 15.46
N ALA G 100 33.17 -6.02 14.35
CA ALA G 100 34.42 -5.96 13.58
C ALA G 100 35.53 -5.31 14.40
N LYS G 101 35.21 -4.25 15.13
CA LYS G 101 36.21 -3.65 16.03
C LYS G 101 36.59 -4.61 17.13
N GLU G 102 35.62 -5.33 17.69
CA GLU G 102 35.95 -6.33 18.69
C GLU G 102 36.85 -7.42 18.10
N LEU G 103 36.53 -7.91 16.90
CA LEU G 103 37.36 -8.96 16.30
C LEU G 103 38.79 -8.46 16.08
N LYS G 104 38.93 -7.25 15.54
CA LYS G 104 40.25 -6.63 15.38
C LYS G 104 41.02 -6.66 16.70
N ASN G 105 40.37 -6.24 17.78
CA ASN G 105 41.04 -6.19 19.08
C ASN G 105 41.41 -7.58 19.58
N GLN G 106 40.51 -8.56 19.41
CA GLN G 106 40.81 -9.91 19.89
C GLN G 106 41.89 -10.57 19.04
N MET G 107 41.89 -10.31 17.74
CA MET G 107 42.91 -10.91 16.88
C MET G 107 44.26 -10.20 16.95
N LYS G 108 44.36 -9.11 17.71
CA LYS G 108 45.59 -8.32 17.81
C LYS G 108 46.05 -7.87 16.42
N GLN G 109 45.20 -7.07 15.78
CA GLN G 109 45.43 -6.59 14.43
C GLN G 109 45.53 -5.06 14.43
N SER G 110 46.49 -4.54 13.66
CA SER G 110 46.65 -3.08 13.56
C SER G 110 45.56 -2.45 12.72
N THR G 111 45.18 -3.12 11.63
CA THR G 111 44.24 -2.58 10.65
C THR G 111 43.25 -3.66 10.24
N LEU G 112 42.02 -3.24 9.95
CA LEU G 112 40.97 -4.19 9.55
C LEU G 112 39.97 -3.49 8.65
N THR G 113 39.64 -4.14 7.52
CA THR G 113 38.61 -3.64 6.61
C THR G 113 37.27 -4.31 6.90
N CYS G 114 36.21 -3.52 6.96
CA CYS G 114 34.84 -4.01 7.07
C CYS G 114 34.01 -3.26 6.04
N GLU G 115 33.51 -3.99 5.04
CA GLU G 115 32.74 -3.45 3.93
C GLU G 115 31.27 -3.84 4.01
N PHE G 116 30.40 -2.95 3.54
CA PHE G 116 29.00 -3.28 3.32
C PHE G 116 28.69 -3.19 1.83
N ILE G 117 27.86 -4.12 1.35
CA ILE G 117 27.51 -4.25 -0.06
C ILE G 117 26.00 -4.46 -0.16
N GLU G 118 25.36 -3.78 -1.12
CA GLU G 118 23.94 -3.98 -1.33
C GLU G 118 23.69 -5.32 -1.99
N THR G 119 22.65 -6.01 -1.53
CA THR G 119 22.42 -7.37 -2.00
C THR G 119 20.93 -7.63 -1.94
N GLU G 120 20.47 -8.50 -2.81
CA GLU G 120 19.07 -8.91 -2.83
C GLU G 120 19.01 -10.35 -2.37
N LEU G 121 18.43 -10.58 -1.20
CA LEU G 121 18.44 -11.89 -0.55
C LEU G 121 17.16 -12.67 -0.87
N HIS G 122 17.33 -13.88 -1.43
CA HIS G 122 16.24 -14.84 -1.55
C HIS G 122 16.50 -15.94 -0.51
N TYR G 123 15.56 -16.10 0.41
CA TYR G 123 15.74 -16.98 1.57
C TYR G 123 14.75 -18.14 1.48
N PHE G 124 15.28 -19.36 1.42
CA PHE G 124 14.45 -20.55 1.25
C PHE G 124 14.43 -21.33 2.56
N LYS G 125 13.24 -21.73 2.98
CA LYS G 125 13.05 -22.45 4.25
C LYS G 125 11.99 -23.53 4.09
N GLY H 3 29.63 -2.98 -18.79
CA GLY H 3 28.87 -4.23 -18.78
C GLY H 3 28.30 -4.60 -17.42
N LYS H 4 27.26 -3.87 -17.00
CA LYS H 4 26.64 -4.06 -15.68
C LYS H 4 25.74 -5.29 -15.73
N THR H 5 25.96 -6.23 -14.82
CA THR H 5 25.20 -7.47 -14.86
C THR H 5 25.19 -7.91 -13.39
N LEU H 6 24.82 -9.16 -13.16
CA LEU H 6 24.59 -9.68 -11.82
C LEU H 6 25.53 -10.84 -11.50
N ARG H 7 25.81 -11.00 -10.21
CA ARG H 7 26.41 -12.22 -9.70
C ARG H 7 25.49 -12.81 -8.64
N PHE H 8 25.57 -14.12 -8.43
CA PHE H 8 24.82 -14.75 -7.35
C PHE H 8 25.79 -15.29 -6.30
N GLU H 9 25.28 -15.48 -5.09
CA GLU H 9 26.04 -16.22 -4.08
C GLU H 9 25.09 -17.06 -3.23
N ILE H 10 25.40 -18.35 -3.11
CA ILE H 10 24.62 -19.32 -2.37
C ILE H 10 25.51 -19.90 -1.27
N VAL H 11 24.97 -20.07 -0.07
CA VAL H 11 25.67 -20.72 1.04
C VAL H 11 24.90 -21.98 1.39
N SER H 12 25.54 -23.13 1.25
CA SER H 12 24.89 -24.43 1.47
C SER H 12 25.69 -25.27 2.45
N GLY H 13 24.98 -25.92 3.37
CA GLY H 13 25.57 -26.99 4.15
C GLY H 13 25.44 -28.32 3.44
N VAL H 14 25.88 -29.38 4.11
CA VAL H 14 25.84 -30.75 3.58
C VAL H 14 25.30 -31.65 4.68
N ASN H 15 24.13 -32.26 4.45
CA ASN H 15 23.48 -33.01 5.52
C ASN H 15 24.20 -34.35 5.72
N LYS H 16 24.82 -34.53 6.88
CA LYS H 16 25.59 -35.75 7.17
C LYS H 16 24.72 -37.00 7.24
N GLY H 17 23.40 -36.87 7.40
CA GLY H 17 22.52 -38.02 7.30
C GLY H 17 22.45 -38.64 5.90
N TYR H 18 22.93 -37.92 4.88
CA TYR H 18 22.82 -38.35 3.50
C TYR H 18 24.17 -38.46 2.77
N PHE H 19 25.18 -37.73 3.21
CA PHE H 19 26.47 -37.69 2.54
C PHE H 19 27.56 -37.77 3.60
N HIS H 20 28.54 -38.64 3.38
CA HIS H 20 29.64 -38.81 4.32
C HIS H 20 30.95 -38.42 3.62
N THR H 21 31.63 -37.43 4.18
CA THR H 21 32.92 -36.95 3.69
C THR H 21 33.88 -36.80 4.86
N ASN H 22 35.18 -36.81 4.57
CA ASN H 22 36.19 -36.77 5.61
C ASN H 22 37.08 -35.54 5.58
N SER H 23 36.84 -34.61 4.67
CA SER H 23 37.66 -33.40 4.59
C SER H 23 36.85 -32.32 3.87
N GLN H 24 37.21 -31.06 4.15
CA GLN H 24 36.55 -29.97 3.42
C GLN H 24 36.81 -30.06 1.93
N SER H 25 37.95 -30.62 1.54
CA SER H 25 38.22 -30.87 0.12
C SER H 25 37.22 -31.86 -0.47
N GLU H 26 36.94 -32.95 0.23
CA GLU H 26 35.94 -33.92 -0.26
C GLU H 26 34.54 -33.32 -0.28
N SER H 27 34.18 -32.55 0.75
CA SER H 27 32.91 -31.80 0.74
C SER H 27 32.81 -30.88 -0.47
N LEU H 28 33.92 -30.23 -0.81
CA LEU H 28 33.91 -29.30 -1.92
C LEU H 28 33.68 -30.05 -3.23
N ASP H 29 34.37 -31.17 -3.44
CA ASP H 29 34.16 -31.96 -4.65
C ASP H 29 32.76 -32.52 -4.72
N LEU H 30 32.20 -32.91 -3.57
CA LEU H 30 30.85 -33.41 -3.52
C LEU H 30 29.86 -32.38 -4.04
N VAL H 31 29.89 -31.18 -3.46
CA VAL H 31 28.95 -30.15 -3.88
C VAL H 31 29.23 -29.74 -5.32
N GLY H 32 30.52 -29.68 -5.69
CA GLY H 32 30.87 -29.37 -7.07
C GLY H 32 30.25 -30.33 -8.07
N GLY H 33 30.37 -31.63 -7.81
CA GLY H 33 29.82 -32.61 -8.74
C GLY H 33 28.30 -32.56 -8.78
N ILE H 34 27.67 -32.29 -7.64
CA ILE H 34 26.21 -32.17 -7.64
C ILE H 34 25.78 -30.96 -8.43
N TRP H 35 26.43 -29.81 -8.20
CA TRP H 35 26.13 -28.61 -8.98
C TRP H 35 26.33 -28.86 -10.47
N GLN H 36 27.44 -29.48 -10.83
CA GLN H 36 27.74 -29.77 -12.22
C GLN H 36 26.63 -30.56 -12.87
N LYS H 37 26.04 -31.50 -12.13
CA LYS H 37 24.96 -32.32 -12.69
C LYS H 37 23.68 -31.50 -12.85
N ILE H 38 23.25 -30.81 -11.80
CA ILE H 38 21.98 -30.09 -11.94
C ILE H 38 22.11 -28.89 -12.88
N ALA H 39 23.30 -28.28 -12.96
CA ALA H 39 23.45 -27.16 -13.90
C ALA H 39 23.35 -27.66 -15.34
N LYS H 40 23.92 -28.83 -15.61
CA LYS H 40 23.82 -29.39 -16.96
C LYS H 40 22.40 -29.80 -17.29
N GLU H 41 21.71 -30.43 -16.34
CA GLU H 41 20.31 -30.81 -16.58
C GLU H 41 19.49 -29.58 -17.00
N GLU H 42 19.70 -28.46 -16.31
CA GLU H 42 18.92 -27.27 -16.63
C GLU H 42 19.37 -26.63 -17.95
N PHE H 43 20.68 -26.61 -18.21
CA PHE H 43 21.19 -26.16 -19.50
C PHE H 43 20.53 -26.90 -20.66
N GLU H 44 20.35 -28.21 -20.54
CA GLU H 44 19.73 -28.98 -21.62
C GLU H 44 18.25 -28.65 -21.82
N LYS H 45 17.62 -27.94 -20.88
CA LYS H 45 16.23 -27.51 -21.04
C LYS H 45 16.12 -26.06 -21.47
N SER H 46 17.08 -25.22 -21.11
CA SER H 46 16.89 -23.78 -21.21
C SER H 46 17.98 -23.05 -21.96
N ASN H 47 19.11 -23.69 -22.29
CA ASN H 47 20.29 -23.07 -22.88
C ASN H 47 20.95 -22.06 -21.94
N ILE H 48 20.67 -22.14 -20.65
CA ILE H 48 21.36 -21.33 -19.65
C ILE H 48 22.17 -22.27 -18.76
N TYR H 49 23.49 -22.12 -18.76
CA TYR H 49 24.36 -22.92 -17.91
C TYR H 49 24.89 -22.01 -16.82
N VAL H 50 24.45 -22.23 -15.59
CA VAL H 50 24.89 -21.43 -14.45
C VAL H 50 26.15 -22.09 -13.91
N SER H 51 27.30 -21.62 -14.39
CA SER H 51 28.59 -22.06 -13.87
C SER H 51 28.84 -21.36 -12.53
N ALA H 52 29.62 -22.01 -11.66
CA ALA H 52 29.78 -21.50 -10.31
C ALA H 52 31.22 -21.67 -9.83
N VAL H 53 31.70 -20.66 -9.12
CA VAL H 53 32.97 -20.72 -8.42
C VAL H 53 32.66 -21.11 -6.98
N ILE H 54 33.19 -22.23 -6.52
CA ILE H 54 32.83 -22.75 -5.21
C ILE H 54 34.02 -22.67 -4.26
N LYS H 55 33.76 -22.28 -3.01
CA LYS H 55 34.80 -22.08 -2.01
C LYS H 55 34.43 -22.79 -0.71
N PRO H 56 35.40 -23.43 -0.06
CA PRO H 56 35.14 -24.02 1.27
C PRO H 56 34.99 -22.93 2.31
N SER H 57 34.20 -23.23 3.35
CA SER H 57 33.90 -22.23 4.36
C SER H 57 33.37 -22.91 5.62
N LYS H 58 33.25 -22.13 6.67
CA LYS H 58 32.55 -22.55 7.87
C LYS H 58 31.57 -21.46 8.24
N THR H 59 30.34 -21.84 8.51
CA THR H 59 29.33 -20.87 8.90
C THR H 59 29.15 -20.88 10.41
N VAL H 60 29.29 -19.71 11.02
CA VAL H 60 29.33 -19.55 12.48
C VAL H 60 28.02 -18.94 12.93
N TYR H 61 27.26 -19.69 13.72
CA TYR H 61 26.03 -19.20 14.33
C TYR H 61 25.95 -19.80 15.74
N ASN H 62 24.84 -19.56 16.41
CA ASN H 62 24.69 -19.91 17.82
C ASN H 62 24.69 -21.43 18.03
N GLN H 63 25.56 -21.92 18.92
CA GLN H 63 25.54 -23.34 19.24
C GLN H 63 24.18 -23.78 19.77
N GLU H 64 23.42 -22.87 20.39
CA GLU H 64 22.08 -23.20 20.85
C GLU H 64 21.13 -23.54 19.70
N TRP H 65 21.44 -23.12 18.48
CA TRP H 65 20.62 -23.41 17.31
C TRP H 65 21.17 -24.53 16.46
N GLY H 66 22.16 -25.28 16.95
CA GLY H 66 22.70 -26.42 16.24
C GLY H 66 24.09 -26.24 15.67
N CYS H 67 24.70 -25.06 15.74
CA CYS H 67 26.02 -24.88 15.13
C CYS H 67 27.08 -25.63 15.92
N PRO H 68 27.94 -26.41 15.27
CA PRO H 68 29.12 -26.94 15.97
C PRO H 68 29.97 -25.80 16.52
N GLU H 69 30.73 -26.13 17.57
CA GLU H 69 31.75 -25.20 18.05
C GLU H 69 32.70 -24.86 16.91
N ASN H 70 32.95 -23.56 16.72
CA ASN H 70 33.84 -22.97 15.73
C ASN H 70 33.19 -22.91 14.33
N GLY H 71 31.98 -23.41 14.14
CA GLY H 71 31.33 -23.26 12.85
C GLY H 71 30.95 -24.55 12.16
N GLU H 72 29.95 -24.48 11.30
CA GLU H 72 29.50 -25.62 10.51
C GLU H 72 30.15 -25.59 9.13
N GLU H 73 30.65 -26.73 8.68
CA GLU H 73 31.30 -26.83 7.38
C GLU H 73 30.31 -26.61 6.25
N THR H 74 30.62 -25.68 5.34
CA THR H 74 29.69 -25.23 4.30
C THR H 74 30.47 -24.98 3.01
N VAL H 75 29.72 -24.73 1.93
CA VAL H 75 30.30 -24.38 0.64
C VAL H 75 29.63 -23.09 0.17
N VAL H 76 30.43 -22.15 -0.33
CA VAL H 76 29.92 -20.89 -0.90
C VAL H 76 30.03 -21.01 -2.41
N LEU H 77 28.92 -20.82 -3.11
CA LEU H 77 28.89 -20.90 -4.57
C LEU H 77 28.58 -19.53 -5.12
N THR H 78 29.42 -19.05 -6.02
CA THR H 78 29.23 -17.71 -6.59
C THR H 78 29.46 -17.77 -8.09
N GLY H 79 28.78 -16.89 -8.83
CA GLY H 79 28.92 -16.91 -10.28
C GLY H 79 28.33 -15.68 -10.92
N VAL H 80 28.88 -15.27 -12.06
CA VAL H 80 28.47 -14.06 -12.75
C VAL H 80 27.61 -14.43 -13.94
N ALA H 81 26.70 -13.54 -14.31
CA ALA H 81 25.96 -13.65 -15.57
C ALA H 81 26.79 -12.94 -16.65
N ASN H 82 27.44 -13.72 -17.49
CA ASN H 82 28.35 -13.20 -18.50
C ASN H 82 27.55 -12.89 -19.77
N GLU H 83 27.51 -11.62 -20.15
CA GLU H 83 26.78 -11.17 -21.33
C GLU H 83 27.18 -11.91 -22.60
N GLU H 84 28.39 -12.45 -22.67
CA GLU H 84 28.71 -13.21 -23.86
C GLU H 84 27.86 -14.46 -23.97
N PHE H 85 27.46 -15.05 -22.85
CA PHE H 85 26.67 -16.28 -22.85
C PHE H 85 25.20 -16.05 -22.56
N VAL H 86 24.86 -14.98 -21.84
CA VAL H 86 23.53 -14.81 -21.27
C VAL H 86 22.83 -13.71 -22.05
N ASP H 87 21.80 -14.10 -22.80
CA ASP H 87 20.99 -13.13 -23.55
C ASP H 87 19.99 -12.41 -22.65
N ASP H 88 19.46 -13.09 -21.64
CA ASP H 88 18.30 -12.63 -20.87
C ASP H 88 18.65 -12.74 -19.39
N ILE H 89 18.96 -11.61 -18.76
CA ILE H 89 19.43 -11.61 -17.37
C ILE H 89 18.35 -12.11 -16.43
N GLU H 90 17.07 -11.84 -16.74
CA GLU H 90 15.99 -12.26 -15.86
C GLU H 90 15.76 -13.77 -15.94
N LYS H 91 15.91 -14.34 -17.12
CA LYS H 91 15.84 -15.80 -17.26
C LYS H 91 16.99 -16.47 -16.51
N TRP H 92 18.17 -15.86 -16.56
CA TRP H 92 19.31 -16.36 -15.80
C TRP H 92 19.01 -16.32 -14.32
N LYS H 93 18.51 -15.18 -13.84
CA LYS H 93 18.16 -15.04 -12.43
C LYS H 93 17.15 -16.09 -11.99
N ASP H 94 16.12 -16.34 -12.81
CA ASP H 94 15.16 -17.41 -12.51
C ASP H 94 15.82 -18.78 -12.47
N THR H 95 16.82 -19.01 -13.34
CA THR H 95 17.52 -20.29 -13.39
C THR H 95 18.35 -20.49 -12.12
N VAL H 96 19.03 -19.43 -11.67
CA VAL H 96 19.79 -19.50 -10.43
C VAL H 96 18.89 -19.89 -9.26
N ILE H 97 17.72 -19.24 -9.17
CA ILE H 97 16.79 -19.55 -8.08
C ILE H 97 16.33 -20.99 -8.15
N LYS H 98 16.01 -21.47 -9.36
CA LYS H 98 15.60 -22.86 -9.52
C LYS H 98 16.70 -23.81 -9.07
N LEU H 99 17.94 -23.55 -9.49
CA LEU H 99 19.07 -24.37 -9.07
C LEU H 99 19.33 -24.28 -7.58
N ALA H 100 19.16 -23.09 -6.99
CA ALA H 100 19.39 -22.94 -5.55
C ALA H 100 18.41 -23.79 -4.76
N LYS H 101 17.15 -23.86 -5.20
CA LYS H 101 16.16 -24.68 -4.51
C LYS H 101 16.43 -26.16 -4.73
N GLU H 102 16.88 -26.54 -5.93
CA GLU H 102 17.25 -27.93 -6.16
C GLU H 102 18.44 -28.32 -5.29
N LEU H 103 19.42 -27.42 -5.16
CA LEU H 103 20.58 -27.71 -4.32
C LEU H 103 20.15 -27.90 -2.87
N LYS H 104 19.29 -27.00 -2.38
CA LYS H 104 18.76 -27.12 -1.03
C LYS H 104 18.14 -28.50 -0.79
N ASN H 105 17.38 -29.00 -1.76
CA ASN H 105 16.75 -30.31 -1.58
C ASN H 105 17.80 -31.42 -1.63
N GLN H 106 18.65 -31.40 -2.67
CA GLN H 106 19.66 -32.45 -2.81
C GLN H 106 20.59 -32.52 -1.59
N MET H 107 20.98 -31.36 -1.04
CA MET H 107 21.83 -31.33 0.15
C MET H 107 21.05 -31.50 1.45
N LYS H 108 19.71 -31.58 1.35
CA LYS H 108 18.82 -31.76 2.50
C LYS H 108 19.07 -30.72 3.59
N GLN H 109 19.12 -29.46 3.16
CA GLN H 109 19.27 -28.33 4.05
C GLN H 109 17.91 -27.81 4.46
N SER H 110 17.81 -27.37 5.71
CA SER H 110 16.54 -26.81 6.18
C SER H 110 16.33 -25.39 5.67
N THR H 111 17.41 -24.60 5.59
CA THR H 111 17.35 -23.23 5.08
C THR H 111 18.54 -23.01 4.14
N LEU H 112 18.38 -22.02 3.25
CA LEU H 112 19.45 -21.72 2.31
C LEU H 112 19.28 -20.30 1.82
N THR H 113 20.40 -19.55 1.75
CA THR H 113 20.40 -18.19 1.22
C THR H 113 20.90 -18.16 -0.22
N CYS H 114 20.27 -17.29 -1.01
CA CYS H 114 20.65 -17.05 -2.40
C CYS H 114 20.57 -15.55 -2.61
N GLU H 115 21.71 -14.90 -2.83
CA GLU H 115 21.80 -13.45 -2.97
C GLU H 115 22.17 -13.09 -4.40
N PHE H 116 21.67 -11.94 -4.86
CA PHE H 116 22.09 -11.35 -6.14
C PHE H 116 22.69 -9.98 -5.87
N ILE H 117 23.84 -9.72 -6.51
CA ILE H 117 24.60 -8.50 -6.30
C ILE H 117 24.90 -7.86 -7.66
N GLU H 118 24.67 -6.55 -7.77
CA GLU H 118 25.00 -5.85 -9.01
C GLU H 118 26.50 -5.78 -9.19
N THR H 119 26.95 -6.05 -10.42
CA THR H 119 28.37 -6.11 -10.69
C THR H 119 28.64 -5.59 -12.10
N GLU H 120 29.87 -5.11 -12.32
CA GLU H 120 30.32 -4.66 -13.63
C GLU H 120 31.40 -5.62 -14.10
N LEU H 121 31.10 -6.41 -15.12
CA LEU H 121 31.98 -7.47 -15.59
C LEU H 121 32.86 -6.99 -16.72
N HIS H 122 34.17 -7.16 -16.56
CA HIS H 122 35.14 -7.02 -17.63
C HIS H 122 35.66 -8.42 -17.96
N TYR H 123 35.37 -8.89 -19.16
CA TYR H 123 35.72 -10.25 -19.59
C TYR H 123 36.88 -10.19 -20.57
N PHE H 124 37.98 -10.86 -20.23
CA PHE H 124 39.19 -10.89 -21.05
C PHE H 124 39.31 -12.24 -21.73
N LYS H 125 39.40 -12.24 -23.05
CA LYS H 125 39.36 -13.49 -23.84
C LYS H 125 40.35 -13.52 -25.02
N GLY I 3 30.32 7.80 1.98
CA GLY I 3 31.20 7.60 0.82
C GLY I 3 31.43 6.14 0.40
N LYS I 4 31.06 5.83 -0.84
CA LYS I 4 31.24 4.51 -1.43
C LYS I 4 32.57 4.43 -2.18
N THR I 5 33.05 3.20 -2.35
CA THR I 5 34.27 2.95 -3.12
C THR I 5 34.00 1.71 -3.97
N LEU I 6 35.05 1.08 -4.47
CA LEU I 6 34.90 -0.07 -5.33
C LEU I 6 35.73 -1.23 -4.82
N ARG I 7 35.25 -2.44 -5.03
CA ARG I 7 36.09 -3.62 -4.91
C ARG I 7 36.12 -4.35 -6.24
N PHE I 8 37.17 -5.15 -6.43
CA PHE I 8 37.33 -5.99 -7.60
C PHE I 8 37.34 -7.45 -7.18
N GLU I 9 36.95 -8.33 -8.11
CA GLU I 9 37.07 -9.77 -7.93
C GLU I 9 37.47 -10.42 -9.24
N ILE I 10 38.54 -11.19 -9.21
CA ILE I 10 39.11 -11.88 -10.38
C ILE I 10 39.05 -13.38 -10.14
N VAL I 11 38.70 -14.15 -11.16
CA VAL I 11 38.72 -15.61 -11.09
C VAL I 11 39.71 -16.15 -12.11
N SER I 12 40.77 -16.82 -11.63
CA SER I 12 41.82 -17.32 -12.50
C SER I 12 42.02 -18.82 -12.32
N GLY I 13 42.21 -19.52 -13.43
CA GLY I 13 42.71 -20.87 -13.38
C GLY I 13 44.18 -20.87 -12.97
N VAL I 14 44.76 -22.06 -12.94
CA VAL I 14 46.12 -22.24 -12.43
C VAL I 14 47.02 -23.05 -13.35
N ASN I 15 46.53 -23.51 -14.50
CA ASN I 15 47.28 -24.25 -15.51
C ASN I 15 48.25 -25.36 -15.09
N LYS I 16 47.70 -26.34 -14.37
CA LYS I 16 48.48 -27.45 -13.83
C LYS I 16 49.41 -28.01 -14.90
N GLY I 17 48.95 -28.03 -16.16
CA GLY I 17 49.80 -28.50 -17.24
C GLY I 17 51.02 -27.64 -17.51
N TYR I 18 51.16 -26.52 -16.81
CA TYR I 18 52.25 -25.58 -17.04
C TYR I 18 53.07 -25.31 -15.79
N PHE I 19 52.43 -25.12 -14.65
CA PHE I 19 53.14 -24.86 -13.39
C PHE I 19 53.30 -26.10 -12.53
N HIS I 20 52.52 -27.14 -12.79
CA HIS I 20 52.69 -28.46 -12.16
C HIS I 20 52.57 -28.40 -10.65
N THR I 21 51.74 -27.51 -10.12
CA THR I 21 51.42 -27.57 -8.70
C THR I 21 50.66 -28.86 -8.41
N ASN I 22 50.74 -29.32 -7.16
CA ASN I 22 50.12 -30.57 -6.76
C ASN I 22 49.13 -30.44 -5.61
N SER I 23 48.91 -29.23 -5.11
CA SER I 23 47.96 -29.04 -4.03
C SER I 23 47.37 -27.64 -4.11
N GLN I 24 46.25 -27.46 -3.43
CA GLN I 24 45.58 -26.16 -3.47
C GLN I 24 46.38 -25.10 -2.75
N SER I 25 47.08 -25.47 -1.68
CA SER I 25 47.94 -24.48 -1.04
C SER I 25 49.12 -24.12 -1.93
N GLU I 26 49.58 -25.05 -2.78
CA GLU I 26 50.68 -24.73 -3.69
C GLU I 26 50.22 -23.78 -4.79
N SER I 27 49.09 -24.08 -5.43
CA SER I 27 48.56 -23.17 -6.43
C SER I 27 48.23 -21.81 -5.82
N LEU I 28 47.81 -21.79 -4.55
CA LEU I 28 47.51 -20.53 -3.89
C LEU I 28 48.77 -19.68 -3.72
N ASP I 29 49.88 -20.30 -3.28
CA ASP I 29 51.13 -19.56 -3.16
C ASP I 29 51.69 -19.16 -4.52
N LEU I 30 51.45 -19.98 -5.54
CA LEU I 30 51.87 -19.62 -6.89
C LEU I 30 51.21 -18.33 -7.33
N VAL I 31 49.89 -18.26 -7.22
CA VAL I 31 49.18 -17.06 -7.62
C VAL I 31 49.57 -15.88 -6.74
N GLY I 32 49.78 -16.14 -5.45
CA GLY I 32 50.18 -15.06 -4.54
C GLY I 32 51.50 -14.44 -4.93
N GLY I 33 52.50 -15.27 -5.25
CA GLY I 33 53.78 -14.74 -5.66
C GLY I 33 53.69 -13.97 -6.97
N ILE I 34 52.98 -14.53 -7.95
CA ILE I 34 52.82 -13.84 -9.23
C ILE I 34 52.14 -12.49 -9.03
N TRP I 35 51.06 -12.47 -8.24
CA TRP I 35 50.40 -11.18 -8.01
C TRP I 35 51.33 -10.23 -7.26
N GLN I 36 52.07 -10.74 -6.28
CA GLN I 36 52.98 -9.90 -5.50
C GLN I 36 53.99 -9.23 -6.40
N LYS I 37 54.55 -9.98 -7.36
CA LYS I 37 55.48 -9.42 -8.33
C LYS I 37 54.83 -8.33 -9.17
N ILE I 38 53.76 -8.68 -9.91
CA ILE I 38 53.18 -7.73 -10.85
C ILE I 38 52.57 -6.54 -10.13
N ALA I 39 52.13 -6.71 -8.88
CA ALA I 39 51.67 -5.55 -8.13
C ALA I 39 52.81 -4.64 -7.74
N LYS I 40 53.98 -5.22 -7.47
CA LYS I 40 55.17 -4.43 -7.16
C LYS I 40 55.57 -3.58 -8.36
N GLU I 41 55.76 -4.23 -9.51
CA GLU I 41 56.21 -3.53 -10.71
C GLU I 41 55.26 -2.43 -11.11
N GLU I 42 53.96 -2.66 -10.99
CA GLU I 42 53.02 -1.60 -11.34
C GLU I 42 53.08 -0.47 -10.33
N PHE I 43 53.29 -0.80 -9.05
CA PHE I 43 53.43 0.24 -8.02
C PHE I 43 54.63 1.12 -8.29
N GLU I 44 55.72 0.53 -8.80
CA GLU I 44 56.92 1.29 -9.14
C GLU I 44 56.69 2.25 -10.30
N LYS I 45 55.67 2.01 -11.12
CA LYS I 45 55.40 2.88 -12.27
C LYS I 45 54.36 3.95 -11.99
N SER I 46 53.49 3.75 -11.00
CA SER I 46 52.34 4.62 -10.82
C SER I 46 52.06 4.99 -9.37
N ASN I 47 52.81 4.45 -8.41
CA ASN I 47 52.55 4.62 -6.98
C ASN I 47 51.18 4.09 -6.56
N ILE I 48 50.64 3.14 -7.31
CA ILE I 48 49.40 2.46 -6.95
C ILE I 48 49.76 1.01 -6.67
N TYR I 49 49.60 0.58 -5.43
CA TYR I 49 49.72 -0.83 -5.08
C TYR I 49 48.32 -1.40 -4.92
N VAL I 50 48.02 -2.43 -5.69
CA VAL I 50 46.76 -3.13 -5.61
C VAL I 50 47.02 -4.43 -4.85
N SER I 51 46.72 -4.41 -3.55
CA SER I 51 46.77 -5.64 -2.78
C SER I 51 45.54 -6.49 -3.07
N ALA I 52 45.68 -7.80 -2.87
CA ALA I 52 44.57 -8.70 -3.14
C ALA I 52 44.50 -9.78 -2.08
N VAL I 53 43.28 -10.03 -1.59
CA VAL I 53 42.98 -11.23 -0.81
C VAL I 53 42.69 -12.37 -1.76
N ILE I 54 43.40 -13.49 -1.60
CA ILE I 54 43.26 -14.61 -2.54
C ILE I 54 42.71 -15.81 -1.80
N LYS I 55 41.80 -16.53 -2.46
CA LYS I 55 41.07 -17.63 -1.86
C LYS I 55 41.12 -18.84 -2.77
N PRO I 56 41.34 -20.03 -2.22
CA PRO I 56 41.28 -21.25 -3.03
C PRO I 56 39.84 -21.54 -3.41
N SER I 57 39.65 -22.18 -4.55
CA SER I 57 38.31 -22.40 -5.08
C SER I 57 38.36 -23.44 -6.18
N LYS I 58 37.19 -23.90 -6.60
CA LYS I 58 37.04 -24.65 -7.83
C LYS I 58 35.91 -24.03 -8.63
N THR I 59 36.07 -24.03 -9.95
CA THR I 59 35.06 -23.45 -10.83
C THR I 59 34.39 -24.56 -11.61
N VAL I 60 33.07 -24.62 -11.54
CA VAL I 60 32.28 -25.73 -12.05
C VAL I 60 31.59 -25.28 -13.32
N TYR I 61 31.88 -25.97 -14.42
CA TYR I 61 31.21 -25.70 -15.68
C TYR I 61 31.12 -27.01 -16.44
N ASN I 62 30.55 -26.94 -17.63
CA ASN I 62 30.26 -28.13 -18.42
C ASN I 62 31.53 -28.90 -18.77
N GLN I 63 31.52 -30.20 -18.49
CA GLN I 63 32.66 -31.04 -18.85
C GLN I 63 32.96 -30.97 -20.34
N GLU I 64 31.94 -30.78 -21.17
CA GLU I 64 32.14 -30.70 -22.61
C GLU I 64 32.96 -29.48 -23.03
N TRP I 65 33.04 -28.45 -22.20
CA TRP I 65 33.90 -27.30 -22.46
C TRP I 65 35.25 -27.43 -21.80
N GLY I 66 35.56 -28.59 -21.23
CA GLY I 66 36.87 -28.86 -20.66
C GLY I 66 36.92 -28.93 -19.14
N CYS I 67 35.81 -28.78 -18.43
CA CYS I 67 35.87 -28.80 -16.97
C CYS I 67 36.12 -30.21 -16.46
N PRO I 68 37.11 -30.41 -15.58
CA PRO I 68 37.27 -31.72 -14.93
C PRO I 68 36.03 -32.04 -14.10
N GLU I 69 35.83 -33.34 -13.85
CA GLU I 69 34.75 -33.71 -12.94
C GLU I 69 34.95 -33.02 -11.60
N ASN I 70 33.90 -32.37 -11.11
CA ASN I 70 33.77 -31.67 -9.82
C ASN I 70 34.41 -30.31 -9.84
N GLY I 71 34.96 -29.84 -10.96
CA GLY I 71 35.39 -28.46 -11.05
C GLY I 71 36.86 -28.29 -11.37
N GLU I 72 37.21 -27.14 -11.93
CA GLU I 72 38.61 -26.83 -12.23
C GLU I 72 39.20 -26.06 -11.06
N GLU I 73 40.42 -26.40 -10.69
CA GLU I 73 41.09 -25.70 -9.60
C GLU I 73 41.33 -24.22 -9.98
N THR I 74 40.89 -23.31 -9.12
CA THR I 74 40.96 -21.88 -9.41
C THR I 74 41.29 -21.12 -8.14
N VAL I 75 41.61 -19.85 -8.32
CA VAL I 75 41.87 -18.91 -7.22
C VAL I 75 41.04 -17.67 -7.47
N VAL I 76 40.47 -17.12 -6.40
CA VAL I 76 39.71 -15.88 -6.44
C VAL I 76 40.53 -14.78 -5.78
N LEU I 77 40.70 -13.66 -6.47
CA LEU I 77 41.41 -12.50 -5.97
C LEU I 77 40.42 -11.35 -5.81
N THR I 78 40.43 -10.72 -4.64
CA THR I 78 39.53 -9.64 -4.35
C THR I 78 40.32 -8.52 -3.66
N GLY I 79 39.88 -7.29 -3.86
CA GLY I 79 40.53 -6.17 -3.20
C GLY I 79 39.65 -4.95 -3.23
N VAL I 80 39.91 -4.06 -2.28
CA VAL I 80 39.13 -2.83 -2.14
C VAL I 80 40.05 -1.64 -2.42
N ALA I 81 39.45 -0.56 -2.90
CA ALA I 81 40.16 0.71 -3.12
C ALA I 81 40.00 1.55 -1.88
N ASN I 82 41.05 1.63 -1.08
CA ASN I 82 41.00 2.31 0.20
C ASN I 82 41.30 3.78 -0.01
N GLU I 83 40.32 4.65 0.30
CA GLU I 83 40.46 6.09 0.09
C GLU I 83 41.72 6.64 0.73
N GLU I 84 42.15 6.06 1.85
CA GLU I 84 43.34 6.55 2.52
C GLU I 84 44.59 6.35 1.67
N PHE I 85 44.60 5.35 0.78
CA PHE I 85 45.77 5.09 -0.05
C PHE I 85 45.52 5.40 -1.52
N VAL I 86 44.30 5.77 -1.90
CA VAL I 86 43.92 5.94 -3.29
C VAL I 86 43.22 7.29 -3.44
N ASP I 87 43.82 8.17 -4.25
CA ASP I 87 43.26 9.49 -4.48
C ASP I 87 42.28 9.52 -5.63
N ASP I 88 42.43 8.60 -6.59
CA ASP I 88 41.67 8.60 -7.83
C ASP I 88 41.12 7.19 -8.06
N ILE I 89 39.79 7.08 -8.08
CA ILE I 89 39.17 5.75 -8.21
C ILE I 89 39.34 5.22 -9.63
N GLU I 90 39.23 6.08 -10.64
CA GLU I 90 39.37 5.61 -12.02
C GLU I 90 40.80 5.17 -12.30
N LYS I 91 41.78 5.86 -11.72
CA LYS I 91 43.15 5.43 -11.91
C LYS I 91 43.40 4.08 -11.26
N TRP I 92 42.82 3.87 -10.07
CA TRP I 92 42.89 2.55 -9.42
C TRP I 92 42.20 1.50 -10.27
N LYS I 93 40.99 1.81 -10.76
CA LYS I 93 40.26 0.88 -11.59
C LYS I 93 41.06 0.50 -12.82
N ASP I 94 41.66 1.49 -13.49
CA ASP I 94 42.50 1.20 -14.65
C ASP I 94 43.66 0.30 -14.27
N THR I 95 44.21 0.52 -13.08
CA THR I 95 45.34 -0.28 -12.63
C THR I 95 44.95 -1.73 -12.40
N VAL I 96 43.77 -1.96 -11.82
CA VAL I 96 43.29 -3.33 -11.64
C VAL I 96 43.12 -4.01 -12.99
N ILE I 97 42.52 -3.30 -13.95
CA ILE I 97 42.29 -3.88 -15.27
C ILE I 97 43.62 -4.27 -15.92
N LYS I 98 44.64 -3.40 -15.81
CA LYS I 98 45.96 -3.75 -16.31
C LYS I 98 46.49 -4.99 -15.62
N LEU I 99 46.36 -5.04 -14.29
CA LEU I 99 46.87 -6.18 -13.53
C LEU I 99 46.11 -7.46 -13.86
N ALA I 100 44.80 -7.36 -14.08
CA ALA I 100 44.02 -8.54 -14.45
C ALA I 100 44.48 -9.08 -15.80
N LYS I 101 44.69 -8.20 -16.78
CA LYS I 101 45.24 -8.65 -18.06
C LYS I 101 46.60 -9.31 -17.88
N GLU I 102 47.46 -8.73 -17.05
CA GLU I 102 48.78 -9.29 -16.84
C GLU I 102 48.70 -10.65 -16.15
N LEU I 103 47.88 -10.76 -15.10
CA LEU I 103 47.70 -12.04 -14.43
C LEU I 103 47.23 -13.12 -15.41
N LYS I 104 46.24 -12.78 -16.26
CA LYS I 104 45.77 -13.73 -17.26
C LYS I 104 46.92 -14.25 -18.12
N ASN I 105 47.79 -13.34 -18.54
CA ASN I 105 48.95 -13.73 -19.35
C ASN I 105 49.91 -14.58 -18.53
N GLN I 106 50.29 -14.10 -17.33
CA GLN I 106 51.17 -14.86 -16.45
C GLN I 106 50.65 -16.28 -16.22
N MET I 107 49.37 -16.40 -15.84
CA MET I 107 48.82 -17.72 -15.51
C MET I 107 48.50 -18.55 -16.74
N LYS I 108 48.72 -18.02 -17.96
CA LYS I 108 48.51 -18.77 -19.20
C LYS I 108 47.06 -19.24 -19.33
N GLN I 109 46.14 -18.31 -19.07
CA GLN I 109 44.69 -18.55 -19.18
C GLN I 109 44.16 -17.97 -20.48
N SER I 110 43.20 -18.66 -21.11
CA SER I 110 42.59 -18.10 -22.32
C SER I 110 41.45 -17.14 -22.02
N THR I 111 40.83 -17.23 -20.84
CA THR I 111 39.76 -16.31 -20.45
C THR I 111 39.88 -15.96 -18.97
N LEU I 112 39.41 -14.77 -18.61
CA LEU I 112 39.46 -14.34 -17.20
C LEU I 112 38.42 -13.26 -16.95
N THR I 113 37.69 -13.39 -15.83
CA THR I 113 36.68 -12.43 -15.41
C THR I 113 37.23 -11.45 -14.39
N CYS I 114 36.86 -10.18 -14.54
CA CYS I 114 37.24 -9.14 -13.58
C CYS I 114 36.00 -8.30 -13.33
N GLU I 115 35.50 -8.34 -12.11
CA GLU I 115 34.27 -7.66 -11.74
C GLU I 115 34.59 -6.52 -10.79
N PHE I 116 33.83 -5.44 -10.93
CA PHE I 116 33.87 -4.33 -10.00
C PHE I 116 32.51 -4.20 -9.34
N ILE I 117 32.53 -4.02 -8.02
CA ILE I 117 31.32 -3.98 -7.21
C ILE I 117 31.39 -2.77 -6.30
N GLU I 118 30.29 -2.02 -6.20
CA GLU I 118 30.24 -0.89 -5.28
C GLU I 118 30.22 -1.37 -3.83
N THR I 119 31.04 -0.74 -3.00
CA THR I 119 31.13 -1.13 -1.60
C THR I 119 31.34 0.10 -0.73
N GLU I 120 30.96 -0.01 0.54
CA GLU I 120 31.15 1.03 1.55
C GLU I 120 32.20 0.54 2.52
N LEU I 121 33.42 1.09 2.43
CA LEU I 121 34.56 0.59 3.19
C LEU I 121 34.70 1.34 4.51
N HIS I 122 34.54 0.64 5.61
CA HIS I 122 34.92 1.13 6.92
C HIS I 122 36.30 0.59 7.24
N TYR I 123 37.27 1.49 7.44
CA TYR I 123 38.65 1.10 7.69
C TYR I 123 38.97 1.41 9.15
N PHE I 124 39.51 0.43 9.86
CA PHE I 124 39.80 0.57 11.28
C PHE I 124 41.30 0.51 11.49
N LYS I 125 41.85 1.60 12.00
CA LYS I 125 43.29 1.73 12.21
C LYS I 125 43.57 2.40 13.55
N SER J 1 -20.83 -6.09 14.51
CA SER J 1 -20.99 -4.72 14.99
C SER J 1 -19.74 -3.87 14.76
N MET J 2 -18.56 -4.49 14.81
CA MET J 2 -17.32 -3.73 14.83
C MET J 2 -16.99 -3.17 13.45
N GLY J 3 -16.81 -1.86 13.37
CA GLY J 3 -16.30 -1.21 12.19
C GLY J 3 -15.55 0.07 12.52
N LYS J 4 -14.42 0.29 11.87
CA LYS J 4 -13.68 1.53 12.02
C LYS J 4 -14.34 2.63 11.19
N THR J 5 -14.60 3.77 11.80
CA THR J 5 -15.41 4.83 11.18
C THR J 5 -15.00 6.17 11.79
N LEU J 6 -15.88 7.17 11.67
CA LEU J 6 -15.62 8.53 12.14
C LEU J 6 -16.74 9.01 13.06
N ARG J 7 -16.36 9.80 14.06
CA ARG J 7 -17.31 10.61 14.83
C ARG J 7 -17.00 12.08 14.57
N PHE J 8 -18.02 12.92 14.65
CA PHE J 8 -17.79 14.36 14.57
C PHE J 8 -18.09 15.00 15.92
N GLU J 9 -17.50 16.18 16.14
CA GLU J 9 -17.84 16.96 17.32
C GLU J 9 -17.86 18.44 16.97
N ILE J 10 -18.99 19.10 17.26
CA ILE J 10 -19.21 20.51 16.96
C ILE J 10 -19.47 21.25 18.26
N VAL J 11 -18.81 22.39 18.44
CA VAL J 11 -19.04 23.27 19.58
C VAL J 11 -19.70 24.55 19.08
N SER J 12 -20.91 24.82 19.55
CA SER J 12 -21.68 25.99 19.12
C SER J 12 -22.09 26.84 20.31
N GLY J 13 -21.89 28.14 20.21
CA GLY J 13 -22.55 29.07 21.11
C GLY J 13 -24.06 29.02 20.93
N VAL J 14 -24.78 29.71 21.81
CA VAL J 14 -26.23 29.65 21.83
C VAL J 14 -26.90 30.99 21.58
N ASN J 15 -26.15 32.09 21.52
CA ASN J 15 -26.68 33.45 21.23
C ASN J 15 -27.96 33.70 22.05
N LYS J 16 -27.86 33.64 23.38
CA LYS J 16 -29.05 33.75 24.20
C LYS J 16 -29.72 35.10 24.05
N GLY J 17 -28.96 36.14 23.70
CA GLY J 17 -29.54 37.42 23.41
C GLY J 17 -30.51 37.35 22.25
N TYR J 18 -30.00 36.97 21.07
CA TYR J 18 -30.84 36.85 19.89
C TYR J 18 -31.97 35.84 20.11
N PHE J 19 -31.71 34.78 20.88
CA PHE J 19 -32.71 33.72 21.02
C PHE J 19 -33.53 33.83 22.31
N HIS J 20 -33.08 34.62 23.29
CA HIS J 20 -33.88 34.90 24.49
C HIS J 20 -34.02 33.66 25.38
N THR J 21 -32.92 32.97 25.65
CA THR J 21 -32.96 31.84 26.57
C THR J 21 -32.23 32.22 27.86
N ASN J 22 -32.74 31.69 28.98
CA ASN J 22 -32.12 31.93 30.29
C ASN J 22 -31.80 30.64 31.03
N SER J 23 -31.83 29.49 30.36
CA SER J 23 -31.50 28.23 31.04
C SER J 23 -30.84 27.27 30.05
N GLN J 24 -29.93 26.45 30.57
CA GLN J 24 -29.29 25.43 29.74
C GLN J 24 -30.32 24.52 29.07
N SER J 25 -31.43 24.23 29.76
CA SER J 25 -32.47 23.40 29.16
C SER J 25 -33.08 24.06 27.93
N GLU J 26 -33.29 25.38 28.00
CA GLU J 26 -33.79 26.10 26.82
C GLU J 26 -32.77 26.08 25.69
N SER J 27 -31.51 26.39 25.99
CA SER J 27 -30.46 26.33 24.99
C SER J 27 -30.43 24.97 24.29
N LEU J 28 -30.51 23.90 25.09
CA LEU J 28 -30.39 22.56 24.55
C LEU J 28 -31.54 22.25 23.60
N ASP J 29 -32.77 22.63 23.98
CA ASP J 29 -33.91 22.36 23.11
C ASP J 29 -33.89 23.25 21.88
N LEU J 30 -33.36 24.47 22.02
CA LEU J 30 -33.23 25.36 20.87
C LEU J 30 -32.29 24.76 19.83
N VAL J 31 -31.07 24.42 20.25
CA VAL J 31 -30.12 23.80 19.33
C VAL J 31 -30.67 22.50 18.79
N GLY J 32 -31.34 21.71 19.66
CA GLY J 32 -31.89 20.44 19.23
C GLY J 32 -32.91 20.56 18.12
N GLY J 33 -33.83 21.52 18.25
CA GLY J 33 -34.85 21.69 17.22
C GLY J 33 -34.27 22.19 15.91
N ILE J 34 -33.28 23.07 15.97
CA ILE J 34 -32.67 23.57 14.74
C ILE J 34 -31.91 22.46 14.04
N TRP J 35 -31.17 21.64 14.79
CA TRP J 35 -30.47 20.52 14.18
C TRP J 35 -31.45 19.53 13.59
N GLN J 36 -32.48 19.16 14.36
CA GLN J 36 -33.53 18.29 13.86
C GLN J 36 -34.09 18.79 12.54
N LYS J 37 -34.29 20.10 12.44
CA LYS J 37 -34.84 20.69 11.21
C LYS J 37 -33.85 20.56 10.05
N ILE J 38 -32.62 21.05 10.24
CA ILE J 38 -31.71 21.08 9.09
C ILE J 38 -31.27 19.67 8.70
N ALA J 39 -31.22 18.75 9.66
CA ALA J 39 -30.85 17.37 9.34
C ALA J 39 -31.94 16.70 8.49
N LYS J 40 -33.20 16.95 8.81
CA LYS J 40 -34.29 16.43 7.98
C LYS J 40 -34.22 16.99 6.57
N GLU J 41 -34.05 18.32 6.46
CA GLU J 41 -33.98 18.96 5.14
C GLU J 41 -32.83 18.41 4.31
N GLU J 42 -31.68 18.21 4.94
CA GLU J 42 -30.55 17.61 4.23
C GLU J 42 -30.84 16.16 3.86
N PHE J 43 -31.55 15.43 4.74
CA PHE J 43 -31.83 14.02 4.51
C PHE J 43 -32.62 13.83 3.21
N GLU J 44 -33.60 14.70 2.95
CA GLU J 44 -34.41 14.52 1.76
C GLU J 44 -33.66 14.85 0.48
N LYS J 45 -32.55 15.59 0.57
CA LYS J 45 -31.75 15.87 -0.62
C LYS J 45 -30.81 14.71 -0.93
N SER J 46 -30.20 14.11 0.09
CA SER J 46 -29.07 13.22 -0.08
C SER J 46 -29.29 11.81 0.44
N ASN J 47 -30.37 11.56 1.18
CA ASN J 47 -30.65 10.30 1.87
C ASN J 47 -29.67 10.04 3.00
N ILE J 48 -28.90 11.05 3.43
CA ILE J 48 -27.99 10.93 4.56
C ILE J 48 -28.58 11.71 5.71
N TYR J 49 -28.91 11.01 6.80
CA TYR J 49 -29.40 11.66 8.02
C TYR J 49 -28.27 11.66 9.05
N VAL J 50 -27.86 12.86 9.45
CA VAL J 50 -26.81 13.02 10.44
C VAL J 50 -27.50 13.28 11.78
N SER J 51 -27.65 12.22 12.58
CA SER J 51 -28.14 12.33 13.95
C SER J 51 -27.03 12.86 14.84
N ALA J 52 -27.41 13.47 15.96
CA ALA J 52 -26.46 14.13 16.85
C ALA J 52 -26.86 13.96 18.31
N VAL J 53 -25.86 13.70 19.16
CA VAL J 53 -26.01 13.73 20.62
C VAL J 53 -25.56 15.11 21.08
N ILE J 54 -26.44 15.85 21.76
CA ILE J 54 -26.16 17.21 22.17
C ILE J 54 -26.06 17.28 23.68
N LYS J 55 -25.04 17.99 24.17
CA LYS J 55 -24.72 18.09 25.59
C LYS J 55 -24.59 19.56 26.00
N PRO J 56 -25.16 19.94 27.15
CA PRO J 56 -24.97 21.30 27.65
C PRO J 56 -23.55 21.50 28.15
N SER J 57 -23.06 22.72 28.02
CA SER J 57 -21.67 23.00 28.37
C SER J 57 -21.49 24.49 28.58
N LYS J 58 -20.29 24.85 29.06
CA LYS J 58 -19.80 26.20 29.07
C LYS J 58 -18.40 26.21 28.46
N THR J 59 -18.10 27.22 27.66
CA THR J 59 -16.80 27.31 27.01
C THR J 59 -16.03 28.50 27.58
N VAL J 60 -14.88 28.20 28.18
CA VAL J 60 -14.07 29.19 28.89
C VAL J 60 -12.99 29.70 27.95
N TYR J 61 -13.00 31.01 27.68
CA TYR J 61 -11.93 31.67 26.95
C TYR J 61 -11.73 33.07 27.51
N ASN J 62 -10.83 33.82 26.90
CA ASN J 62 -10.40 35.10 27.43
C ASN J 62 -11.56 36.11 27.44
N GLN J 63 -11.79 36.75 28.60
CA GLN J 63 -12.85 37.77 28.67
C GLN J 63 -12.57 38.94 27.75
N GLU J 64 -11.30 39.18 27.43
CA GLU J 64 -10.96 40.23 26.47
C GLU J 64 -11.62 39.98 25.13
N TRP J 65 -11.91 38.73 24.80
CA TRP J 65 -12.46 38.34 23.50
C TRP J 65 -13.97 38.15 23.56
N GLY J 66 -14.61 38.49 24.69
CA GLY J 66 -16.06 38.45 24.82
C GLY J 66 -16.61 37.38 25.74
N CYS J 67 -15.76 36.57 26.34
CA CYS J 67 -16.25 35.48 27.17
C CYS J 67 -16.79 36.03 28.49
N PRO J 68 -18.00 35.65 28.91
CA PRO J 68 -18.45 36.00 30.26
C PRO J 68 -17.52 35.41 31.31
N GLU J 69 -17.62 35.94 32.53
CA GLU J 69 -16.92 35.31 33.64
C GLU J 69 -17.48 33.90 33.85
N ASN J 70 -16.58 32.95 34.09
CA ASN J 70 -16.84 31.52 34.26
C ASN J 70 -17.21 30.80 32.97
N GLY J 71 -17.30 31.50 31.83
CA GLY J 71 -17.45 30.83 30.56
C GLY J 71 -18.76 31.16 29.88
N GLU J 72 -18.79 30.93 28.57
CA GLU J 72 -19.96 31.16 27.74
C GLU J 72 -20.76 29.89 27.56
N GLU J 73 -22.08 30.01 27.59
CA GLU J 73 -22.94 28.86 27.42
C GLU J 73 -22.85 28.34 25.99
N THR J 74 -22.64 27.04 25.85
CA THR J 74 -22.44 26.40 24.56
C THR J 74 -23.11 25.04 24.57
N VAL J 75 -23.31 24.50 23.37
CA VAL J 75 -23.79 23.13 23.19
C VAL J 75 -22.73 22.36 22.41
N VAL J 76 -22.48 21.11 22.83
CA VAL J 76 -21.61 20.19 22.11
C VAL J 76 -22.48 19.19 21.37
N LEU J 77 -22.30 19.08 20.06
CA LEU J 77 -23.02 18.10 19.26
C LEU J 77 -22.02 17.07 18.75
N THR J 78 -22.36 15.78 18.91
CA THR J 78 -21.49 14.70 18.46
C THR J 78 -22.32 13.61 17.81
N GLY J 79 -21.73 12.96 16.81
CA GLY J 79 -22.42 11.85 16.17
C GLY J 79 -21.41 10.97 15.48
N VAL J 80 -21.83 9.74 15.20
CA VAL J 80 -20.93 8.75 14.62
C VAL J 80 -21.47 8.32 13.27
N ALA J 81 -20.57 8.00 12.35
CA ALA J 81 -20.99 7.49 11.05
C ALA J 81 -21.20 5.98 11.16
N ASN J 82 -22.45 5.56 11.25
CA ASN J 82 -22.81 4.16 11.41
C ASN J 82 -22.93 3.53 10.02
N GLU J 83 -22.09 2.55 9.74
CA GLU J 83 -22.08 1.91 8.42
C GLU J 83 -23.43 1.29 8.07
N GLU J 84 -24.27 0.98 9.06
CA GLU J 84 -25.59 0.45 8.75
C GLU J 84 -26.44 1.47 7.99
N PHE J 85 -26.16 2.75 8.20
CA PHE J 85 -26.95 3.81 7.59
C PHE J 85 -26.17 4.64 6.59
N VAL J 86 -24.85 4.49 6.55
CA VAL J 86 -23.96 5.36 5.78
C VAL J 86 -23.22 4.49 4.77
N ASP J 87 -23.45 4.77 3.48
CA ASP J 87 -22.78 3.99 2.45
C ASP J 87 -21.38 4.51 2.14
N ASP J 88 -21.17 5.82 2.22
CA ASP J 88 -19.94 6.46 1.76
C ASP J 88 -19.50 7.46 2.82
N ILE J 89 -18.44 7.12 3.56
CA ILE J 89 -17.98 7.96 4.65
C ILE J 89 -17.61 9.37 4.17
N GLU J 90 -17.16 9.51 2.92
CA GLU J 90 -16.74 10.81 2.44
C GLU J 90 -17.92 11.74 2.20
N LYS J 91 -19.02 11.20 1.68
CA LYS J 91 -20.22 12.02 1.51
C LYS J 91 -20.85 12.36 2.86
N TRP J 92 -20.79 11.42 3.81
CA TRP J 92 -21.22 11.71 5.18
C TRP J 92 -20.41 12.86 5.76
N LYS J 93 -19.08 12.80 5.62
CA LYS J 93 -18.22 13.89 6.08
C LYS J 93 -18.65 15.22 5.48
N ASP J 94 -18.80 15.28 4.16
CA ASP J 94 -19.26 16.51 3.50
C ASP J 94 -20.61 16.96 4.04
N THR J 95 -21.49 16.01 4.35
CA THR J 95 -22.80 16.35 4.89
C THR J 95 -22.69 16.97 6.28
N VAL J 96 -21.86 16.38 7.14
CA VAL J 96 -21.61 16.97 8.46
C VAL J 96 -21.11 18.40 8.32
N ILE J 97 -20.14 18.60 7.42
CA ILE J 97 -19.57 19.93 7.20
C ILE J 97 -20.64 20.92 6.75
N LYS J 98 -21.47 20.49 5.81
CA LYS J 98 -22.55 21.35 5.33
C LYS J 98 -23.51 21.71 6.46
N LEU J 99 -23.83 20.73 7.31
CA LEU J 99 -24.74 21.00 8.43
C LEU J 99 -24.10 21.87 9.50
N ALA J 100 -22.79 21.69 9.75
CA ALA J 100 -22.08 22.57 10.69
C ALA J 100 -22.14 24.03 10.24
N LYS J 101 -21.90 24.29 8.95
CA LYS J 101 -21.96 25.66 8.45
C LYS J 101 -23.38 26.22 8.54
N GLU J 102 -24.39 25.39 8.23
CA GLU J 102 -25.77 25.85 8.35
C GLU J 102 -26.14 26.12 9.81
N LEU J 103 -25.67 25.27 10.72
CA LEU J 103 -25.92 25.51 12.14
C LEU J 103 -25.24 26.80 12.60
N LYS J 104 -23.98 27.00 12.18
CA LYS J 104 -23.28 28.25 12.47
C LYS J 104 -24.11 29.45 12.01
N ASN J 105 -24.72 29.34 10.83
CA ASN J 105 -25.50 30.45 10.30
C ASN J 105 -26.79 30.64 11.09
N GLN J 106 -27.53 29.56 11.31
CA GLN J 106 -28.81 29.65 12.00
C GLN J 106 -28.64 30.06 13.46
N MET J 107 -27.53 29.68 14.10
CA MET J 107 -27.26 30.07 15.46
C MET J 107 -26.55 31.41 15.57
N LYS J 108 -26.33 32.09 14.44
CA LYS J 108 -25.71 33.42 14.43
C LYS J 108 -24.36 33.40 15.16
N GLN J 109 -23.56 32.39 14.87
CA GLN J 109 -22.23 32.28 15.46
C GLN J 109 -21.20 32.92 14.53
N SER J 110 -20.24 33.61 15.13
CA SER J 110 -19.18 34.21 14.34
C SER J 110 -18.14 33.20 13.90
N THR J 111 -17.84 32.23 14.76
CA THR J 111 -16.89 31.15 14.48
C THR J 111 -17.45 29.85 15.05
N LEU J 112 -17.00 28.71 14.51
CA LEU J 112 -17.49 27.43 14.98
C LEU J 112 -16.46 26.36 14.65
N THR J 113 -16.29 25.40 15.57
CA THR J 113 -15.35 24.30 15.35
C THR J 113 -16.11 23.03 15.02
N CYS J 114 -15.58 22.26 14.08
CA CYS J 114 -16.13 20.96 13.70
C CYS J 114 -14.97 19.99 13.55
N GLU J 115 -14.91 18.98 14.41
CA GLU J 115 -13.81 18.03 14.44
C GLU J 115 -14.26 16.65 13.98
N PHE J 116 -13.33 15.91 13.39
CA PHE J 116 -13.55 14.51 13.05
C PHE J 116 -12.51 13.66 13.78
N ILE J 117 -12.98 12.59 14.42
CA ILE J 117 -12.14 11.72 15.23
C ILE J 117 -12.39 10.27 14.79
N GLU J 118 -11.30 9.51 14.60
CA GLU J 118 -11.42 8.10 14.25
C GLU J 118 -11.91 7.30 15.45
N THR J 119 -12.82 6.38 15.19
CA THR J 119 -13.48 5.64 16.26
C THR J 119 -13.81 4.24 15.76
N GLU J 120 -13.80 3.29 16.69
CA GLU J 120 -14.23 1.92 16.42
C GLU J 120 -15.61 1.77 17.03
N LEU J 121 -16.61 1.60 16.16
CA LEU J 121 -18.01 1.56 16.57
C LEU J 121 -18.48 0.12 16.71
N HIS J 122 -19.03 -0.20 17.87
CA HIS J 122 -19.75 -1.45 18.09
C HIS J 122 -21.22 -1.10 18.25
N TYR J 123 -22.06 -1.68 17.39
CA TYR J 123 -23.47 -1.33 17.31
C TYR J 123 -24.31 -2.55 17.68
N PHE J 124 -25.10 -2.42 18.74
CA PHE J 124 -25.85 -3.54 19.29
C PHE J 124 -27.35 -3.33 19.07
N LYS J 125 -27.99 -4.33 18.45
CA LYS J 125 -29.41 -4.26 18.16
C LYS J 125 -30.10 -5.59 18.48
N GLY K 3 1.38 7.14 27.79
CA GLY K 3 0.76 5.84 27.64
C GLY K 3 -0.42 5.80 26.66
N LYS K 4 -0.16 5.28 25.46
CA LYS K 4 -1.21 5.14 24.45
C LYS K 4 -2.16 4.01 24.85
N THR K 5 -3.44 4.34 25.02
CA THR K 5 -4.43 3.39 25.54
C THR K 5 -5.75 3.66 24.82
N LEU K 6 -6.86 3.30 25.46
CA LEU K 6 -8.19 3.42 24.85
C LEU K 6 -9.18 4.07 25.79
N ARG K 7 -10.11 4.82 25.21
CA ARG K 7 -11.30 5.27 25.90
C ARG K 7 -12.53 4.69 25.23
N PHE K 8 -13.60 4.55 25.99
CA PHE K 8 -14.87 4.11 25.44
C PHE K 8 -15.91 5.23 25.60
N GLU K 9 -16.96 5.14 24.79
CA GLU K 9 -18.08 6.08 24.89
C GLU K 9 -19.35 5.37 24.46
N ILE K 10 -20.35 5.37 25.34
CA ILE K 10 -21.62 4.70 25.12
C ILE K 10 -22.73 5.74 25.17
N VAL K 11 -23.75 5.54 24.33
CA VAL K 11 -24.94 6.38 24.35
C VAL K 11 -26.14 5.46 24.56
N SER K 12 -27.03 5.85 25.48
CA SER K 12 -28.20 5.04 25.78
C SER K 12 -29.36 5.95 26.15
N GLY K 13 -30.55 5.55 25.73
CA GLY K 13 -31.76 6.20 26.17
C GLY K 13 -32.01 5.90 27.64
N VAL K 14 -33.12 6.46 28.15
CA VAL K 14 -33.49 6.26 29.55
C VAL K 14 -34.85 5.62 29.71
N ASN K 15 -35.62 5.44 28.64
CA ASN K 15 -36.91 4.74 28.64
C ASN K 15 -37.79 5.22 29.79
N LYS K 16 -38.12 6.52 29.75
CA LYS K 16 -39.02 7.09 30.75
C LYS K 16 -40.38 6.42 30.73
N GLY K 17 -40.79 5.85 29.60
CA GLY K 17 -41.99 5.05 29.53
C GLY K 17 -41.92 3.73 30.29
N TYR K 18 -40.82 3.46 30.97
CA TYR K 18 -40.66 2.27 31.79
C TYR K 18 -40.29 2.65 33.22
N PHE K 19 -39.27 3.49 33.38
CA PHE K 19 -38.82 3.92 34.70
C PHE K 19 -39.55 5.15 35.22
N HIS K 20 -40.35 5.80 34.37
CA HIS K 20 -41.27 6.87 34.79
C HIS K 20 -40.54 7.98 35.56
N THR K 21 -39.31 8.26 35.14
CA THR K 21 -38.56 9.35 35.73
C THR K 21 -38.99 10.68 35.10
N ASN K 22 -38.69 11.77 35.80
CA ASN K 22 -39.21 13.09 35.45
C ASN K 22 -38.17 14.18 35.70
N SER K 23 -36.95 13.95 35.20
CA SER K 23 -35.86 14.92 35.33
C SER K 23 -34.65 14.37 34.60
N GLN K 24 -33.70 15.27 34.32
CA GLN K 24 -32.41 14.83 33.80
C GLN K 24 -31.48 14.37 34.91
N SER K 25 -31.48 15.08 36.05
CA SER K 25 -30.74 14.59 37.21
C SER K 25 -31.30 13.27 37.70
N GLU K 26 -32.60 13.05 37.54
CA GLU K 26 -33.22 11.79 37.94
C GLU K 26 -32.74 10.65 37.05
N SER K 27 -32.95 10.79 35.74
CA SER K 27 -32.49 9.77 34.79
C SER K 27 -30.98 9.55 34.87
N LEU K 28 -30.24 10.59 35.27
CA LEU K 28 -28.80 10.44 35.45
C LEU K 28 -28.48 9.49 36.60
N ASP K 29 -29.19 9.66 37.73
CA ASP K 29 -28.97 8.77 38.87
C ASP K 29 -29.42 7.35 38.57
N LEU K 30 -30.51 7.20 37.80
CA LEU K 30 -30.95 5.88 37.36
C LEU K 30 -29.81 5.13 36.68
N VAL K 31 -29.17 5.77 35.69
CA VAL K 31 -28.13 5.10 34.92
C VAL K 31 -26.84 4.99 35.72
N GLY K 32 -26.51 6.02 36.51
CA GLY K 32 -25.32 5.94 37.35
C GLY K 32 -25.38 4.82 38.36
N GLY K 33 -26.58 4.51 38.87
CA GLY K 33 -26.73 3.44 39.83
C GLY K 33 -26.62 2.07 39.20
N ILE K 34 -27.31 1.88 38.07
CA ILE K 34 -27.25 0.61 37.36
C ILE K 34 -25.83 0.31 36.93
N TRP K 35 -25.08 1.34 36.53
CA TRP K 35 -23.69 1.11 36.15
C TRP K 35 -22.83 0.74 37.35
N GLN K 36 -23.04 1.42 38.49
CA GLN K 36 -22.34 1.05 39.71
C GLN K 36 -22.65 -0.38 40.11
N LYS K 37 -23.89 -0.82 39.89
CA LYS K 37 -24.28 -2.20 40.16
C LYS K 37 -23.51 -3.18 39.28
N ILE K 38 -23.69 -3.08 37.96
CA ILE K 38 -23.12 -4.08 37.06
C ILE K 38 -21.60 -4.01 37.04
N ALA K 39 -21.02 -2.84 37.31
CA ALA K 39 -19.56 -2.76 37.37
C ALA K 39 -19.02 -3.53 38.57
N LYS K 40 -19.76 -3.56 39.68
CA LYS K 40 -19.30 -4.28 40.86
C LYS K 40 -19.32 -5.79 40.63
N GLU K 41 -20.39 -6.30 40.01
CA GLU K 41 -20.46 -7.72 39.70
C GLU K 41 -19.29 -8.16 38.82
N GLU K 42 -19.00 -7.39 37.78
CA GLU K 42 -17.87 -7.68 36.90
C GLU K 42 -16.53 -7.26 37.51
N PHE K 43 -16.52 -6.82 38.76
CA PHE K 43 -15.20 -6.56 39.40
C PHE K 43 -14.89 -7.80 40.21
N GLU K 44 -15.93 -8.40 40.79
CA GLU K 44 -15.77 -9.63 41.59
C GLU K 44 -15.46 -10.82 40.67
N LYS K 45 -15.58 -10.65 39.35
CA LYS K 45 -15.39 -11.83 38.47
C LYS K 45 -13.99 -11.93 37.85
N SER K 46 -13.32 -10.80 37.59
CA SER K 46 -12.30 -10.46 36.56
C SER K 46 -11.28 -9.53 37.20
N ASN K 47 -11.68 -8.89 38.29
CA ASN K 47 -10.87 -7.86 38.98
C ASN K 47 -10.66 -6.63 38.10
N ILE K 48 -11.62 -6.38 37.23
CA ILE K 48 -11.57 -5.24 36.31
C ILE K 48 -12.75 -4.34 36.64
N TYR K 49 -12.46 -3.18 37.23
CA TYR K 49 -13.49 -2.19 37.48
C TYR K 49 -13.47 -1.15 36.36
N VAL K 50 -14.59 -1.01 35.67
CA VAL K 50 -14.73 -0.06 34.57
C VAL K 50 -15.54 1.11 35.12
N SER K 51 -14.83 2.13 35.59
CA SER K 51 -15.48 3.37 36.00
C SER K 51 -15.94 4.15 34.78
N ALA K 52 -17.00 4.93 34.95
CA ALA K 52 -17.62 5.63 33.83
C ALA K 52 -17.98 7.05 34.21
N VAL K 53 -17.52 8.01 33.42
CA VAL K 53 -17.94 9.41 33.53
C VAL K 53 -19.23 9.57 32.76
N ILE K 54 -20.28 10.02 33.45
CA ILE K 54 -21.63 10.06 32.91
C ILE K 54 -22.03 11.51 32.69
N LYS K 55 -22.61 11.79 31.51
CA LYS K 55 -22.97 13.16 31.15
C LYS K 55 -24.42 13.20 30.66
N PRO K 56 -25.15 14.27 30.99
CA PRO K 56 -26.51 14.42 30.48
C PRO K 56 -26.51 14.87 29.02
N SER K 57 -27.57 14.51 28.32
CA SER K 57 -27.61 14.77 26.88
C SER K 57 -29.01 14.51 26.34
N LYS K 58 -29.22 14.98 25.11
CA LYS K 58 -30.34 14.54 24.29
C LYS K 58 -29.78 14.06 22.95
N THR K 59 -30.49 13.14 22.31
CA THR K 59 -30.08 12.60 21.03
C THR K 59 -31.14 12.93 19.99
N VAL K 60 -30.73 13.64 18.94
CA VAL K 60 -31.63 14.21 17.96
C VAL K 60 -31.64 13.33 16.72
N TYR K 61 -32.81 12.83 16.33
CA TYR K 61 -32.96 12.07 15.10
C TYR K 61 -34.35 12.33 14.54
N ASN K 62 -34.67 11.66 13.44
CA ASN K 62 -35.87 11.97 12.67
C ASN K 62 -37.14 11.65 13.47
N GLN K 63 -38.09 12.61 13.48
CA GLN K 63 -39.36 12.37 14.15
C GLN K 63 -40.10 11.17 13.57
N GLU K 64 -39.91 10.91 12.28
CA GLU K 64 -40.60 9.80 11.63
C GLU K 64 -40.08 8.44 12.07
N TRP K 65 -38.97 8.40 12.80
CA TRP K 65 -38.48 7.18 13.43
C TRP K 65 -38.75 7.17 14.93
N GLY K 66 -39.55 8.10 15.42
CA GLY K 66 -39.99 8.08 16.80
C GLY K 66 -39.36 9.10 17.72
N CYS K 67 -38.45 9.95 17.23
CA CYS K 67 -37.78 10.88 18.12
C CYS K 67 -38.75 11.97 18.57
N PRO K 68 -38.76 12.30 19.86
CA PRO K 68 -39.52 13.47 20.31
C PRO K 68 -38.95 14.73 19.69
N GLU K 69 -39.79 15.78 19.67
CA GLU K 69 -39.30 17.08 19.22
C GLU K 69 -38.17 17.55 20.12
N ASN K 70 -37.13 18.10 19.50
CA ASN K 70 -35.91 18.60 20.12
C ASN K 70 -35.01 17.50 20.68
N GLY K 71 -35.36 16.22 20.50
CA GLY K 71 -34.47 15.16 20.95
C GLY K 71 -34.98 14.30 22.10
N GLU K 72 -34.46 13.08 22.16
CA GLU K 72 -34.79 12.12 23.21
C GLU K 72 -33.71 12.15 24.28
N GLU K 73 -34.12 12.25 25.54
CA GLU K 73 -33.15 12.28 26.62
C GLU K 73 -32.29 11.03 26.61
N THR K 74 -30.99 11.22 26.75
CA THR K 74 -30.02 10.13 26.69
C THR K 74 -28.93 10.39 27.71
N VAL K 75 -28.04 9.41 27.88
CA VAL K 75 -26.93 9.53 28.80
C VAL K 75 -25.67 9.07 28.09
N VAL K 76 -24.59 9.82 28.26
CA VAL K 76 -23.31 9.52 27.62
C VAL K 76 -22.35 9.05 28.69
N LEU K 77 -21.91 7.80 28.59
CA LEU K 77 -20.95 7.21 29.51
C LEU K 77 -19.59 7.09 28.83
N THR K 78 -18.54 7.60 29.48
CA THR K 78 -17.20 7.57 28.91
C THR K 78 -16.22 7.07 29.97
N GLY K 79 -15.13 6.46 29.50
CA GLY K 79 -14.12 5.99 30.42
C GLY K 79 -12.86 5.61 29.67
N VAL K 80 -11.75 5.61 30.42
CA VAL K 80 -10.44 5.33 29.87
C VAL K 80 -9.89 4.09 30.58
N ALA K 81 -8.98 3.40 29.90
CA ALA K 81 -8.28 2.25 30.47
C ALA K 81 -6.93 2.74 30.98
N ASN K 82 -6.83 2.92 32.28
CA ASN K 82 -5.59 3.36 32.90
C ASN K 82 -4.66 2.17 33.04
N GLU K 83 -3.44 2.30 32.51
CA GLU K 83 -2.47 1.23 32.65
C GLU K 83 -2.14 0.94 34.11
N GLU K 84 -2.39 1.92 35.00
CA GLU K 84 -2.15 1.73 36.42
C GLU K 84 -2.97 0.57 36.98
N PHE K 85 -4.21 0.40 36.51
CA PHE K 85 -5.08 -0.64 37.02
C PHE K 85 -5.40 -1.74 36.02
N VAL K 86 -4.96 -1.60 34.77
CA VAL K 86 -5.31 -2.54 33.70
C VAL K 86 -4.03 -3.07 33.07
N ASP K 87 -3.90 -4.39 33.01
CA ASP K 87 -2.77 -5.04 32.36
C ASP K 87 -3.08 -5.49 30.95
N ASP K 88 -4.30 -5.91 30.68
CA ASP K 88 -4.72 -6.43 29.37
C ASP K 88 -5.78 -5.51 28.80
N ILE K 89 -5.41 -4.75 27.76
CA ILE K 89 -6.35 -3.83 27.14
C ILE K 89 -7.52 -4.58 26.50
N GLU K 90 -7.25 -5.78 25.98
CA GLU K 90 -8.30 -6.53 25.28
C GLU K 90 -9.33 -7.10 26.25
N LYS K 91 -8.87 -7.61 27.39
CA LYS K 91 -9.82 -8.03 28.42
C LYS K 91 -10.66 -6.85 28.89
N TRP K 92 -10.03 -5.67 28.99
CA TRP K 92 -10.78 -4.46 29.34
C TRP K 92 -11.85 -4.17 28.30
N LYS K 93 -11.49 -4.17 27.01
CA LYS K 93 -12.48 -4.01 25.96
C LYS K 93 -13.61 -4.99 26.12
N ASP K 94 -13.28 -6.28 26.32
CA ASP K 94 -14.29 -7.31 26.51
C ASP K 94 -15.21 -6.95 27.67
N THR K 95 -14.65 -6.39 28.75
CA THR K 95 -15.46 -6.02 29.90
C THR K 95 -16.37 -4.84 29.58
N VAL K 96 -15.84 -3.83 28.87
CA VAL K 96 -16.66 -2.69 28.46
C VAL K 96 -17.81 -3.15 27.57
N ILE K 97 -17.52 -3.98 26.58
CA ILE K 97 -18.55 -4.50 25.68
C ILE K 97 -19.59 -5.29 26.47
N LYS K 98 -19.13 -6.11 27.43
CA LYS K 98 -20.04 -6.86 28.28
C LYS K 98 -20.97 -5.92 29.04
N LEU K 99 -20.40 -4.91 29.69
CA LEU K 99 -21.20 -3.96 30.46
C LEU K 99 -22.15 -3.16 29.57
N ALA K 100 -21.69 -2.82 28.36
CA ALA K 100 -22.54 -2.13 27.40
C ALA K 100 -23.77 -2.96 27.07
N LYS K 101 -23.57 -4.24 26.76
CA LYS K 101 -24.70 -5.12 26.48
C LYS K 101 -25.62 -5.24 27.68
N GLU K 102 -25.05 -5.38 28.88
CA GLU K 102 -25.91 -5.50 30.06
C GLU K 102 -26.67 -4.20 30.31
N LEU K 103 -26.01 -3.05 30.13
CA LEU K 103 -26.71 -1.77 30.26
C LEU K 103 -27.84 -1.67 29.25
N LYS K 104 -27.63 -2.19 28.03
CA LYS K 104 -28.67 -2.15 27.00
C LYS K 104 -29.93 -2.86 27.46
N ASN K 105 -29.78 -3.99 28.15
CA ASN K 105 -30.92 -4.78 28.58
C ASN K 105 -31.57 -4.20 29.82
N GLN K 106 -30.77 -3.80 30.82
CA GLN K 106 -31.32 -3.21 32.03
C GLN K 106 -32.09 -1.93 31.75
N MET K 107 -31.67 -1.15 30.75
CA MET K 107 -32.32 0.08 30.36
C MET K 107 -33.45 -0.12 29.35
N LYS K 108 -33.61 -1.36 28.85
CA LYS K 108 -34.67 -1.71 27.90
C LYS K 108 -34.51 -0.94 26.59
N GLN K 109 -33.29 -0.93 26.07
CA GLN K 109 -32.96 -0.20 24.85
C GLN K 109 -32.93 -1.16 23.66
N SER K 110 -33.61 -0.78 22.57
CA SER K 110 -33.58 -1.58 21.35
C SER K 110 -32.22 -1.49 20.65
N THR K 111 -31.53 -0.35 20.75
CA THR K 111 -30.24 -0.16 20.11
C THR K 111 -29.33 0.62 21.04
N LEU K 112 -28.02 0.39 20.89
CA LEU K 112 -27.03 1.08 21.70
C LEU K 112 -25.69 1.11 20.96
N THR K 113 -25.04 2.27 20.99
CA THR K 113 -23.70 2.40 20.44
C THR K 113 -22.67 2.34 21.55
N CYS K 114 -21.50 1.79 21.22
CA CYS K 114 -20.36 1.71 22.12
C CYS K 114 -19.11 1.85 21.27
N GLU K 115 -18.32 2.89 21.56
CA GLU K 115 -17.17 3.24 20.74
C GLU K 115 -15.88 3.13 21.54
N PHE K 116 -14.79 2.84 20.84
CA PHE K 116 -13.44 2.91 21.39
C PHE K 116 -12.63 3.87 20.55
N ILE K 117 -11.84 4.71 21.22
CA ILE K 117 -11.06 5.75 20.58
C ILE K 117 -9.65 5.69 21.17
N GLU K 118 -8.64 5.85 20.32
CA GLU K 118 -7.26 5.90 20.77
C GLU K 118 -7.02 7.17 21.58
N THR K 119 -6.40 7.04 22.74
CA THR K 119 -6.12 8.20 23.56
C THR K 119 -4.78 8.00 24.27
N GLU K 120 -4.11 9.11 24.57
CA GLU K 120 -2.85 9.10 25.30
C GLU K 120 -3.12 9.66 26.68
N LEU K 121 -3.08 8.79 27.68
CA LEU K 121 -3.47 9.14 29.04
C LEU K 121 -2.26 9.65 29.83
N HIS K 122 -2.44 10.80 30.48
CA HIS K 122 -1.52 11.28 31.50
C HIS K 122 -2.27 11.23 32.83
N TYR K 123 -1.75 10.44 33.77
CA TYR K 123 -2.37 10.25 35.07
C TYR K 123 -1.52 10.94 36.12
N PHE K 124 -2.15 11.73 36.98
CA PHE K 124 -1.48 12.55 37.97
C PHE K 124 -2.02 12.20 39.35
N LYS K 125 -1.10 12.04 40.32
CA LYS K 125 -1.49 11.74 41.70
C LYS K 125 -0.37 12.01 42.68
N SER L 1 -3.33 17.84 2.09
CA SER L 1 -4.43 17.23 2.81
C SER L 1 -4.69 17.93 4.15
N MET L 2 -5.83 17.63 4.78
CA MET L 2 -6.14 18.16 6.10
C MET L 2 -5.15 17.65 7.13
N GLY L 3 -4.33 18.54 7.67
CA GLY L 3 -3.46 18.17 8.77
C GLY L 3 -4.26 17.85 10.02
N LYS L 4 -3.68 17.04 10.89
CA LYS L 4 -4.29 16.69 12.15
C LYS L 4 -3.77 17.58 13.26
N THR L 5 -4.55 17.68 14.33
CA THR L 5 -4.10 18.37 15.54
C THR L 5 -4.52 17.51 16.72
N LEU L 6 -4.48 18.09 17.92
CA LEU L 6 -4.85 17.37 19.13
C LEU L 6 -6.00 18.08 19.83
N ARG L 7 -6.79 17.31 20.58
CA ARG L 7 -7.62 17.84 21.64
C ARG L 7 -7.16 17.22 22.96
N PHE L 8 -7.46 17.90 24.06
CA PHE L 8 -7.26 17.36 25.39
C PHE L 8 -8.59 17.08 26.03
N GLU L 9 -8.59 16.23 27.06
CA GLU L 9 -9.76 16.04 27.89
C GLU L 9 -9.30 15.79 29.32
N ILE L 10 -9.89 16.52 30.26
CA ILE L 10 -9.56 16.44 31.69
C ILE L 10 -10.84 16.14 32.45
N VAL L 11 -10.75 15.21 33.41
CA VAL L 11 -11.84 14.93 34.34
C VAL L 11 -11.38 15.34 35.73
N SER L 12 -12.21 16.13 36.42
CA SER L 12 -11.87 16.62 37.75
C SER L 12 -13.12 16.64 38.62
N GLY L 13 -12.94 16.24 39.90
CA GLY L 13 -13.99 16.37 40.89
C GLY L 13 -14.11 17.80 41.39
N VAL L 14 -15.21 18.05 42.10
CA VAL L 14 -15.57 19.41 42.49
C VAL L 14 -15.36 19.68 43.98
N ASN L 15 -15.04 18.67 44.78
CA ASN L 15 -14.76 18.83 46.21
C ASN L 15 -15.90 19.56 46.92
N LYS L 16 -17.07 18.91 46.92
CA LYS L 16 -18.26 19.47 47.56
C LYS L 16 -18.01 19.86 49.01
N GLY L 17 -16.93 19.37 49.62
CA GLY L 17 -16.56 19.76 50.96
C GLY L 17 -15.80 21.08 50.98
N TYR L 18 -14.59 21.07 50.41
CA TYR L 18 -13.71 22.23 50.48
C TYR L 18 -14.38 23.50 49.96
N PHE L 19 -15.14 23.39 48.87
CA PHE L 19 -15.76 24.54 48.23
C PHE L 19 -17.22 24.74 48.61
N HIS L 20 -17.84 23.75 49.25
CA HIS L 20 -19.18 23.88 49.81
C HIS L 20 -20.23 24.24 48.75
N THR L 21 -19.98 23.86 47.50
CA THR L 21 -21.00 24.02 46.46
C THR L 21 -22.22 23.17 46.82
N ASN L 22 -23.39 23.56 46.28
CA ASN L 22 -24.60 22.78 46.55
C ASN L 22 -25.47 22.60 45.30
N SER L 23 -24.91 22.84 44.12
CA SER L 23 -25.58 22.50 42.86
C SER L 23 -24.50 22.13 41.85
N GLN L 24 -24.95 21.65 40.69
CA GLN L 24 -23.99 21.36 39.63
C GLN L 24 -23.63 22.61 38.84
N SER L 25 -24.58 23.53 38.69
CA SER L 25 -24.26 24.81 38.07
C SER L 25 -23.20 25.55 38.88
N GLU L 26 -23.29 25.50 40.21
CA GLU L 26 -22.27 26.14 41.04
C GLU L 26 -20.91 25.47 40.88
N SER L 27 -20.90 24.13 40.75
CA SER L 27 -19.66 23.43 40.47
C SER L 27 -19.09 23.84 39.13
N LEU L 28 -19.95 23.99 38.12
CA LEU L 28 -19.47 24.36 36.78
C LEU L 28 -18.87 25.77 36.79
N ASP L 29 -19.62 26.74 37.34
CA ASP L 29 -19.08 28.09 37.46
C ASP L 29 -17.81 28.11 38.31
N LEU L 30 -17.74 27.25 39.32
CA LEU L 30 -16.54 27.14 40.15
C LEU L 30 -15.32 26.76 39.31
N VAL L 31 -15.42 25.64 38.58
CA VAL L 31 -14.32 25.18 37.76
C VAL L 31 -14.02 26.16 36.63
N GLY L 32 -15.07 26.72 36.02
CA GLY L 32 -14.88 27.68 34.94
C GLY L 32 -13.99 28.85 35.33
N GLY L 33 -14.30 29.48 36.47
CA GLY L 33 -13.53 30.64 36.89
C GLY L 33 -12.07 30.32 37.15
N ILE L 34 -11.81 29.20 37.83
CA ILE L 34 -10.42 28.81 38.10
C ILE L 34 -9.67 28.56 36.82
N TRP L 35 -10.28 27.81 35.90
CA TRP L 35 -9.66 27.62 34.60
C TRP L 35 -9.45 28.96 33.90
N GLN L 36 -10.49 29.80 33.91
CA GLN L 36 -10.38 31.11 33.28
C GLN L 36 -9.21 31.90 33.87
N LYS L 37 -9.03 31.83 35.19
CA LYS L 37 -7.93 32.55 35.81
C LYS L 37 -6.58 31.97 35.39
N ILE L 38 -6.39 30.65 35.56
CA ILE L 38 -5.06 30.09 35.31
C ILE L 38 -4.72 30.15 33.83
N ALA L 39 -5.71 29.96 32.96
CA ALA L 39 -5.46 30.10 31.53
C ALA L 39 -5.03 31.52 31.17
N LYS L 40 -5.69 32.52 31.76
CA LYS L 40 -5.28 33.91 31.52
C LYS L 40 -3.86 34.14 31.98
N GLU L 41 -3.52 33.67 33.19
CA GLU L 41 -2.18 33.84 33.72
C GLU L 41 -1.15 33.16 32.83
N GLU L 42 -1.42 31.93 32.39
CA GLU L 42 -0.47 31.23 31.54
C GLU L 42 -0.36 31.87 30.16
N PHE L 43 -1.47 32.39 29.64
CA PHE L 43 -1.43 33.11 28.35
C PHE L 43 -0.41 34.24 28.41
N GLU L 44 -0.39 34.99 29.52
CA GLU L 44 0.52 36.12 29.62
C GLU L 44 1.97 35.67 29.58
N LYS L 45 2.28 34.46 30.07
CA LYS L 45 3.65 33.98 30.12
C LYS L 45 4.10 33.34 28.82
N SER L 46 3.20 32.64 28.13
CA SER L 46 3.58 31.80 27.00
C SER L 46 2.94 32.18 25.68
N ASN L 47 1.96 33.09 25.67
CA ASN L 47 1.16 33.39 24.47
C ASN L 47 0.41 32.16 23.99
N ILE L 48 0.06 31.27 24.91
CA ILE L 48 -0.75 30.10 24.65
C ILE L 48 -1.98 30.21 25.53
N TYR L 49 -3.14 30.48 24.94
CA TYR L 49 -4.39 30.42 25.67
C TYR L 49 -5.04 29.06 25.40
N VAL L 50 -5.26 28.30 26.48
CA VAL L 50 -5.88 26.99 26.40
C VAL L 50 -7.33 27.20 26.81
N SER L 51 -8.19 27.41 25.83
CA SER L 51 -9.62 27.48 26.11
C SER L 51 -10.16 26.08 26.29
N ALA L 52 -11.26 25.98 27.03
CA ALA L 52 -11.81 24.67 27.40
C ALA L 52 -13.33 24.68 27.38
N VAL L 53 -13.90 23.66 26.75
CA VAL L 53 -15.34 23.41 26.81
C VAL L 53 -15.57 22.51 28.03
N ILE L 54 -16.36 22.99 28.99
CA ILE L 54 -16.53 22.26 30.26
C ILE L 54 -17.96 21.78 30.39
N LYS L 55 -18.10 20.55 30.88
CA LYS L 55 -19.38 19.84 30.89
C LYS L 55 -19.66 19.25 32.27
N PRO L 56 -20.91 19.29 32.72
CA PRO L 56 -21.24 18.71 34.03
C PRO L 56 -21.36 17.20 33.93
N SER L 57 -20.96 16.53 35.02
CA SER L 57 -20.89 15.08 34.97
C SER L 57 -20.92 14.49 36.39
N LYS L 58 -21.08 13.16 36.42
CA LYS L 58 -20.91 12.35 37.62
C LYS L 58 -20.07 11.13 37.24
N THR L 59 -19.02 10.89 38.00
CA THR L 59 -18.17 9.73 37.78
C THR L 59 -18.60 8.60 38.71
N VAL L 60 -18.82 7.43 38.12
CA VAL L 60 -19.27 6.24 38.85
C VAL L 60 -18.09 5.30 39.01
N TYR L 61 -17.73 5.02 40.26
CA TYR L 61 -16.76 3.99 40.59
C TYR L 61 -17.21 3.31 41.88
N ASN L 62 -16.30 2.58 42.52
CA ASN L 62 -16.67 1.68 43.61
C ASN L 62 -17.02 2.44 44.89
N GLN L 63 -18.15 2.08 45.51
CA GLN L 63 -18.55 2.72 46.77
C GLN L 63 -17.52 2.51 47.86
N GLU L 64 -16.78 1.41 47.81
CA GLU L 64 -15.75 1.10 48.80
C GLU L 64 -14.43 1.81 48.51
N TRP L 65 -14.36 2.64 47.47
CA TRP L 65 -13.19 3.45 47.21
C TRP L 65 -13.45 4.93 47.48
N GLY L 66 -14.66 5.28 47.91
CA GLY L 66 -14.99 6.64 48.26
C GLY L 66 -16.04 7.27 47.37
N CYS L 67 -16.80 6.46 46.63
CA CYS L 67 -17.73 7.00 45.66
C CYS L 67 -19.13 7.10 46.25
N PRO L 68 -19.74 8.30 46.26
CA PRO L 68 -21.15 8.40 46.64
C PRO L 68 -22.00 7.47 45.80
N GLU L 69 -23.13 7.04 46.37
CA GLU L 69 -24.05 6.18 45.64
C GLU L 69 -24.56 6.89 44.41
N ASN L 70 -24.41 6.24 43.25
CA ASN L 70 -24.80 6.69 41.92
C ASN L 70 -23.79 7.68 41.32
N GLY L 71 -22.63 7.87 41.94
CA GLY L 71 -21.58 8.66 41.33
C GLY L 71 -21.18 9.94 42.03
N GLU L 72 -19.93 10.35 41.84
CA GLU L 72 -19.37 11.56 42.42
C GLU L 72 -19.45 12.72 41.42
N GLU L 73 -19.94 13.86 41.87
CA GLU L 73 -20.11 15.02 41.00
C GLU L 73 -18.77 15.49 40.44
N THR L 74 -18.69 15.64 39.12
CA THR L 74 -17.44 15.93 38.41
C THR L 74 -17.68 16.86 37.23
N VAL L 75 -16.59 17.28 36.60
CA VAL L 75 -16.62 18.20 35.48
C VAL L 75 -15.59 17.75 34.44
N VAL L 76 -15.97 17.77 33.17
CA VAL L 76 -15.11 17.37 32.06
C VAL L 76 -14.69 18.61 31.27
N LEU L 77 -13.39 18.80 31.11
CA LEU L 77 -12.81 19.89 30.35
C LEU L 77 -12.18 19.35 29.09
N THR L 78 -12.55 19.92 27.93
CA THR L 78 -12.10 19.45 26.62
C THR L 78 -11.79 20.64 25.72
N GLY L 79 -10.71 20.55 24.95
CA GLY L 79 -10.34 21.66 24.09
C GLY L 79 -9.41 21.24 22.99
N VAL L 80 -9.54 21.89 21.84
CA VAL L 80 -8.75 21.57 20.67
C VAL L 80 -7.59 22.55 20.57
N ALA L 81 -6.49 22.12 19.96
CA ALA L 81 -5.38 23.01 19.63
C ALA L 81 -5.60 23.50 18.21
N ASN L 82 -6.03 24.76 18.07
CA ASN L 82 -6.42 25.30 16.77
C ASN L 82 -5.17 25.82 16.07
N GLU L 83 -4.86 25.27 14.89
CA GLU L 83 -3.63 25.60 14.18
C GLU L 83 -3.54 27.07 13.81
N GLU L 84 -4.68 27.75 13.67
CA GLU L 84 -4.64 29.19 13.40
C GLU L 84 -4.03 29.96 14.56
N PHE L 85 -4.25 29.50 15.80
CA PHE L 85 -3.75 30.16 17.00
C PHE L 85 -2.46 29.56 17.53
N VAL L 86 -2.31 28.24 17.40
CA VAL L 86 -1.21 27.50 18.02
C VAL L 86 -0.15 27.26 16.96
N ASP L 87 1.03 27.83 17.16
CA ASP L 87 2.12 27.68 16.20
C ASP L 87 2.93 26.41 16.44
N ASP L 88 2.98 25.92 17.68
CA ASP L 88 3.77 24.73 18.02
C ASP L 88 2.95 23.80 18.91
N ILE L 89 2.60 22.63 18.38
CA ILE L 89 1.71 21.71 19.08
C ILE L 89 2.35 21.17 20.36
N GLU L 90 3.68 21.05 20.40
CA GLU L 90 4.33 20.48 21.58
C GLU L 90 4.30 21.46 22.76
N LYS L 91 4.56 22.74 22.51
CA LYS L 91 4.40 23.73 23.57
C LYS L 91 2.96 23.73 24.06
N TRP L 92 1.99 23.69 23.14
CA TRP L 92 0.60 23.60 23.54
C TRP L 92 0.36 22.39 24.42
N LYS L 93 0.85 21.22 24.00
CA LYS L 93 0.68 20.02 24.80
C LYS L 93 1.30 20.18 26.18
N ASP L 94 2.52 20.73 26.24
CA ASP L 94 3.15 20.96 27.55
C ASP L 94 2.34 21.94 28.38
N THR L 95 1.77 22.97 27.75
CA THR L 95 0.96 23.94 28.48
C THR L 95 -0.28 23.28 29.08
N VAL L 96 -0.91 22.37 28.33
CA VAL L 96 -2.12 21.72 28.84
C VAL L 96 -1.80 20.89 30.08
N ILE L 97 -0.64 20.24 30.08
CA ILE L 97 -0.25 19.43 31.24
C ILE L 97 0.00 20.31 32.45
N LYS L 98 0.69 21.43 32.27
CA LYS L 98 0.86 22.40 33.35
C LYS L 98 -0.47 22.78 33.98
N LEU L 99 -1.43 23.17 33.13
CA LEU L 99 -2.71 23.68 33.63
C LEU L 99 -3.52 22.58 34.30
N ALA L 100 -3.40 21.34 33.80
CA ALA L 100 -4.08 20.22 34.45
C ALA L 100 -3.56 20.03 35.88
N LYS L 101 -2.23 20.00 36.04
CA LYS L 101 -1.64 19.95 37.37
C LYS L 101 -2.11 21.11 38.22
N GLU L 102 -2.08 22.33 37.66
CA GLU L 102 -2.52 23.50 38.41
C GLU L 102 -3.99 23.37 38.81
N LEU L 103 -4.83 22.85 37.90
CA LEU L 103 -6.23 22.63 38.27
C LEU L 103 -6.36 21.57 39.35
N LYS L 104 -5.49 20.56 39.34
CA LYS L 104 -5.54 19.51 40.35
C LYS L 104 -5.27 20.07 41.74
N ASN L 105 -4.27 20.95 41.87
CA ASN L 105 -3.97 21.58 43.15
C ASN L 105 -5.14 22.43 43.63
N GLN L 106 -5.61 23.35 42.78
CA GLN L 106 -6.60 24.32 43.24
C GLN L 106 -7.95 23.67 43.49
N MET L 107 -8.27 22.56 42.82
CA MET L 107 -9.47 21.81 43.17
C MET L 107 -9.24 20.85 44.34
N LYS L 108 -8.01 20.78 44.86
CA LYS L 108 -7.63 19.85 45.93
C LYS L 108 -7.98 18.42 45.53
N GLN L 109 -7.26 17.94 44.51
CA GLN L 109 -7.50 16.65 43.88
C GLN L 109 -6.31 15.73 44.10
N SER L 110 -6.57 14.54 44.63
CA SER L 110 -5.52 13.54 44.76
C SER L 110 -5.13 12.97 43.40
N THR L 111 -6.11 12.72 42.52
CA THR L 111 -5.85 12.14 41.20
C THR L 111 -6.66 12.89 40.15
N LEU L 112 -6.12 12.91 38.92
CA LEU L 112 -6.74 13.59 37.80
C LEU L 112 -6.21 13.02 36.50
N THR L 113 -7.11 12.75 35.55
CA THR L 113 -6.74 12.27 34.22
C THR L 113 -6.70 13.43 33.25
N CYS L 114 -5.73 13.39 32.34
CA CYS L 114 -5.61 14.34 31.23
C CYS L 114 -5.21 13.52 30.01
N GLU L 115 -6.10 13.43 29.03
CA GLU L 115 -5.88 12.63 27.83
C GLU L 115 -5.71 13.52 26.60
N PHE L 116 -4.96 13.03 25.63
CA PHE L 116 -4.82 13.67 24.33
C PHE L 116 -5.30 12.72 23.24
N ILE L 117 -6.08 13.27 22.31
CA ILE L 117 -6.71 12.51 21.23
C ILE L 117 -6.44 13.22 19.92
N GLU L 118 -6.05 12.47 18.89
CA GLU L 118 -5.84 13.04 17.57
C GLU L 118 -7.17 13.42 16.94
N THR L 119 -7.22 14.59 16.30
CA THR L 119 -8.47 15.08 15.75
C THR L 119 -8.16 15.88 14.50
N GLU L 120 -9.11 15.87 13.56
CA GLU L 120 -9.04 16.68 12.36
C GLU L 120 -10.01 17.83 12.52
N LEU L 121 -9.48 19.07 12.59
CA LEU L 121 -10.26 20.24 12.96
C LEU L 121 -10.61 21.04 11.71
N HIS L 122 -11.90 21.28 11.51
CA HIS L 122 -12.41 22.23 10.54
C HIS L 122 -12.92 23.44 11.31
N TYR L 123 -12.39 24.62 10.99
CA TYR L 123 -12.67 25.85 11.71
C TYR L 123 -13.36 26.81 10.76
N PHE L 124 -14.60 27.20 11.08
CA PHE L 124 -15.39 28.05 10.20
C PHE L 124 -15.50 29.44 10.80
N LYS L 125 -15.19 30.45 10.00
CA LYS L 125 -15.18 31.85 10.47
C LYS L 125 -15.79 32.81 9.44
#